data_7FJL
#
_entry.id   7FJL
#
_cell.length_a   178.248
_cell.length_b   121.375
_cell.length_c   161.533
_cell.angle_alpha   90.000
_cell.angle_beta   100.950
_cell.angle_gamma   90.000
#
_symmetry.space_group_name_H-M   'C 1 2 1'
#
loop_
_entity.id
_entity.type
_entity.pdbx_description
1 polymer 'Rieske (2Fe-2S) domain protein'
2 non-polymer 'FE (II) ION'
3 non-polymer 'FE2/S2 (INORGANIC) CLUSTER'
4 non-polymer 'L(+)-TARTARIC ACID'
5 non-polymer 'S,R MESO-TARTARIC ACID'
6 non-polymer 1,2-ETHANEDIOL
7 water water
#
_entity_poly.entity_id   1
_entity_poly.type   'polypeptide(L)'
_entity_poly.pdbx_seq_one_letter_code
;MMTHEENELLCRVEGDAPMGRLMRRHWTPICLVEEVGEPDGTPVKARAFGEDLVVFRDSEGRVGVMDEYCPHRRASLVYG
RNEEGGLRCLYHGWKMDVDGNVLEMASEPAASGMVDKVKHTAYPTQEWAGMVWAYMGPKETMPEFLPPAWAPTADTRVSI
AKVLLPCNWAQILEGAIDSAHSSSLHSSDMVPARVDGAKATDKTWLRPSTDKAPRMQVQRTGYGFRYAALRRPLSNAAEN
DYVRSTVFVAPATALIPPNNLYNVANINVPMDDTNTAFYFIAWGHPSQTPETETWRKFLRQTVGVDLDQNYRPLRNEANK
FWQDRNAMKAGNFTGITGFPNQDVAMWLTMGPIADRTHDRLGASDLAIVEFRKQMLDAVKAFEQGAPAIGTGVEAATPTV
CSFQAIVPKTTDWRTYDAHYVWLDGQDRPEFEPSYSVKS
;
_entity_poly.pdbx_strand_id   A,B,C,D,E,F
#
# COMPACT_ATOMS: atom_id res chain seq x y z
N MET A 1 -17.07 -44.90 -11.04
CA MET A 1 -17.10 -43.48 -11.53
C MET A 1 -18.39 -42.82 -11.03
N MET A 2 -18.25 -41.72 -10.26
CA MET A 2 -19.40 -40.96 -9.82
C MET A 2 -20.02 -40.21 -11.00
N THR A 3 -21.35 -40.01 -10.95
CA THR A 3 -22.01 -39.13 -11.89
C THR A 3 -22.03 -37.69 -11.40
N HIS A 4 -22.31 -36.75 -12.31
CA HIS A 4 -22.45 -35.35 -11.98
CA HIS A 4 -22.47 -35.35 -11.98
C HIS A 4 -23.53 -35.19 -10.89
N GLU A 5 -24.64 -35.89 -11.07
CA GLU A 5 -25.75 -35.83 -10.12
C GLU A 5 -25.31 -36.40 -8.78
N GLU A 6 -24.45 -37.41 -8.77
CA GLU A 6 -24.05 -37.92 -7.47
C GLU A 6 -23.14 -36.90 -6.75
N ASN A 7 -22.26 -36.23 -7.52
CA ASN A 7 -21.37 -35.19 -7.02
C ASN A 7 -22.19 -34.08 -6.36
N GLU A 8 -23.23 -33.63 -7.04
CA GLU A 8 -24.07 -32.54 -6.58
C GLU A 8 -24.75 -32.97 -5.29
N LEU A 9 -25.26 -34.19 -5.26
CA LEU A 9 -25.91 -34.73 -4.08
C LEU A 9 -24.96 -34.82 -2.88
N LEU A 10 -23.72 -35.29 -3.11
CA LEU A 10 -22.72 -35.43 -2.04
C LEU A 10 -22.39 -34.03 -1.49
N CYS A 11 -22.37 -33.00 -2.33
CA CYS A 11 -21.58 -31.82 -1.98
C CYS A 11 -22.45 -30.63 -1.59
N ARG A 12 -23.61 -30.49 -2.24
CA ARG A 12 -24.36 -29.25 -2.03
C ARG A 12 -25.11 -29.25 -0.72
N VAL A 13 -25.07 -28.09 -0.07
CA VAL A 13 -25.69 -28.07 1.25
C VAL A 13 -26.64 -26.90 1.38
N GLU A 14 -26.71 -26.02 0.39
CA GLU A 14 -27.46 -24.81 0.65
C GLU A 14 -28.94 -25.17 0.68
N GLY A 15 -29.60 -24.70 1.77
CA GLY A 15 -31.06 -24.62 1.97
C GLY A 15 -31.77 -25.97 1.94
N ASP A 16 -32.41 -26.25 0.81
CA ASP A 16 -33.12 -27.50 0.61
C ASP A 16 -32.21 -28.73 0.56
N ALA A 17 -30.98 -28.58 0.02
CA ALA A 17 -30.16 -29.69 -0.40
C ALA A 17 -30.17 -30.79 0.66
N PRO A 18 -30.43 -32.07 0.30
CA PRO A 18 -30.48 -33.16 1.27
C PRO A 18 -29.25 -33.33 2.16
N MET A 19 -28.04 -33.07 1.62
CA MET A 19 -26.87 -33.26 2.48
C MET A 19 -26.88 -32.22 3.62
N GLY A 20 -27.29 -30.99 3.25
CA GLY A 20 -27.53 -29.93 4.21
C GLY A 20 -28.50 -30.35 5.31
N ARG A 21 -29.62 -30.98 4.88
CA ARG A 21 -30.58 -31.45 5.87
C ARG A 21 -29.93 -32.53 6.77
N LEU A 22 -29.17 -33.44 6.17
CA LEU A 22 -28.54 -34.53 6.91
C LEU A 22 -27.57 -33.97 7.96
N MET A 23 -26.69 -33.08 7.50
CA MET A 23 -25.67 -32.49 8.36
C MET A 23 -26.29 -31.75 9.52
N ARG A 24 -27.45 -31.12 9.30
CA ARG A 24 -28.07 -30.32 10.33
C ARG A 24 -28.72 -31.21 11.41
N ARG A 25 -28.62 -32.54 11.29
CA ARG A 25 -29.07 -33.40 12.36
C ARG A 25 -27.94 -33.60 13.40
N HIS A 26 -26.75 -33.02 13.16
CA HIS A 26 -25.67 -33.05 14.12
C HIS A 26 -25.47 -31.65 14.67
N TRP A 27 -25.12 -31.54 15.96
CA TRP A 27 -24.60 -30.27 16.50
C TRP A 27 -23.42 -29.81 15.66
N THR A 28 -23.37 -28.52 15.31
CA THR A 28 -22.39 -27.95 14.41
C THR A 28 -21.64 -26.78 15.08
N PRO A 29 -20.28 -26.82 15.04
CA PRO A 29 -19.46 -25.64 15.28
C PRO A 29 -19.85 -24.50 14.33
N ILE A 30 -20.07 -23.32 14.91
CA ILE A 30 -20.42 -22.09 14.18
C ILE A 30 -19.22 -21.13 14.20
N CYS A 31 -18.56 -21.02 15.35
CA CYS A 31 -17.43 -20.12 15.43
C CYS A 31 -16.57 -20.50 16.62
N LEU A 32 -15.43 -19.82 16.83
CA LEU A 32 -14.63 -20.05 18.03
C LEU A 32 -15.15 -19.19 19.18
N VAL A 33 -15.10 -19.75 20.41
CA VAL A 33 -15.29 -19.00 21.64
C VAL A 33 -14.51 -17.67 21.58
N GLU A 34 -13.27 -17.74 21.12
CA GLU A 34 -12.45 -16.56 21.30
C GLU A 34 -13.02 -15.42 20.44
N GLU A 35 -13.88 -15.71 19.44
CA GLU A 35 -14.39 -14.64 18.61
C GLU A 35 -15.50 -13.87 19.34
N VAL A 36 -16.22 -14.51 20.28
CA VAL A 36 -17.41 -13.87 20.86
C VAL A 36 -17.10 -12.95 22.04
N GLY A 37 -15.87 -13.05 22.54
CA GLY A 37 -15.43 -12.06 23.53
C GLY A 37 -16.15 -12.32 24.84
N GLU A 38 -16.21 -11.27 25.65
CA GLU A 38 -16.79 -11.25 26.96
C GLU A 38 -18.29 -10.96 26.82
N PRO A 39 -19.06 -11.07 27.91
CA PRO A 39 -20.45 -10.59 27.92
C PRO A 39 -20.60 -9.19 27.33
N ASP A 40 -21.66 -8.95 26.57
CA ASP A 40 -21.80 -7.70 25.84
C ASP A 40 -20.70 -7.50 24.78
N GLY A 41 -20.04 -8.58 24.35
CA GLY A 41 -18.97 -8.43 23.35
C GLY A 41 -19.50 -8.03 21.96
N THR A 42 -18.56 -7.66 21.11
CA THR A 42 -18.82 -7.41 19.70
C THR A 42 -19.54 -8.59 19.07
N PRO A 43 -20.66 -8.36 18.38
CA PRO A 43 -21.34 -9.39 17.60
C PRO A 43 -20.44 -9.94 16.51
N VAL A 44 -20.58 -11.25 16.20
CA VAL A 44 -19.67 -11.96 15.33
C VAL A 44 -20.49 -12.39 14.11
N LYS A 45 -19.92 -12.32 12.92
CA LYS A 45 -20.65 -12.77 11.74
C LYS A 45 -20.19 -14.20 11.46
N ALA A 46 -21.14 -15.08 11.15
CA ALA A 46 -20.77 -16.47 10.88
C ALA A 46 -21.66 -16.94 9.74
N ARG A 47 -21.40 -18.13 9.18
CA ARG A 47 -22.19 -18.61 8.05
C ARG A 47 -22.07 -20.13 8.08
N ALA A 48 -23.21 -20.84 8.11
CA ALA A 48 -23.29 -22.28 8.07
C ALA A 48 -24.44 -22.69 7.13
N PHE A 49 -24.16 -23.65 6.24
CA PHE A 49 -25.15 -24.25 5.39
C PHE A 49 -25.90 -23.17 4.63
N GLY A 50 -25.23 -22.07 4.27
CA GLY A 50 -25.84 -21.07 3.43
C GLY A 50 -26.64 -20.03 4.21
N GLU A 51 -26.65 -20.08 5.57
CA GLU A 51 -27.33 -18.99 6.25
C GLU A 51 -26.30 -18.09 6.92
N ASP A 52 -26.54 -16.78 6.80
CA ASP A 52 -25.74 -15.82 7.51
C ASP A 52 -26.23 -15.74 8.94
N LEU A 53 -25.32 -15.77 9.91
CA LEU A 53 -25.73 -15.80 11.30
C LEU A 53 -25.04 -14.66 12.07
N VAL A 54 -25.66 -14.24 13.16
CA VAL A 54 -24.92 -13.38 14.07
C VAL A 54 -24.73 -14.22 15.35
N VAL A 55 -23.62 -14.04 16.03
CA VAL A 55 -23.33 -14.76 17.25
C VAL A 55 -22.89 -13.66 18.22
N PHE A 56 -23.36 -13.73 19.44
CA PHE A 56 -23.05 -12.74 20.45
C PHE A 56 -23.12 -13.44 21.81
N ARG A 57 -22.40 -12.87 22.78
CA ARG A 57 -22.55 -13.33 24.14
C ARG A 57 -23.29 -12.23 24.92
N ASP A 58 -24.45 -12.52 25.55
CA ASP A 58 -25.21 -11.45 26.19
C ASP A 58 -24.67 -11.13 27.59
N SER A 59 -25.36 -10.24 28.30
CA SER A 59 -24.84 -9.69 29.53
C SER A 59 -24.67 -10.82 30.56
N GLU A 60 -25.41 -11.91 30.38
CA GLU A 60 -25.39 -12.90 31.45
C GLU A 60 -24.40 -13.98 31.05
N GLY A 61 -23.69 -13.78 29.94
CA GLY A 61 -22.71 -14.79 29.57
C GLY A 61 -23.26 -15.82 28.56
N ARG A 62 -24.55 -15.78 28.22
CA ARG A 62 -25.00 -16.81 27.28
C ARG A 62 -24.73 -16.37 25.85
N VAL A 63 -24.56 -17.35 24.97
CA VAL A 63 -24.21 -17.17 23.58
C VAL A 63 -25.45 -17.40 22.74
N GLY A 64 -25.68 -16.50 21.79
CA GLY A 64 -26.76 -16.67 20.84
C GLY A 64 -26.16 -16.90 19.47
N VAL A 65 -26.79 -17.79 18.69
CA VAL A 65 -26.57 -17.88 17.26
C VAL A 65 -27.92 -17.68 16.58
N MET A 66 -28.03 -16.63 15.75
CA MET A 66 -29.34 -16.29 15.17
C MET A 66 -29.15 -15.91 13.71
N ASP A 67 -30.26 -15.89 12.95
CA ASP A 67 -30.23 -15.35 11.61
C ASP A 67 -29.64 -13.95 11.70
N GLU A 68 -28.68 -13.66 10.84
CA GLU A 68 -28.00 -12.37 10.87
C GLU A 68 -29.00 -11.22 10.67
N TYR A 69 -30.05 -11.41 9.86
CA TYR A 69 -30.85 -10.26 9.43
C TYR A 69 -32.01 -9.98 10.39
N CYS A 70 -32.15 -8.71 10.79
CA CYS A 70 -33.24 -8.27 11.67
C CYS A 70 -34.60 -8.77 11.15
N PRO A 71 -35.45 -9.34 12.03
CA PRO A 71 -36.79 -9.79 11.64
C PRO A 71 -37.69 -8.66 11.14
N HIS A 72 -37.31 -7.40 11.36
CA HIS A 72 -38.09 -6.27 10.92
C HIS A 72 -37.90 -5.97 9.42
N ARG A 73 -36.86 -5.23 9.04
CA ARG A 73 -36.56 -4.92 7.63
C ARG A 73 -35.22 -5.55 7.16
N ARG A 74 -34.65 -6.49 7.93
CA ARG A 74 -33.57 -7.35 7.44
C ARG A 74 -32.23 -6.60 7.38
N ALA A 75 -32.05 -5.55 8.19
CA ALA A 75 -30.72 -4.95 8.31
C ALA A 75 -29.84 -5.96 9.05
N SER A 76 -28.52 -5.83 8.98
CA SER A 76 -27.70 -6.83 9.64
C SER A 76 -27.58 -6.55 11.15
N LEU A 77 -27.84 -7.58 11.95
CA LEU A 77 -27.76 -7.48 13.40
C LEU A 77 -26.29 -7.52 13.86
N VAL A 78 -25.36 -7.89 12.94
CA VAL A 78 -23.95 -7.81 13.30
C VAL A 78 -23.60 -6.38 13.75
N TYR A 79 -24.31 -5.34 13.23
CA TYR A 79 -24.00 -3.97 13.59
C TYR A 79 -24.68 -3.57 14.89
N GLY A 80 -25.56 -4.41 15.46
CA GLY A 80 -26.38 -3.96 16.59
C GLY A 80 -25.61 -3.83 17.91
N ARG A 81 -26.34 -3.34 18.94
CA ARG A 81 -25.81 -3.14 20.27
C ARG A 81 -26.07 -4.38 21.13
N ASN A 82 -25.00 -4.93 21.71
CA ASN A 82 -25.05 -6.12 22.53
C ASN A 82 -24.93 -5.67 23.99
N GLU A 83 -26.07 -5.59 24.69
CA GLU A 83 -26.06 -4.98 26.01
C GLU A 83 -27.44 -5.21 26.62
N GLU A 84 -27.49 -5.24 27.96
CA GLU A 84 -28.76 -5.33 28.68
C GLU A 84 -29.55 -6.58 28.31
N GLY A 85 -28.86 -7.74 28.25
CA GLY A 85 -29.49 -9.02 27.96
C GLY A 85 -30.02 -9.17 26.53
N GLY A 86 -29.41 -8.51 25.54
CA GLY A 86 -29.93 -8.64 24.20
C GLY A 86 -29.05 -7.95 23.17
N LEU A 87 -29.50 -8.07 21.91
CA LEU A 87 -28.84 -7.53 20.73
C LEU A 87 -29.91 -6.66 20.09
N ARG A 88 -29.64 -5.37 19.95
CA ARG A 88 -30.65 -4.48 19.43
C ARG A 88 -30.21 -3.96 18.07
N CYS A 89 -31.10 -4.08 17.09
CA CYS A 89 -30.84 -3.61 15.75
C CYS A 89 -30.73 -2.09 15.77
N LEU A 90 -29.78 -1.56 15.00
CA LEU A 90 -29.48 -0.15 15.06
C LEU A 90 -30.64 0.61 14.44
N TYR A 91 -31.44 -0.04 13.60
CA TYR A 91 -32.28 0.73 12.69
C TYR A 91 -33.49 1.31 13.44
N HIS A 92 -34.32 0.44 14.02
CA HIS A 92 -35.55 0.88 14.67
C HIS A 92 -35.56 0.31 16.07
N GLY A 93 -34.39 -0.17 16.51
CA GLY A 93 -34.23 -0.54 17.90
C GLY A 93 -35.04 -1.75 18.33
N TRP A 94 -35.27 -2.72 17.43
CA TRP A 94 -35.77 -4.01 17.86
C TRP A 94 -34.67 -4.77 18.59
N LYS A 95 -34.98 -5.34 19.75
CA LYS A 95 -33.96 -5.96 20.58
C LYS A 95 -34.34 -7.41 20.79
N MET A 96 -33.39 -8.32 20.52
CA MET A 96 -33.65 -9.74 20.58
C MET A 96 -32.79 -10.36 21.67
N ASP A 97 -33.31 -11.39 22.34
CA ASP A 97 -32.50 -12.13 23.30
C ASP A 97 -31.88 -13.35 22.59
N VAL A 98 -31.02 -14.10 23.30
CA VAL A 98 -30.30 -15.17 22.65
C VAL A 98 -31.29 -16.24 22.19
N ASP A 99 -32.55 -16.22 22.69
CA ASP A 99 -33.53 -17.20 22.24
C ASP A 99 -34.27 -16.70 21.00
N GLY A 100 -34.06 -15.43 20.65
CA GLY A 100 -34.74 -14.92 19.48
C GLY A 100 -36.08 -14.25 19.78
N ASN A 101 -36.42 -14.16 21.07
CA ASN A 101 -37.61 -13.43 21.51
C ASN A 101 -37.32 -11.95 21.31
N VAL A 102 -38.29 -11.25 20.75
CA VAL A 102 -38.17 -9.80 20.65
C VAL A 102 -38.56 -9.20 22.00
N LEU A 103 -37.59 -8.62 22.72
CA LEU A 103 -37.80 -8.06 24.04
C LEU A 103 -38.46 -6.68 23.93
N GLU A 104 -38.19 -5.95 22.84
CA GLU A 104 -38.62 -4.57 22.77
C GLU A 104 -38.62 -4.16 21.29
N MET A 105 -39.56 -3.29 20.92
CA MET A 105 -39.48 -2.61 19.63
C MET A 105 -39.56 -1.13 19.95
N ALA A 106 -38.49 -0.38 19.60
CA ALA A 106 -38.33 0.96 20.12
C ALA A 106 -39.49 1.87 19.71
N SER A 107 -40.11 1.56 18.57
CA SER A 107 -40.99 2.50 17.91
C SER A 107 -42.36 1.86 17.78
N GLU A 108 -42.60 0.80 18.54
CA GLU A 108 -43.89 0.17 18.35
C GLU A 108 -44.71 0.43 19.61
N PRO A 109 -46.00 0.86 19.49
CA PRO A 109 -46.78 1.29 20.65
C PRO A 109 -46.74 0.17 21.71
N ALA A 110 -46.36 0.51 22.95
CA ALA A 110 -46.00 -0.47 23.97
C ALA A 110 -46.80 -1.77 23.84
N ALA A 111 -48.14 -1.66 23.88
CA ALA A 111 -49.05 -2.78 23.66
C ALA A 111 -49.54 -2.82 22.22
N SER A 112 -48.60 -2.68 21.29
CA SER A 112 -48.71 -3.25 19.96
C SER A 112 -48.60 -4.76 20.14
N GLY A 113 -49.64 -5.49 19.70
CA GLY A 113 -49.73 -6.92 19.93
C GLY A 113 -48.60 -7.73 19.31
N MET A 114 -47.56 -7.03 18.79
CA MET A 114 -46.55 -7.56 17.89
C MET A 114 -45.27 -7.99 18.64
N VAL A 115 -45.02 -7.41 19.83
CA VAL A 115 -43.77 -7.55 20.57
C VAL A 115 -43.49 -9.02 20.86
N ASP A 116 -44.33 -9.65 21.70
CA ASP A 116 -44.07 -11.00 22.21
C ASP A 116 -44.77 -12.04 21.34
N LYS A 117 -44.70 -11.81 20.02
CA LYS A 117 -45.33 -12.61 18.99
C LYS A 117 -44.37 -12.77 17.83
N VAL A 118 -43.55 -11.74 17.57
CA VAL A 118 -42.39 -11.96 16.70
C VAL A 118 -41.33 -12.74 17.47
N LYS A 119 -40.98 -13.85 16.81
CA LYS A 119 -39.83 -14.62 17.24
C LYS A 119 -38.85 -14.64 16.09
N HIS A 120 -37.60 -14.26 16.39
CA HIS A 120 -36.55 -14.31 15.38
C HIS A 120 -35.90 -15.70 15.35
N THR A 121 -35.56 -16.21 14.15
CA THR A 121 -34.90 -17.51 14.09
C THR A 121 -33.61 -17.50 14.90
N ALA A 122 -33.51 -18.35 15.91
CA ALA A 122 -32.37 -18.43 16.80
C ALA A 122 -32.25 -19.90 17.19
N TYR A 123 -31.01 -20.40 17.22
CA TYR A 123 -30.77 -21.82 17.38
C TYR A 123 -30.32 -22.13 18.79
N PRO A 124 -30.53 -23.36 19.31
CA PRO A 124 -29.97 -23.77 20.60
C PRO A 124 -28.45 -23.80 20.45
N THR A 125 -27.73 -23.40 21.49
CA THR A 125 -26.31 -23.31 21.32
C THR A 125 -25.64 -24.05 22.47
N GLN A 126 -24.35 -24.36 22.33
CA GLN A 126 -23.56 -24.95 23.40
C GLN A 126 -22.13 -24.45 23.21
N GLU A 127 -21.42 -24.23 24.31
CA GLU A 127 -20.03 -23.88 24.21
C GLU A 127 -19.27 -25.11 24.66
N TRP A 128 -18.33 -25.56 23.86
CA TRP A 128 -17.53 -26.68 24.31
C TRP A 128 -16.27 -26.72 23.47
N ALA A 129 -15.15 -27.01 24.13
CA ALA A 129 -13.84 -27.30 23.53
C ALA A 129 -13.40 -26.11 22.69
N GLY A 130 -13.73 -24.88 23.17
CA GLY A 130 -13.29 -23.60 22.59
C GLY A 130 -14.08 -23.20 21.33
N MET A 131 -15.17 -23.93 21.04
CA MET A 131 -16.10 -23.61 19.96
C MET A 131 -17.48 -23.27 20.49
N VAL A 132 -18.16 -22.43 19.72
CA VAL A 132 -19.61 -22.27 19.79
C VAL A 132 -20.22 -23.24 18.77
N TRP A 133 -21.12 -24.09 19.31
CA TRP A 133 -21.93 -25.03 18.54
C TRP A 133 -23.38 -24.57 18.50
N ALA A 134 -24.06 -24.94 17.41
CA ALA A 134 -25.51 -24.74 17.33
C ALA A 134 -26.18 -25.98 16.77
N TYR A 135 -27.45 -26.13 17.18
CA TYR A 135 -28.30 -27.15 16.59
C TYR A 135 -29.21 -26.52 15.55
N MET A 136 -28.90 -26.79 14.28
CA MET A 136 -29.56 -26.06 13.21
C MET A 136 -30.60 -26.92 12.50
N GLY A 137 -30.92 -28.09 13.10
CA GLY A 137 -31.90 -28.95 12.48
C GLY A 137 -33.28 -28.61 12.99
N PRO A 138 -34.36 -29.36 12.65
CA PRO A 138 -35.67 -29.14 13.28
C PRO A 138 -35.56 -29.38 14.78
N LYS A 139 -36.16 -28.46 15.55
CA LYS A 139 -35.91 -28.30 16.97
C LYS A 139 -36.27 -29.56 17.75
N GLU A 140 -37.33 -30.24 17.29
CA GLU A 140 -37.75 -31.44 17.97
C GLU A 140 -36.77 -32.58 17.67
N THR A 141 -35.84 -32.40 16.70
CA THR A 141 -34.83 -33.45 16.52
C THR A 141 -33.53 -33.24 17.34
N MET A 142 -33.49 -32.20 18.16
CA MET A 142 -32.25 -31.80 18.80
C MET A 142 -31.86 -32.85 19.83
N PRO A 143 -30.66 -33.47 19.77
CA PRO A 143 -30.27 -34.40 20.85
C PRO A 143 -29.50 -33.69 21.94
N GLU A 144 -29.43 -34.30 23.11
CA GLU A 144 -28.54 -33.83 24.16
C GLU A 144 -27.11 -33.66 23.63
N PHE A 145 -26.40 -32.62 24.12
CA PHE A 145 -25.08 -32.42 23.55
C PHE A 145 -24.08 -33.27 24.33
N LEU A 146 -23.30 -34.11 23.63
CA LEU A 146 -22.35 -35.03 24.25
C LEU A 146 -20.94 -34.65 23.82
N PRO A 147 -19.88 -35.04 24.57
CA PRO A 147 -18.52 -34.70 24.16
C PRO A 147 -18.18 -35.27 22.79
N PRO A 148 -17.60 -34.47 21.88
CA PRO A 148 -17.01 -35.01 20.64
C PRO A 148 -15.90 -35.99 21.02
N ALA A 149 -15.59 -36.90 20.10
CA ALA A 149 -14.51 -37.88 20.22
C ALA A 149 -13.20 -37.20 20.60
N TRP A 150 -13.02 -35.97 20.11
CA TRP A 150 -11.75 -35.29 20.21
C TRP A 150 -11.76 -34.24 21.31
N ALA A 151 -12.78 -34.29 22.17
CA ALA A 151 -12.79 -33.35 23.27
C ALA A 151 -13.54 -33.99 24.45
N PRO A 152 -13.01 -35.09 25.02
CA PRO A 152 -13.78 -35.96 25.89
C PRO A 152 -14.22 -35.28 27.17
N THR A 153 -13.44 -34.32 27.68
CA THR A 153 -13.63 -33.83 29.05
C THR A 153 -13.14 -32.37 29.23
N ALA A 154 -13.72 -31.68 30.23
CA ALA A 154 -13.40 -30.30 30.56
C ALA A 154 -11.91 -30.07 30.88
N ASP A 155 -11.17 -31.13 31.30
CA ASP A 155 -9.75 -31.08 31.64
C ASP A 155 -8.87 -31.29 30.39
N THR A 156 -9.46 -31.50 29.22
CA THR A 156 -8.66 -31.74 28.04
C THR A 156 -8.19 -30.42 27.46
N ARG A 157 -6.91 -30.28 27.12
CA ARG A 157 -6.56 -29.10 26.33
C ARG A 157 -6.95 -29.35 24.87
N VAL A 158 -7.58 -28.34 24.27
CA VAL A 158 -8.04 -28.33 22.89
C VAL A 158 -7.53 -27.01 22.30
N SER A 159 -6.73 -27.12 21.25
CA SER A 159 -6.13 -25.97 20.60
C SER A 159 -6.51 -25.99 19.13
N ILE A 160 -7.02 -24.85 18.62
CA ILE A 160 -7.72 -24.89 17.36
C ILE A 160 -7.10 -23.88 16.39
N ALA A 161 -6.87 -24.33 15.16
CA ALA A 161 -6.66 -23.41 14.06
C ALA A 161 -7.94 -23.47 13.23
N LYS A 162 -8.53 -22.30 12.95
CA LYS A 162 -9.71 -22.20 12.12
C LYS A 162 -9.29 -21.45 10.85
N VAL A 163 -9.74 -21.95 9.69
CA VAL A 163 -9.38 -21.32 8.45
C VAL A 163 -10.62 -21.40 7.60
N LEU A 164 -11.00 -20.25 7.02
CA LEU A 164 -12.16 -20.26 6.16
C LEU A 164 -11.68 -20.53 4.74
N LEU A 165 -12.12 -21.64 4.13
CA LEU A 165 -11.49 -21.99 2.88
C LEU A 165 -12.50 -21.85 1.76
N PRO A 166 -12.10 -21.31 0.58
CA PRO A 166 -13.06 -21.13 -0.52
C PRO A 166 -13.20 -22.35 -1.43
N CYS A 167 -13.53 -23.47 -0.83
CA CYS A 167 -13.98 -24.62 -1.62
C CYS A 167 -15.00 -25.43 -0.82
N ASN A 168 -15.55 -26.47 -1.49
CA ASN A 168 -16.61 -27.26 -0.93
C ASN A 168 -15.99 -28.17 0.12
N TRP A 169 -16.83 -28.55 1.11
CA TRP A 169 -16.37 -29.29 2.30
C TRP A 169 -15.85 -30.68 1.93
N ALA A 170 -16.41 -31.33 0.89
CA ALA A 170 -16.15 -32.77 0.75
C ALA A 170 -14.70 -33.02 0.29
N GLN A 171 -14.13 -32.13 -0.57
CA GLN A 171 -12.74 -32.33 -0.98
C GLN A 171 -11.72 -32.10 0.16
N ILE A 172 -12.11 -31.26 1.14
CA ILE A 172 -11.29 -31.03 2.33
C ILE A 172 -11.34 -32.26 3.24
N LEU A 173 -12.54 -32.78 3.49
CA LEU A 173 -12.69 -34.02 4.27
C LEU A 173 -11.83 -35.16 3.67
N GLU A 174 -11.90 -35.34 2.34
CA GLU A 174 -11.18 -36.40 1.67
C GLU A 174 -9.67 -36.28 1.92
N GLY A 175 -9.21 -35.04 1.98
CA GLY A 175 -7.81 -34.81 2.27
C GLY A 175 -7.38 -35.39 3.63
N ALA A 176 -8.31 -35.58 4.60
CA ALA A 176 -7.94 -36.16 5.90
C ALA A 176 -8.09 -37.68 5.94
N ILE A 177 -8.58 -38.30 4.86
CA ILE A 177 -8.78 -39.75 4.87
C ILE A 177 -7.96 -40.34 3.73
N ASP A 178 -6.70 -39.90 3.65
CA ASP A 178 -5.88 -40.05 2.47
C ASP A 178 -4.44 -40.22 2.94
N SER A 179 -4.21 -41.20 3.82
CA SER A 179 -2.90 -41.46 4.42
C SER A 179 -1.73 -41.30 3.45
N ALA A 180 -1.90 -41.77 2.22
CA ALA A 180 -0.74 -41.82 1.33
C ALA A 180 -0.21 -40.42 1.02
N HIS A 181 -1.09 -39.40 1.06
CA HIS A 181 -0.73 -38.06 0.64
C HIS A 181 0.47 -37.56 1.47
N SER A 182 0.50 -37.90 2.76
CA SER A 182 1.55 -37.41 3.66
C SER A 182 2.93 -37.78 3.14
N SER A 183 3.06 -39.01 2.61
CA SER A 183 4.36 -39.48 2.17
C SER A 183 4.86 -38.72 0.94
N SER A 184 4.00 -38.01 0.18
CA SER A 184 4.53 -37.15 -0.88
C SER A 184 4.50 -35.69 -0.41
N LEU A 185 3.28 -35.12 -0.42
CA LEU A 185 2.98 -33.72 -0.12
C LEU A 185 3.71 -33.28 1.15
N HIS A 186 3.62 -34.09 2.21
CA HIS A 186 4.13 -33.62 3.49
C HIS A 186 5.51 -34.23 3.77
N SER A 187 6.19 -34.71 2.73
CA SER A 187 7.44 -35.44 2.91
C SER A 187 8.57 -34.57 3.45
N SER A 188 8.49 -33.24 3.29
CA SER A 188 9.51 -32.41 3.95
C SER A 188 9.07 -31.97 5.37
N ASP A 189 7.92 -32.46 5.84
CA ASP A 189 7.35 -32.05 7.10
C ASP A 189 7.28 -33.21 8.12
N MET A 190 8.14 -34.23 7.96
CA MET A 190 7.92 -35.42 8.77
C MET A 190 8.21 -35.14 10.26
N ARG A 207 8.83 -40.53 12.02
CA ARG A 207 8.07 -41.76 11.66
C ARG A 207 8.98 -42.98 11.45
N PRO A 208 8.51 -44.19 11.85
CA PRO A 208 9.24 -45.45 11.65
C PRO A 208 8.95 -46.18 10.34
N SER A 209 8.82 -45.42 9.25
CA SER A 209 8.57 -45.95 7.92
C SER A 209 9.03 -44.92 6.91
N THR A 210 9.48 -45.39 5.73
CA THR A 210 9.65 -44.48 4.60
C THR A 210 8.85 -45.01 3.42
N ASP A 211 7.88 -45.89 3.71
CA ASP A 211 6.97 -46.48 2.75
C ASP A 211 5.94 -45.43 2.27
N LYS A 212 5.88 -45.21 0.95
CA LYS A 212 5.05 -44.19 0.33
C LYS A 212 3.72 -44.76 -0.15
N ALA A 213 3.63 -46.10 -0.22
CA ALA A 213 2.42 -46.73 -0.76
C ALA A 213 1.79 -47.66 0.28
N PRO A 214 1.10 -47.11 1.30
CA PRO A 214 0.46 -47.95 2.32
C PRO A 214 -0.59 -48.86 1.67
N ARG A 215 -0.76 -50.08 2.22
CA ARG A 215 -1.93 -50.92 1.92
C ARG A 215 -3.11 -50.33 2.71
N MET A 216 -4.34 -50.34 2.19
CA MET A 216 -5.44 -49.73 2.93
C MET A 216 -6.50 -50.76 3.36
N GLN A 217 -7.12 -50.64 4.55
CA GLN A 217 -8.28 -51.47 4.87
C GLN A 217 -9.30 -50.60 5.62
N VAL A 218 -10.58 -50.88 5.45
CA VAL A 218 -11.66 -50.10 6.02
C VAL A 218 -12.48 -51.01 6.93
N GLN A 219 -12.99 -50.47 8.04
CA GLN A 219 -14.03 -51.10 8.83
C GLN A 219 -15.20 -50.12 8.99
N ARG A 220 -16.35 -50.45 8.37
CA ARG A 220 -17.51 -49.59 8.42
C ARG A 220 -17.99 -49.61 9.85
N THR A 221 -18.55 -48.51 10.36
CA THR A 221 -19.15 -48.52 11.68
C THR A 221 -20.51 -47.85 11.56
N GLY A 222 -21.25 -47.77 12.67
CA GLY A 222 -22.49 -47.01 12.62
C GLY A 222 -22.33 -45.47 12.63
N TYR A 223 -21.11 -44.88 12.75
CA TYR A 223 -21.03 -43.42 12.82
C TYR A 223 -20.22 -42.91 11.63
N GLY A 224 -19.67 -43.87 10.86
CA GLY A 224 -18.73 -43.58 9.78
C GLY A 224 -17.88 -44.81 9.53
N PHE A 225 -16.54 -44.64 9.58
CA PHE A 225 -15.68 -45.80 9.37
C PHE A 225 -14.32 -45.59 10.04
N ARG A 226 -13.62 -46.67 10.33
CA ARG A 226 -12.23 -46.47 10.65
C ARG A 226 -11.42 -47.05 9.51
N TYR A 227 -10.24 -46.52 9.24
CA TYR A 227 -9.43 -47.18 8.24
C TYR A 227 -8.00 -47.29 8.75
N ALA A 228 -7.25 -48.22 8.17
CA ALA A 228 -5.85 -48.40 8.55
C ALA A 228 -5.00 -48.36 7.28
N ALA A 229 -3.93 -47.56 7.39
CA ALA A 229 -2.88 -47.47 6.40
C ALA A 229 -1.72 -48.31 6.95
N LEU A 230 -1.39 -49.40 6.22
CA LEU A 230 -0.34 -50.34 6.64
C LEU A 230 0.91 -50.14 5.76
N ARG A 231 2.00 -49.74 6.42
CA ARG A 231 3.26 -49.50 5.76
C ARG A 231 4.27 -50.50 6.32
N ARG A 232 5.25 -50.91 5.49
CA ARG A 232 6.43 -51.60 6.00
C ARG A 232 7.19 -50.71 6.99
N PRO A 233 7.43 -51.14 8.24
CA PRO A 233 8.27 -50.38 9.14
C PRO A 233 9.73 -50.41 8.66
N LEU A 234 10.57 -49.64 9.35
CA LEU A 234 11.99 -49.58 9.02
C LEU A 234 12.70 -50.75 9.69
N SER A 235 12.08 -51.40 10.68
CA SER A 235 12.70 -52.62 11.19
C SER A 235 11.69 -53.76 11.30
N ASN A 236 12.17 -54.98 11.06
CA ASN A 236 11.37 -56.20 11.08
C ASN A 236 10.20 -56.09 10.10
N ALA A 237 10.51 -55.59 8.88
CA ALA A 237 9.48 -55.24 7.92
C ALA A 237 8.71 -56.48 7.47
N ALA A 238 9.30 -57.68 7.63
CA ALA A 238 8.63 -58.85 7.08
C ALA A 238 7.71 -59.49 8.11
N GLU A 239 7.71 -58.96 9.35
CA GLU A 239 7.01 -59.53 10.49
C GLU A 239 5.95 -58.56 11.03
N ASN A 240 6.20 -57.25 10.85
CA ASN A 240 5.45 -56.18 11.50
C ASN A 240 5.00 -55.12 10.48
N ASP A 241 3.89 -54.43 10.80
CA ASP A 241 3.39 -53.34 9.97
C ASP A 241 3.38 -52.07 10.81
N TYR A 242 3.64 -50.95 10.13
CA TYR A 242 3.36 -49.67 10.76
C TYR A 242 1.93 -49.31 10.36
N VAL A 243 1.06 -49.23 11.38
CA VAL A 243 -0.37 -48.96 11.23
C VAL A 243 -0.67 -47.54 11.70
N ARG A 244 -1.22 -46.76 10.76
CA ARG A 244 -1.85 -45.49 11.05
C ARG A 244 -3.34 -45.67 10.84
N SER A 245 -4.13 -45.47 11.89
CA SER A 245 -5.57 -45.64 11.79
C SER A 245 -6.24 -44.30 12.02
N THR A 246 -7.05 -43.91 11.02
CA THR A 246 -7.85 -42.70 10.98
C THR A 246 -9.29 -43.11 11.18
N VAL A 247 -10.10 -42.28 11.87
CA VAL A 247 -11.52 -42.61 11.97
C VAL A 247 -12.30 -41.51 11.26
N PHE A 248 -13.18 -41.85 10.31
CA PHE A 248 -14.12 -40.89 9.77
C PHE A 248 -15.39 -40.82 10.62
N VAL A 249 -15.71 -39.65 11.19
CA VAL A 249 -16.95 -39.51 11.95
C VAL A 249 -17.90 -38.64 11.15
N ALA A 250 -18.97 -39.23 10.62
CA ALA A 250 -19.80 -38.47 9.70
C ALA A 250 -20.49 -37.35 10.45
N PRO A 251 -20.81 -36.25 9.74
CA PRO A 251 -20.60 -36.15 8.29
C PRO A 251 -19.24 -35.62 7.80
N ALA A 252 -18.44 -34.97 8.66
CA ALA A 252 -17.34 -34.19 8.08
C ALA A 252 -16.19 -34.01 9.08
N THR A 253 -16.00 -35.03 9.94
CA THR A 253 -14.94 -35.06 10.92
C THR A 253 -13.98 -36.24 10.64
N ALA A 254 -12.66 -35.98 10.80
CA ALA A 254 -11.66 -37.02 10.77
C ALA A 254 -10.86 -36.94 12.07
N LEU A 255 -10.82 -38.06 12.81
CA LEU A 255 -9.79 -38.21 13.85
C LEU A 255 -8.55 -38.77 13.14
N ILE A 256 -7.50 -37.97 13.05
CA ILE A 256 -6.27 -38.23 12.29
C ILE A 256 -5.29 -38.93 13.22
N PRO A 257 -4.29 -39.74 12.76
CA PRO A 257 -3.43 -40.44 13.72
C PRO A 257 -2.77 -39.44 14.67
N PRO A 258 -2.64 -39.78 15.98
CA PRO A 258 -1.92 -38.90 16.92
C PRO A 258 -0.41 -38.93 16.66
N ASN A 259 0.35 -38.06 17.35
CA ASN A 259 1.79 -38.24 17.42
C ASN A 259 2.09 -38.82 18.80
N ASN A 260 3.30 -38.70 19.33
CA ASN A 260 3.54 -39.41 20.58
C ASN A 260 3.04 -38.63 21.78
N LEU A 261 2.68 -37.35 21.58
CA LEU A 261 2.43 -36.47 22.70
C LEU A 261 0.95 -36.12 22.76
N TYR A 262 0.35 -35.88 21.59
CA TYR A 262 -1.02 -35.37 21.61
C TYR A 262 -1.80 -35.84 20.39
N ASN A 263 -3.09 -35.54 20.38
CA ASN A 263 -4.06 -36.04 19.40
C ASN A 263 -4.40 -34.96 18.38
N VAL A 264 -4.94 -35.40 17.25
CA VAL A 264 -5.17 -34.44 16.17
C VAL A 264 -6.50 -34.81 15.49
N ALA A 265 -7.37 -33.81 15.26
CA ALA A 265 -8.67 -34.00 14.65
C ALA A 265 -8.99 -32.83 13.72
N ASN A 266 -9.87 -33.10 12.76
CA ASN A 266 -10.32 -32.16 11.74
C ASN A 266 -11.85 -32.21 11.71
N ILE A 267 -12.51 -31.08 11.99
CA ILE A 267 -13.94 -31.01 11.77
C ILE A 267 -14.18 -29.89 10.76
N ASN A 268 -15.04 -30.14 9.77
CA ASN A 268 -15.25 -29.22 8.68
C ASN A 268 -16.72 -28.87 8.63
N VAL A 269 -17.02 -27.57 8.58
CA VAL A 269 -18.39 -27.15 8.55
C VAL A 269 -18.64 -26.41 7.23
N PRO A 270 -19.59 -26.85 6.38
CA PRO A 270 -19.84 -26.15 5.12
C PRO A 270 -20.41 -24.78 5.45
N MET A 271 -19.82 -23.71 4.90
CA MET A 271 -20.45 -22.39 5.07
C MET A 271 -21.54 -22.22 4.03
N ASP A 272 -21.31 -22.81 2.88
CA ASP A 272 -22.26 -22.86 1.79
C ASP A 272 -21.69 -23.87 0.80
N ASP A 273 -22.09 -23.84 -0.47
CA ASP A 273 -21.68 -24.95 -1.32
C ASP A 273 -20.22 -24.87 -1.74
N THR A 274 -19.58 -23.70 -1.60
CA THR A 274 -18.25 -23.53 -2.16
C THR A 274 -17.34 -22.90 -1.12
N ASN A 275 -17.78 -22.88 0.15
CA ASN A 275 -16.91 -22.33 1.19
C ASN A 275 -17.04 -23.24 2.41
N THR A 276 -15.94 -23.40 3.16
CA THR A 276 -15.94 -24.35 4.29
C THR A 276 -15.13 -23.77 5.44
N ALA A 277 -15.69 -23.83 6.64
CA ALA A 277 -14.90 -23.53 7.80
C ALA A 277 -14.14 -24.80 8.17
N PHE A 278 -12.82 -24.64 8.21
CA PHE A 278 -11.90 -25.71 8.52
C PHE A 278 -11.35 -25.50 9.93
N TYR A 279 -11.64 -26.47 10.79
CA TYR A 279 -11.10 -26.45 12.15
C TYR A 279 -10.10 -27.59 12.28
N PHE A 280 -8.88 -27.29 12.75
CA PHE A 280 -7.82 -28.28 12.78
C PHE A 280 -7.27 -28.24 14.21
N ILE A 281 -7.39 -29.39 14.91
CA ILE A 281 -7.42 -29.30 16.35
C ILE A 281 -6.29 -30.14 16.94
N ALA A 282 -5.48 -29.59 17.87
CA ALA A 282 -4.61 -30.47 18.64
C ALA A 282 -5.22 -30.61 20.04
N TRP A 283 -5.18 -31.83 20.59
CA TRP A 283 -5.89 -32.01 21.84
C TRP A 283 -5.24 -33.11 22.66
N GLY A 284 -5.42 -33.01 23.97
CA GLY A 284 -4.80 -34.04 24.83
C GLY A 284 -4.48 -33.46 26.21
N HIS A 285 -3.49 -34.03 26.90
CA HIS A 285 -3.20 -33.55 28.24
C HIS A 285 -2.54 -32.17 28.13
N PRO A 286 -2.95 -31.16 28.94
CA PRO A 286 -2.38 -29.80 28.89
C PRO A 286 -0.87 -29.71 28.93
N SER A 287 -0.23 -30.69 29.58
CA SER A 287 1.20 -30.53 29.64
C SER A 287 1.87 -31.14 28.40
N GLN A 288 1.11 -31.82 27.52
CA GLN A 288 1.72 -32.45 26.36
C GLN A 288 1.22 -31.82 25.03
N THR A 289 0.23 -30.92 25.15
CA THR A 289 -0.45 -30.38 23.99
C THR A 289 -0.11 -28.88 23.85
N PRO A 290 0.25 -28.38 22.64
CA PRO A 290 0.67 -26.99 22.48
C PRO A 290 -0.58 -26.14 22.72
N GLU A 291 -0.39 -24.89 23.17
CA GLU A 291 -1.39 -23.86 23.25
C GLU A 291 -1.73 -23.34 21.84
N THR A 292 -2.87 -22.68 21.74
CA THR A 292 -3.45 -22.16 20.51
C THR A 292 -2.41 -21.49 19.65
N GLU A 293 -1.67 -20.51 20.20
CA GLU A 293 -0.87 -19.71 19.29
C GLU A 293 0.34 -20.53 18.87
N THR A 294 0.83 -21.40 19.77
CA THR A 294 1.85 -22.39 19.44
C THR A 294 1.40 -23.18 18.21
N TRP A 295 0.19 -23.74 18.31
CA TRP A 295 -0.28 -24.66 17.31
C TRP A 295 -0.41 -23.90 15.98
N ARG A 296 -0.98 -22.70 16.03
CA ARG A 296 -1.19 -21.91 14.82
C ARG A 296 0.11 -21.55 14.15
N LYS A 297 1.11 -21.18 14.95
CA LYS A 297 2.37 -20.76 14.39
C LYS A 297 3.02 -21.96 13.70
N PHE A 298 3.00 -23.12 14.39
CA PHE A 298 3.53 -24.36 13.84
C PHE A 298 2.84 -24.68 12.50
N LEU A 299 1.52 -24.47 12.41
CA LEU A 299 0.81 -24.81 11.18
C LEU A 299 0.82 -23.70 10.11
N ARG A 300 1.37 -22.55 10.48
CA ARG A 300 1.21 -21.31 9.72
C ARG A 300 -0.23 -20.94 9.47
N GLN A 301 -0.99 -20.85 10.56
CA GLN A 301 -2.38 -20.40 10.50
C GLN A 301 -2.60 -19.32 11.57
N THR A 302 -1.64 -18.38 11.74
CA THR A 302 -1.72 -17.29 12.71
C THR A 302 -2.51 -16.13 12.09
N VAL A 303 -3.45 -15.61 12.88
CA VAL A 303 -4.25 -14.47 12.47
C VAL A 303 -3.39 -13.21 12.52
N GLY A 304 -3.36 -12.47 11.39
CA GLY A 304 -2.56 -11.25 11.24
C GLY A 304 -1.25 -11.57 10.52
N VAL A 305 -0.90 -12.86 10.36
CA VAL A 305 0.34 -13.24 9.70
C VAL A 305 -0.05 -14.13 8.52
N ASP A 306 -0.73 -15.28 8.78
CA ASP A 306 -1.12 -16.18 7.70
C ASP A 306 -2.55 -15.87 7.23
N LEU A 307 -3.35 -15.33 8.13
CA LEU A 307 -4.80 -15.21 7.94
C LEU A 307 -5.15 -13.76 8.26
N ASP A 308 -6.19 -13.31 7.60
CA ASP A 308 -6.72 -12.00 7.93
C ASP A 308 -7.52 -12.18 9.20
N GLN A 309 -8.18 -11.08 9.60
CA GLN A 309 -8.89 -10.99 10.87
C GLN A 309 -10.14 -11.89 10.84
N ASN A 310 -10.59 -12.32 9.67
CA ASN A 310 -11.76 -13.22 9.57
C ASN A 310 -11.33 -14.66 9.35
N TYR A 311 -10.03 -14.91 9.56
CA TYR A 311 -9.40 -16.24 9.41
C TYR A 311 -9.40 -16.66 7.95
N ARG A 312 -9.34 -15.69 7.04
CA ARG A 312 -9.15 -16.11 5.67
C ARG A 312 -7.66 -16.08 5.35
N PRO A 313 -7.19 -17.06 4.55
CA PRO A 313 -5.77 -17.19 4.20
C PRO A 313 -5.34 -16.12 3.20
N LEU A 314 -4.19 -15.50 3.50
CA LEU A 314 -3.46 -14.63 2.59
C LEU A 314 -2.78 -15.43 1.48
N ARG A 315 -2.54 -16.72 1.71
CA ARG A 315 -2.05 -17.60 0.67
C ARG A 315 -3.19 -17.82 -0.34
N ASN A 316 -2.93 -17.59 -1.63
CA ASN A 316 -4.02 -17.96 -2.56
C ASN A 316 -3.46 -18.38 -3.93
N GLU A 317 -4.35 -18.65 -4.88
CA GLU A 317 -3.94 -18.97 -6.24
C GLU A 317 -3.14 -17.84 -6.90
N ALA A 318 -3.62 -16.61 -6.77
CA ALA A 318 -2.89 -15.52 -7.40
C ALA A 318 -1.45 -15.44 -6.87
N ASN A 319 -1.16 -15.76 -5.58
CA ASN A 319 0.24 -15.68 -5.17
C ASN A 319 0.83 -17.08 -5.04
N LYS A 320 0.13 -18.11 -5.58
CA LYS A 320 0.64 -19.46 -5.66
C LYS A 320 0.91 -19.99 -4.25
N PHE A 321 0.10 -19.58 -3.28
CA PHE A 321 0.28 -20.04 -1.89
C PHE A 321 1.69 -19.78 -1.36
N TRP A 322 2.30 -18.70 -1.87
CA TRP A 322 3.66 -18.27 -1.52
C TRP A 322 4.66 -19.37 -1.81
N GLN A 323 4.37 -20.24 -2.79
CA GLN A 323 5.25 -21.32 -3.14
C GLN A 323 6.62 -20.76 -3.51
N ASP A 324 7.65 -21.31 -2.90
CA ASP A 324 8.99 -20.78 -3.11
C ASP A 324 9.76 -21.77 -4.00
N ARG A 325 9.94 -21.39 -5.26
CA ARG A 325 10.61 -22.29 -6.20
C ARG A 325 12.07 -22.60 -5.81
N ASN A 326 12.81 -21.60 -5.27
CA ASN A 326 14.19 -21.81 -4.80
C ASN A 326 14.21 -22.82 -3.64
N ALA A 327 13.29 -22.69 -2.68
CA ALA A 327 13.26 -23.70 -1.63
C ALA A 327 13.06 -25.08 -2.25
N MET A 328 12.30 -25.13 -3.37
CA MET A 328 12.04 -26.48 -3.91
C MET A 328 13.32 -27.02 -4.54
N LYS A 329 14.04 -26.15 -5.25
CA LYS A 329 15.30 -26.53 -5.84
C LYS A 329 16.30 -26.91 -4.74
N ALA A 330 16.17 -26.37 -3.51
CA ALA A 330 17.12 -26.73 -2.48
C ALA A 330 16.67 -27.99 -1.78
N GLY A 331 15.54 -28.58 -2.18
CA GLY A 331 15.21 -29.88 -1.61
C GLY A 331 13.91 -29.86 -0.78
N ASN A 332 13.31 -28.70 -0.53
CA ASN A 332 12.00 -28.76 0.13
C ASN A 332 10.96 -29.27 -0.88
N PHE A 333 10.14 -30.20 -0.48
CA PHE A 333 9.30 -30.89 -1.45
C PHE A 333 8.31 -29.95 -2.12
N THR A 334 7.56 -29.16 -1.31
CA THR A 334 6.48 -28.35 -1.87
C THR A 334 6.77 -26.85 -1.97
N GLY A 335 7.74 -26.34 -1.21
CA GLY A 335 8.07 -24.92 -1.15
C GLY A 335 7.00 -24.06 -0.52
N ILE A 336 6.07 -24.70 0.25
CA ILE A 336 4.92 -24.07 0.88
C ILE A 336 5.06 -24.32 2.37
N THR A 337 4.89 -23.25 3.16
CA THR A 337 5.17 -23.34 4.57
C THR A 337 3.87 -23.58 5.35
N GLY A 338 3.99 -24.54 6.33
CA GLY A 338 2.94 -25.06 7.19
C GLY A 338 2.21 -26.18 6.45
N PHE A 339 2.18 -27.38 7.01
CA PHE A 339 1.72 -28.56 6.26
C PHE A 339 0.30 -28.34 5.80
N PRO A 340 -0.64 -27.73 6.60
CA PRO A 340 -2.00 -27.53 6.10
C PRO A 340 -2.05 -26.60 4.88
N ASN A 341 -1.06 -25.71 4.70
CA ASN A 341 -1.15 -24.83 3.53
C ASN A 341 -0.84 -25.61 2.28
N GLN A 342 -0.05 -26.67 2.46
CA GLN A 342 0.28 -27.63 1.43
C GLN A 342 -1.01 -28.38 1.02
N ASP A 343 -1.74 -28.91 1.99
CA ASP A 343 -3.09 -29.44 1.72
C ASP A 343 -3.94 -28.42 0.93
N VAL A 344 -4.07 -27.23 1.48
CA VAL A 344 -4.98 -26.22 0.94
C VAL A 344 -4.66 -25.91 -0.52
N ALA A 345 -3.37 -25.78 -0.85
CA ALA A 345 -2.97 -25.55 -2.25
C ALA A 345 -3.58 -26.64 -3.16
N MET A 346 -3.55 -27.89 -2.71
CA MET A 346 -4.08 -29.01 -3.50
C MET A 346 -5.60 -28.92 -3.55
N TRP A 347 -6.24 -28.67 -2.39
CA TRP A 347 -7.70 -28.65 -2.40
C TRP A 347 -8.26 -27.54 -3.28
N LEU A 348 -7.68 -26.36 -3.19
CA LEU A 348 -8.34 -25.24 -3.83
C LEU A 348 -8.08 -25.26 -5.33
N THR A 349 -6.97 -25.89 -5.76
CA THR A 349 -6.67 -25.88 -7.19
C THR A 349 -7.52 -26.92 -7.94
N MET A 350 -8.24 -27.78 -7.19
CA MET A 350 -9.28 -28.66 -7.73
C MET A 350 -10.54 -27.88 -8.08
N GLY A 351 -10.69 -26.63 -7.63
CA GLY A 351 -11.87 -25.85 -8.00
C GLY A 351 -12.88 -25.78 -6.86
N PRO A 352 -13.84 -24.84 -6.96
CA PRO A 352 -14.73 -24.59 -5.82
C PRO A 352 -15.42 -25.87 -5.34
N ILE A 353 -15.86 -26.65 -6.34
CA ILE A 353 -16.40 -27.97 -6.06
C ILE A 353 -15.63 -28.96 -6.94
N ALA A 354 -14.80 -29.79 -6.31
CA ALA A 354 -14.03 -30.73 -7.07
C ALA A 354 -14.97 -31.61 -7.90
N ASP A 355 -14.55 -31.83 -9.14
CA ASP A 355 -15.28 -32.64 -10.11
C ASP A 355 -14.84 -34.08 -10.01
N ARG A 356 -15.59 -34.85 -9.24
CA ARG A 356 -15.26 -36.25 -8.95
C ARG A 356 -15.57 -37.14 -10.16
N THR A 357 -16.30 -36.60 -11.14
CA THR A 357 -16.48 -37.37 -12.37
C THR A 357 -15.16 -37.49 -13.16
N HIS A 358 -14.10 -36.78 -12.78
CA HIS A 358 -12.89 -36.93 -13.59
C HIS A 358 -11.74 -37.52 -12.80
N ASP A 359 -12.00 -38.03 -11.59
CA ASP A 359 -10.94 -38.68 -10.83
C ASP A 359 -10.45 -39.94 -11.55
N ARG A 360 -9.18 -40.29 -11.36
CA ARG A 360 -8.74 -41.65 -11.66
C ARG A 360 -8.13 -42.21 -10.39
N LEU A 361 -8.94 -42.98 -9.65
CA LEU A 361 -8.61 -43.34 -8.28
C LEU A 361 -7.82 -44.66 -8.28
N GLY A 362 -6.83 -44.75 -7.40
CA GLY A 362 -6.08 -45.99 -7.23
C GLY A 362 -6.24 -46.57 -5.82
N ALA A 363 -5.33 -47.46 -5.44
CA ALA A 363 -5.48 -48.24 -4.22
C ALA A 363 -5.46 -47.30 -3.03
N SER A 364 -4.74 -46.18 -3.18
CA SER A 364 -4.56 -45.22 -2.11
C SER A 364 -5.87 -44.52 -1.78
N ASP A 365 -6.80 -44.54 -2.73
CA ASP A 365 -8.08 -43.87 -2.54
C ASP A 365 -9.13 -44.71 -1.81
N LEU A 366 -8.74 -45.85 -1.21
CA LEU A 366 -9.80 -46.71 -0.71
C LEU A 366 -10.69 -46.01 0.32
N ALA A 367 -10.12 -45.24 1.29
CA ALA A 367 -10.93 -44.58 2.31
C ALA A 367 -11.81 -43.48 1.69
N ILE A 368 -11.29 -42.79 0.65
CA ILE A 368 -12.07 -41.76 -0.04
C ILE A 368 -13.26 -42.41 -0.78
N VAL A 369 -13.01 -43.58 -1.41
CA VAL A 369 -14.08 -44.33 -2.07
C VAL A 369 -15.15 -44.71 -1.05
N GLU A 370 -14.71 -45.17 0.08
CA GLU A 370 -15.66 -45.62 1.06
C GLU A 370 -16.50 -44.44 1.55
N PHE A 371 -15.82 -43.30 1.82
CA PHE A 371 -16.50 -42.10 2.30
C PHE A 371 -17.59 -41.69 1.28
N ARG A 372 -17.29 -41.77 -0.02
CA ARG A 372 -18.21 -41.32 -1.06
C ARG A 372 -19.42 -42.27 -1.07
N LYS A 373 -19.15 -43.55 -0.94
CA LYS A 373 -20.25 -44.50 -1.04
C LYS A 373 -21.09 -44.38 0.22
N GLN A 374 -20.40 -44.31 1.36
CA GLN A 374 -21.15 -44.23 2.60
C GLN A 374 -22.00 -42.97 2.58
N MET A 375 -21.41 -41.82 2.20
CA MET A 375 -22.19 -40.62 2.46
C MET A 375 -23.29 -40.50 1.41
N LEU A 376 -23.07 -40.97 0.19
CA LEU A 376 -24.19 -40.99 -0.76
C LEU A 376 -25.31 -41.94 -0.32
N ASP A 377 -24.98 -43.07 0.34
CA ASP A 377 -26.05 -43.93 0.86
C ASP A 377 -26.78 -43.21 2.00
N ALA A 378 -25.98 -42.56 2.84
CA ALA A 378 -26.61 -41.99 4.02
C ALA A 378 -27.59 -40.89 3.60
N VAL A 379 -27.22 -40.10 2.58
CA VAL A 379 -28.10 -38.99 2.24
C VAL A 379 -29.31 -39.52 1.45
N LYS A 380 -29.09 -40.58 0.65
CA LYS A 380 -30.21 -41.25 -0.03
C LYS A 380 -31.18 -41.82 1.01
N ALA A 381 -30.63 -42.58 1.96
CA ALA A 381 -31.45 -43.25 2.97
C ALA A 381 -32.24 -42.18 3.72
N PHE A 382 -31.57 -41.04 3.97
CA PHE A 382 -32.08 -40.05 4.89
C PHE A 382 -33.25 -39.33 4.22
N GLU A 383 -33.04 -38.95 2.97
CA GLU A 383 -34.02 -38.26 2.13
C GLU A 383 -35.31 -39.08 2.06
N GLN A 384 -35.21 -40.38 2.35
CA GLN A 384 -36.32 -41.30 2.23
C GLN A 384 -36.76 -41.77 3.61
N GLY A 385 -36.07 -41.33 4.67
CA GLY A 385 -36.70 -41.39 5.98
C GLY A 385 -35.93 -42.23 7.00
N ALA A 386 -34.73 -42.74 6.61
CA ALA A 386 -33.82 -43.34 7.58
C ALA A 386 -33.27 -42.25 8.50
N PRO A 387 -32.88 -42.60 9.75
CA PRO A 387 -32.17 -41.67 10.62
C PRO A 387 -30.91 -41.15 9.90
N ALA A 388 -30.47 -39.94 10.26
CA ALA A 388 -29.19 -39.42 9.80
C ALA A 388 -28.02 -40.27 10.30
N ILE A 389 -27.10 -40.65 9.41
CA ILE A 389 -25.91 -41.40 9.82
C ILE A 389 -25.27 -40.76 11.08
N GLY A 390 -25.02 -41.58 12.11
CA GLY A 390 -24.22 -41.21 13.26
C GLY A 390 -24.97 -40.40 14.32
N THR A 391 -26.30 -40.34 14.19
CA THR A 391 -27.13 -39.87 15.29
C THR A 391 -27.58 -41.06 16.15
N GLY A 392 -28.16 -40.79 17.31
CA GLY A 392 -28.68 -41.81 18.21
C GLY A 392 -27.59 -42.58 18.97
N VAL A 393 -27.96 -43.80 19.38
CA VAL A 393 -27.09 -44.71 20.12
C VAL A 393 -25.84 -45.00 19.29
N GLU A 394 -25.88 -44.62 18.00
CA GLU A 394 -24.85 -44.85 16.97
C GLU A 394 -23.67 -43.86 17.08
N ALA A 395 -23.88 -42.71 17.75
CA ALA A 395 -22.90 -41.62 17.86
C ALA A 395 -21.47 -42.11 18.16
N ALA A 396 -20.45 -41.60 17.45
CA ALA A 396 -19.08 -41.75 17.97
C ALA A 396 -19.01 -41.13 19.37
N THR A 397 -18.22 -41.78 20.22
CA THR A 397 -17.97 -41.21 21.55
C THR A 397 -16.45 -41.04 21.70
N PRO A 398 -15.95 -40.47 22.83
CA PRO A 398 -14.51 -40.53 23.15
C PRO A 398 -13.83 -41.91 23.20
N THR A 399 -14.59 -43.03 23.27
CA THR A 399 -13.99 -44.36 23.17
C THR A 399 -13.42 -44.61 21.76
N VAL A 400 -14.00 -44.00 20.73
CA VAL A 400 -13.48 -44.06 19.36
C VAL A 400 -12.21 -43.21 19.25
N CYS A 401 -11.13 -43.73 18.65
CA CYS A 401 -9.92 -42.93 18.53
C CYS A 401 -9.04 -43.44 17.39
N SER A 402 -8.31 -42.53 16.75
CA SER A 402 -7.31 -42.92 15.77
C SER A 402 -6.06 -43.33 16.55
N PHE A 403 -5.08 -43.92 15.88
CA PHE A 403 -3.92 -44.36 16.62
C PHE A 403 -2.86 -44.70 15.61
N GLN A 404 -1.63 -44.85 16.10
CA GLN A 404 -0.54 -45.26 15.23
C GLN A 404 0.39 -46.15 16.05
N ALA A 405 0.83 -47.27 15.47
CA ALA A 405 1.67 -48.19 16.23
C ALA A 405 2.27 -49.22 15.27
N ILE A 406 3.38 -49.81 15.69
CA ILE A 406 3.83 -51.01 15.02
C ILE A 406 3.06 -52.21 15.52
N VAL A 407 2.53 -52.98 14.58
CA VAL A 407 1.63 -54.06 14.94
C VAL A 407 2.10 -55.31 14.18
N PRO A 408 2.14 -56.51 14.81
CA PRO A 408 2.47 -57.76 14.11
C PRO A 408 1.47 -58.04 12.99
N LYS A 409 1.99 -58.46 11.83
CA LYS A 409 1.19 -58.85 10.68
C LYS A 409 0.15 -59.90 11.10
N THR A 410 0.40 -60.64 12.19
CA THR A 410 -0.54 -61.68 12.57
C THR A 410 -1.66 -61.14 13.46
N THR A 411 -1.58 -59.87 13.86
CA THR A 411 -2.65 -59.24 14.62
C THR A 411 -3.58 -58.53 13.63
N ASP A 412 -4.90 -58.58 13.88
CA ASP A 412 -5.87 -57.79 13.14
C ASP A 412 -5.85 -56.36 13.70
N TRP A 413 -5.52 -55.35 12.89
CA TRP A 413 -5.51 -53.97 13.41
C TRP A 413 -6.87 -53.52 13.99
N ARG A 414 -7.98 -54.05 13.44
CA ARG A 414 -9.33 -53.75 13.91
C ARG A 414 -9.48 -54.10 15.39
N THR A 415 -8.54 -54.90 15.90
CA THR A 415 -8.63 -55.51 17.21
C THR A 415 -7.73 -54.79 18.21
N TYR A 416 -6.73 -54.04 17.70
CA TYR A 416 -5.74 -53.34 18.51
C TYR A 416 -6.49 -52.45 19.48
N ASP A 417 -6.17 -52.47 20.77
CA ASP A 417 -7.03 -51.83 21.75
C ASP A 417 -6.59 -50.37 22.01
N ALA A 418 -6.75 -49.52 20.99
CA ALA A 418 -6.20 -48.17 21.05
C ALA A 418 -6.99 -47.28 22.03
N HIS A 419 -6.27 -46.37 22.70
CA HIS A 419 -6.88 -45.25 23.44
C HIS A 419 -6.25 -43.95 22.94
N TYR A 420 -6.96 -42.83 23.14
CA TYR A 420 -6.37 -41.57 22.72
C TYR A 420 -5.14 -41.27 23.58
N VAL A 421 -4.11 -40.66 22.99
CA VAL A 421 -2.89 -40.27 23.69
C VAL A 421 -3.25 -39.36 24.85
N TRP A 422 -2.63 -39.60 26.01
CA TRP A 422 -2.89 -38.78 27.19
C TRP A 422 -1.58 -38.42 27.89
N LEU A 423 -1.26 -39.11 28.99
CA LEU A 423 -0.08 -38.76 29.77
C LEU A 423 1.00 -39.81 29.57
N ASP A 424 2.27 -39.36 29.45
CA ASP A 424 3.49 -40.18 29.49
C ASP A 424 3.52 -41.21 28.37
N GLY A 425 2.87 -42.36 28.64
CA GLY A 425 2.58 -43.42 27.69
C GLY A 425 1.40 -44.26 28.18
N GLN A 426 0.87 -43.90 29.36
CA GLN A 426 -0.32 -44.46 29.98
C GLN A 426 -1.59 -43.82 29.38
N ASP A 427 -2.71 -44.57 29.41
CA ASP A 427 -4.01 -44.11 28.97
C ASP A 427 -4.52 -43.02 29.93
N ARG A 428 -5.82 -42.70 29.88
CA ARG A 428 -6.42 -41.73 30.80
C ARG A 428 -7.14 -42.49 31.93
N MET B 1 -48.11 -8.43 3.06
CA MET B 1 -46.99 -9.24 2.48
C MET B 1 -46.89 -9.00 0.98
N MET B 2 -45.68 -8.78 0.48
CA MET B 2 -45.46 -8.62 -0.94
C MET B 2 -45.02 -9.96 -1.50
N THR B 3 -45.30 -10.19 -2.78
CA THR B 3 -44.82 -11.41 -3.43
C THR B 3 -43.49 -11.08 -4.09
N HIS B 4 -42.76 -12.14 -4.47
N HIS B 4 -42.74 -12.14 -4.46
CA HIS B 4 -41.50 -11.96 -5.19
CA HIS B 4 -41.48 -11.95 -5.17
C HIS B 4 -41.74 -11.18 -6.47
C HIS B 4 -41.72 -11.20 -6.48
N GLU B 5 -42.88 -11.45 -7.13
CA GLU B 5 -43.18 -10.85 -8.40
C GLU B 5 -43.39 -9.35 -8.23
N GLU B 6 -44.09 -8.99 -7.16
CA GLU B 6 -44.37 -7.58 -6.88
C GLU B 6 -43.04 -6.87 -6.56
N ASN B 7 -42.20 -7.50 -5.72
CA ASN B 7 -40.88 -6.98 -5.38
C ASN B 7 -40.13 -6.63 -6.67
N GLU B 8 -40.11 -7.57 -7.60
CA GLU B 8 -39.39 -7.43 -8.85
C GLU B 8 -40.01 -6.31 -9.67
N LEU B 9 -41.34 -6.26 -9.68
CA LEU B 9 -42.00 -5.23 -10.45
C LEU B 9 -41.66 -3.88 -9.87
N LEU B 10 -41.66 -3.76 -8.54
CA LEU B 10 -41.39 -2.48 -7.88
C LEU B 10 -39.93 -2.02 -8.17
N CYS B 11 -39.00 -2.98 -8.16
CA CYS B 11 -37.57 -2.66 -8.02
C CYS B 11 -36.83 -2.57 -9.37
N ARG B 12 -37.15 -3.42 -10.36
CA ARG B 12 -36.34 -3.58 -11.56
C ARG B 12 -36.52 -2.43 -12.56
N VAL B 13 -35.42 -1.99 -13.18
CA VAL B 13 -35.48 -0.76 -13.99
C VAL B 13 -34.82 -0.96 -15.33
N GLU B 14 -34.05 -2.03 -15.49
CA GLU B 14 -33.23 -2.11 -16.69
C GLU B 14 -34.13 -2.53 -17.86
N GLY B 15 -33.92 -1.94 -19.06
CA GLY B 15 -34.60 -2.36 -20.27
C GLY B 15 -36.06 -1.92 -20.28
N ASP B 16 -36.92 -2.85 -20.63
CA ASP B 16 -38.34 -2.56 -20.63
C ASP B 16 -38.95 -2.85 -19.27
N ALA B 17 -38.12 -3.02 -18.23
CA ALA B 17 -38.70 -3.12 -16.91
C ALA B 17 -39.69 -1.99 -16.75
N PRO B 18 -40.95 -2.32 -16.44
CA PRO B 18 -42.00 -1.32 -16.29
C PRO B 18 -41.64 -0.14 -15.38
N MET B 19 -41.12 -0.40 -14.17
CA MET B 19 -40.76 0.70 -13.30
C MET B 19 -39.74 1.65 -13.94
N GLY B 20 -38.77 1.07 -14.64
CA GLY B 20 -37.82 1.90 -15.37
C GLY B 20 -38.52 2.79 -16.40
N ARG B 21 -39.44 2.22 -17.18
CA ARG B 21 -40.10 2.97 -18.23
C ARG B 21 -40.94 4.11 -17.65
N LEU B 22 -41.60 3.82 -16.53
CA LEU B 22 -42.38 4.79 -15.78
C LEU B 22 -41.46 5.92 -15.32
N MET B 23 -40.33 5.57 -14.71
CA MET B 23 -39.40 6.59 -14.23
C MET B 23 -38.85 7.47 -15.36
N ARG B 24 -38.69 6.92 -16.57
CA ARG B 24 -38.14 7.67 -17.71
C ARG B 24 -39.14 8.71 -18.24
N ARG B 25 -40.32 8.79 -17.65
CA ARG B 25 -41.29 9.81 -18.00
C ARG B 25 -41.06 11.08 -17.16
N HIS B 26 -40.15 11.00 -16.19
CA HIS B 26 -39.71 12.19 -15.47
C HIS B 26 -38.30 12.60 -15.92
N TRP B 27 -38.05 13.90 -15.98
CA TRP B 27 -36.69 14.40 -16.04
C TRP B 27 -35.92 13.74 -14.90
N THR B 28 -34.65 13.36 -15.17
CA THR B 28 -33.85 12.62 -14.21
C THR B 28 -32.50 13.32 -14.03
N PRO B 29 -32.04 13.56 -12.80
CA PRO B 29 -30.62 13.82 -12.59
C PRO B 29 -29.75 12.68 -13.17
N ILE B 30 -28.71 13.07 -13.93
CA ILE B 30 -27.70 12.14 -14.46
C ILE B 30 -26.38 12.27 -13.67
N CYS B 31 -25.98 13.50 -13.36
CA CYS B 31 -24.69 13.73 -12.68
C CYS B 31 -24.69 15.16 -12.14
N LEU B 32 -23.67 15.53 -11.37
CA LEU B 32 -23.56 16.89 -10.84
C LEU B 32 -22.91 17.79 -11.90
N VAL B 33 -23.32 19.07 -11.88
CA VAL B 33 -22.70 20.04 -12.76
C VAL B 33 -21.19 20.11 -12.50
N GLU B 34 -20.82 19.91 -11.22
CA GLU B 34 -19.40 20.02 -10.87
C GLU B 34 -18.55 18.99 -11.64
N GLU B 35 -19.15 17.89 -12.04
CA GLU B 35 -18.36 16.84 -12.64
C GLU B 35 -18.03 17.16 -14.09
N VAL B 36 -18.84 17.99 -14.75
CA VAL B 36 -18.66 18.18 -16.18
C VAL B 36 -17.67 19.30 -16.47
N GLY B 37 -17.38 20.15 -15.47
CA GLY B 37 -16.32 21.14 -15.66
C GLY B 37 -16.66 22.25 -16.67
N GLU B 38 -15.67 22.70 -17.44
CA GLU B 38 -15.82 23.92 -18.24
C GLU B 38 -16.07 23.50 -19.67
N PRO B 39 -16.37 24.44 -20.58
CA PRO B 39 -16.56 24.07 -21.98
C PRO B 39 -15.36 23.23 -22.38
N ASP B 40 -15.56 22.17 -23.19
CA ASP B 40 -14.49 21.27 -23.61
C ASP B 40 -13.91 20.47 -22.44
N GLY B 41 -14.64 20.38 -21.34
CA GLY B 41 -14.14 19.60 -20.22
C GLY B 41 -14.03 18.11 -20.52
N THR B 42 -13.34 17.46 -19.59
CA THR B 42 -13.19 16.01 -19.60
C THR B 42 -14.59 15.40 -19.61
N PRO B 43 -14.87 14.51 -20.57
CA PRO B 43 -16.12 13.73 -20.56
C PRO B 43 -16.29 12.82 -19.34
N VAL B 44 -17.52 12.78 -18.82
CA VAL B 44 -17.90 12.15 -17.55
C VAL B 44 -18.65 10.86 -17.87
N LYS B 45 -18.36 9.74 -17.16
CA LYS B 45 -19.09 8.49 -17.33
C LYS B 45 -20.30 8.56 -16.39
N ALA B 46 -21.48 8.16 -16.89
CA ALA B 46 -22.59 8.07 -15.95
C ALA B 46 -23.42 6.84 -16.30
N ARG B 47 -24.37 6.50 -15.45
CA ARG B 47 -25.18 5.31 -15.73
C ARG B 47 -26.57 5.57 -15.12
N ALA B 48 -27.64 5.28 -15.87
CA ALA B 48 -29.02 5.46 -15.41
C ALA B 48 -29.89 4.42 -16.10
N PHE B 49 -30.74 3.73 -15.32
CA PHE B 49 -31.71 2.80 -15.88
C PHE B 49 -30.99 1.70 -16.65
N GLY B 50 -29.80 1.34 -16.20
CA GLY B 50 -29.02 0.31 -16.88
C GLY B 50 -28.35 0.77 -18.17
N GLU B 51 -28.40 2.06 -18.54
CA GLU B 51 -27.68 2.50 -19.74
C GLU B 51 -26.40 3.23 -19.33
N ASP B 52 -25.26 2.88 -19.95
CA ASP B 52 -24.02 3.66 -19.86
C ASP B 52 -24.11 4.97 -20.68
N LEU B 53 -23.76 6.08 -20.05
CA LEU B 53 -23.88 7.38 -20.71
C LEU B 53 -22.56 8.10 -20.66
N VAL B 54 -22.34 8.95 -21.68
CA VAL B 54 -21.28 9.95 -21.65
C VAL B 54 -21.91 11.32 -21.47
N VAL B 55 -21.32 12.14 -20.60
CA VAL B 55 -21.83 13.48 -20.33
C VAL B 55 -20.68 14.43 -20.62
N PHE B 56 -20.92 15.50 -21.38
CA PHE B 56 -19.83 16.44 -21.65
C PHE B 56 -20.37 17.84 -21.88
N ARG B 57 -19.57 18.86 -21.57
CA ARG B 57 -19.95 20.23 -21.92
C ARG B 57 -19.14 20.67 -23.13
N ASP B 58 -19.79 21.00 -24.25
CA ASP B 58 -19.10 21.38 -25.48
C ASP B 58 -18.57 22.81 -25.39
N SER B 59 -18.00 23.27 -26.54
CA SER B 59 -17.33 24.55 -26.65
C SER B 59 -18.35 25.68 -26.39
N GLU B 60 -19.60 25.49 -26.81
CA GLU B 60 -20.55 26.56 -26.52
C GLU B 60 -21.09 26.48 -25.09
N GLY B 61 -20.66 25.51 -24.29
CA GLY B 61 -21.19 25.42 -22.94
C GLY B 61 -22.45 24.56 -22.84
N ARG B 62 -22.89 23.97 -23.96
CA ARG B 62 -24.02 23.05 -23.94
C ARG B 62 -23.57 21.70 -23.36
N VAL B 63 -24.42 21.14 -22.49
CA VAL B 63 -24.21 19.80 -21.98
C VAL B 63 -24.97 18.75 -22.79
N GLY B 64 -24.27 17.72 -23.27
CA GLY B 64 -24.89 16.54 -23.85
C GLY B 64 -24.86 15.38 -22.86
N VAL B 65 -25.92 14.58 -22.89
CA VAL B 65 -26.00 13.24 -22.31
C VAL B 65 -26.34 12.26 -23.43
N MET B 66 -25.39 11.32 -23.69
CA MET B 66 -25.51 10.40 -24.81
C MET B 66 -25.13 9.00 -24.39
N ASP B 67 -25.53 8.03 -25.21
CA ASP B 67 -25.12 6.64 -25.06
C ASP B 67 -23.60 6.64 -24.99
N GLU B 68 -23.02 5.86 -24.06
CA GLU B 68 -21.58 5.91 -23.85
C GLU B 68 -20.80 5.47 -25.09
N TYR B 69 -21.32 4.49 -25.80
CA TYR B 69 -20.62 3.74 -26.85
C TYR B 69 -20.82 4.39 -28.21
N CYS B 70 -19.72 4.49 -28.94
CA CYS B 70 -19.64 5.09 -30.26
C CYS B 70 -20.61 4.38 -31.19
N PRO B 71 -21.39 5.10 -32.00
CA PRO B 71 -22.29 4.42 -32.94
C PRO B 71 -21.50 3.71 -34.06
N HIS B 72 -20.22 3.97 -34.21
CA HIS B 72 -19.45 3.19 -35.18
C HIS B 72 -19.24 1.72 -34.75
N ARG B 73 -18.21 1.46 -33.90
CA ARG B 73 -17.94 0.10 -33.44
C ARG B 73 -18.00 0.00 -31.89
N ARG B 74 -18.67 0.96 -31.24
CA ARG B 74 -19.06 0.89 -29.83
C ARG B 74 -17.85 0.96 -28.89
N ALA B 75 -16.73 1.56 -29.32
CA ALA B 75 -15.74 2.01 -28.35
C ALA B 75 -16.32 3.07 -27.40
N SER B 76 -15.75 3.24 -26.21
CA SER B 76 -16.32 4.22 -25.27
C SER B 76 -15.97 5.66 -25.63
N LEU B 77 -16.98 6.52 -25.67
CA LEU B 77 -16.81 7.92 -26.01
C LEU B 77 -16.24 8.69 -24.84
N VAL B 78 -16.22 8.05 -23.66
CA VAL B 78 -15.69 8.68 -22.47
C VAL B 78 -14.22 9.06 -22.75
N TYR B 79 -13.55 8.34 -23.66
CA TYR B 79 -12.15 8.59 -23.92
C TYR B 79 -11.93 9.63 -25.01
N GLY B 80 -13.02 10.10 -25.64
CA GLY B 80 -12.89 10.90 -26.84
C GLY B 80 -12.49 12.34 -26.52
N ARG B 81 -12.36 13.12 -27.61
CA ARG B 81 -11.88 14.50 -27.53
C ARG B 81 -13.06 15.43 -27.56
N ASN B 82 -13.16 16.21 -26.50
CA ASN B 82 -14.24 17.15 -26.31
C ASN B 82 -13.76 18.52 -26.75
N GLU B 83 -14.00 18.87 -28.02
CA GLU B 83 -13.56 20.19 -28.48
C GLU B 83 -14.18 20.52 -29.85
N GLU B 84 -14.12 21.79 -30.22
CA GLU B 84 -14.64 22.33 -31.47
C GLU B 84 -16.10 21.92 -31.66
N GLY B 85 -16.94 22.13 -30.64
CA GLY B 85 -18.37 21.90 -30.82
C GLY B 85 -18.77 20.42 -30.89
N GLY B 86 -17.94 19.48 -30.38
CA GLY B 86 -18.44 18.10 -30.26
C GLY B 86 -17.49 17.16 -29.53
N LEU B 87 -17.85 15.87 -29.58
CA LEU B 87 -17.12 14.81 -28.92
C LEU B 87 -16.73 13.80 -30.01
N ARG B 88 -15.43 13.56 -30.10
CA ARG B 88 -14.85 12.78 -31.17
C ARG B 88 -14.31 11.50 -30.56
N CYS B 89 -14.78 10.40 -31.13
CA CYS B 89 -14.28 9.08 -30.74
C CYS B 89 -12.79 8.97 -31.14
N LEU B 90 -11.96 8.40 -30.26
CA LEU B 90 -10.53 8.23 -30.55
C LEU B 90 -10.30 7.28 -31.74
N TYR B 91 -11.19 6.30 -31.94
CA TYR B 91 -10.87 5.16 -32.81
C TYR B 91 -10.82 5.54 -34.30
N HIS B 92 -11.93 6.07 -34.88
CA HIS B 92 -11.96 6.42 -36.30
C HIS B 92 -12.42 7.85 -36.48
N GLY B 93 -12.49 8.54 -35.34
CA GLY B 93 -12.67 9.97 -35.36
C GLY B 93 -14.07 10.39 -35.80
N TRP B 94 -15.08 9.55 -35.57
CA TRP B 94 -16.45 10.07 -35.68
C TRP B 94 -16.67 11.11 -34.57
N LYS B 95 -17.25 12.27 -34.92
CA LYS B 95 -17.53 13.29 -33.91
C LYS B 95 -19.03 13.59 -33.85
N MET B 96 -19.54 13.69 -32.61
CA MET B 96 -20.94 13.91 -32.36
C MET B 96 -21.11 15.26 -31.63
N ASP B 97 -22.18 15.98 -31.94
CA ASP B 97 -22.53 17.10 -31.08
C ASP B 97 -23.46 16.61 -29.99
N VAL B 98 -23.90 17.58 -29.19
CA VAL B 98 -24.62 17.28 -27.96
C VAL B 98 -26.00 16.74 -28.31
N ASP B 99 -26.47 16.91 -29.57
CA ASP B 99 -27.78 16.41 -29.98
C ASP B 99 -27.64 14.99 -30.53
N GLY B 100 -26.41 14.49 -30.65
CA GLY B 100 -26.22 13.16 -31.23
C GLY B 100 -26.02 13.16 -32.74
N ASN B 101 -26.12 14.32 -33.43
CA ASN B 101 -25.73 14.41 -34.83
C ASN B 101 -24.25 14.00 -34.99
N VAL B 102 -23.97 13.16 -35.99
CA VAL B 102 -22.60 12.92 -36.40
C VAL B 102 -22.16 14.06 -37.30
N LEU B 103 -21.21 14.88 -36.82
CA LEU B 103 -20.71 16.04 -37.53
C LEU B 103 -19.73 15.64 -38.62
N GLU B 104 -19.00 14.54 -38.42
CA GLU B 104 -17.82 14.24 -39.21
C GLU B 104 -17.41 12.79 -38.91
N MET B 105 -17.12 12.06 -39.99
CA MET B 105 -16.53 10.74 -39.93
C MET B 105 -15.18 10.85 -40.62
N ALA B 106 -14.11 10.89 -39.83
CA ALA B 106 -12.78 11.22 -40.33
C ALA B 106 -12.35 10.29 -41.46
N SER B 107 -12.74 9.01 -41.39
CA SER B 107 -12.21 8.09 -42.38
C SER B 107 -13.28 7.61 -43.39
N GLU B 108 -14.33 8.41 -43.61
CA GLU B 108 -15.40 8.01 -44.53
C GLU B 108 -15.50 8.97 -45.73
N PRO B 109 -15.74 8.46 -46.98
CA PRO B 109 -16.09 9.31 -48.13
C PRO B 109 -17.30 10.22 -47.86
N ALA B 110 -17.08 11.53 -48.01
CA ALA B 110 -18.13 12.53 -47.91
C ALA B 110 -19.32 12.16 -48.81
N ALA B 111 -19.02 11.58 -49.99
CA ALA B 111 -20.01 11.28 -51.03
C ALA B 111 -21.13 10.37 -50.51
N SER B 112 -20.75 9.33 -49.73
CA SER B 112 -21.64 8.27 -49.27
C SER B 112 -22.85 8.80 -48.47
N GLY B 113 -22.81 10.10 -48.07
CA GLY B 113 -23.88 10.74 -47.31
C GLY B 113 -24.28 9.98 -46.03
N MET B 114 -23.31 9.27 -45.43
CA MET B 114 -23.52 8.45 -44.25
C MET B 114 -23.50 9.28 -42.95
N VAL B 115 -22.83 10.44 -43.01
CA VAL B 115 -22.58 11.40 -41.92
C VAL B 115 -23.92 11.93 -41.37
N ASP B 116 -24.89 12.10 -42.29
CA ASP B 116 -26.20 12.69 -42.07
C ASP B 116 -27.23 11.61 -41.78
N LYS B 117 -26.93 10.35 -42.13
CA LYS B 117 -27.83 9.22 -41.93
C LYS B 117 -27.75 8.73 -40.48
N VAL B 118 -26.53 8.49 -39.99
CA VAL B 118 -26.31 8.03 -38.62
C VAL B 118 -26.64 9.16 -37.63
N LYS B 119 -27.45 8.81 -36.63
CA LYS B 119 -27.65 9.65 -35.45
C LYS B 119 -27.33 8.80 -34.23
N HIS B 120 -26.69 9.39 -33.23
CA HIS B 120 -26.30 8.69 -32.02
C HIS B 120 -27.34 9.01 -30.95
N THR B 121 -27.75 8.02 -30.15
CA THR B 121 -28.72 8.23 -29.08
C THR B 121 -28.21 9.34 -28.16
N ALA B 122 -29.00 10.42 -28.06
CA ALA B 122 -28.59 11.53 -27.22
C ALA B 122 -29.89 12.09 -26.66
N TYR B 123 -29.91 12.52 -25.38
CA TYR B 123 -31.17 12.88 -24.75
C TYR B 123 -31.22 14.37 -24.54
N PRO B 124 -32.42 14.98 -24.44
CA PRO B 124 -32.48 16.39 -24.05
C PRO B 124 -31.88 16.48 -22.66
N THR B 125 -31.25 17.63 -22.39
CA THR B 125 -30.65 17.85 -21.09
C THR B 125 -31.09 19.19 -20.54
N GLN B 126 -30.95 19.33 -19.23
CA GLN B 126 -31.19 20.61 -18.60
C GLN B 126 -30.19 20.73 -17.45
N GLU B 127 -29.70 21.95 -17.15
CA GLU B 127 -28.90 22.14 -15.95
C GLU B 127 -29.74 22.89 -14.94
N TRP B 128 -29.77 22.43 -13.69
CA TRP B 128 -30.55 23.09 -12.67
C TRP B 128 -30.17 22.56 -11.29
N ALA B 129 -30.02 23.48 -10.33
CA ALA B 129 -29.76 23.21 -8.93
C ALA B 129 -28.55 22.30 -8.80
N GLY B 130 -27.50 22.59 -9.58
CA GLY B 130 -26.20 21.93 -9.50
C GLY B 130 -26.15 20.52 -10.10
N MET B 131 -27.24 20.13 -10.80
CA MET B 131 -27.37 18.84 -11.46
C MET B 131 -27.51 19.00 -12.96
N VAL B 132 -26.91 18.07 -13.70
CA VAL B 132 -27.32 17.85 -15.08
C VAL B 132 -28.54 16.94 -15.10
N TRP B 133 -29.63 17.35 -15.77
CA TRP B 133 -30.78 16.47 -15.88
C TRP B 133 -30.93 16.04 -17.32
N ALA B 134 -31.49 14.82 -17.56
CA ALA B 134 -31.83 14.41 -18.92
C ALA B 134 -33.27 13.88 -18.98
N TYR B 135 -33.79 13.80 -20.20
CA TYR B 135 -35.12 13.25 -20.38
C TYR B 135 -34.91 11.99 -21.20
N MET B 136 -35.10 10.85 -20.54
CA MET B 136 -34.72 9.59 -21.14
C MET B 136 -35.94 8.80 -21.63
N GLY B 137 -37.16 9.35 -21.54
CA GLY B 137 -38.36 8.71 -22.06
C GLY B 137 -38.47 8.82 -23.61
N PRO B 138 -39.53 8.31 -24.27
CA PRO B 138 -39.73 8.59 -25.71
C PRO B 138 -39.73 10.08 -25.94
N LYS B 139 -38.98 10.54 -26.94
CA LYS B 139 -38.73 11.97 -27.07
C LYS B 139 -40.03 12.76 -27.17
N GLU B 140 -41.01 12.23 -27.94
CA GLU B 140 -42.25 12.97 -28.06
C GLU B 140 -42.96 13.13 -26.71
N THR B 141 -42.53 12.40 -25.67
CA THR B 141 -43.17 12.57 -24.38
C THR B 141 -42.48 13.61 -23.50
N MET B 142 -41.50 14.37 -24.02
CA MET B 142 -40.72 15.22 -23.13
C MET B 142 -41.54 16.44 -22.72
N PRO B 143 -41.77 16.68 -21.41
CA PRO B 143 -42.45 17.88 -20.95
C PRO B 143 -41.48 19.03 -20.68
N GLU B 144 -42.06 20.18 -20.36
CA GLU B 144 -41.33 21.36 -20.00
C GLU B 144 -40.58 21.05 -18.71
N PHE B 145 -39.30 21.40 -18.66
CA PHE B 145 -38.59 21.24 -17.42
C PHE B 145 -39.10 22.29 -16.43
N LEU B 146 -39.61 21.87 -15.28
CA LEU B 146 -39.96 22.85 -14.24
C LEU B 146 -39.10 22.65 -13.00
N PRO B 147 -38.89 23.71 -12.20
CA PRO B 147 -38.15 23.58 -10.95
C PRO B 147 -38.73 22.52 -10.01
N PRO B 148 -37.91 21.56 -9.53
CA PRO B 148 -38.37 20.62 -8.51
C PRO B 148 -38.74 21.37 -7.22
N ALA B 149 -39.53 20.68 -6.39
CA ALA B 149 -40.09 21.22 -5.15
C ALA B 149 -38.98 21.70 -4.21
N TRP B 150 -37.75 21.23 -4.49
CA TRP B 150 -36.64 21.38 -3.57
C TRP B 150 -35.59 22.31 -4.17
N ALA B 151 -35.89 22.89 -5.33
CA ALA B 151 -35.01 23.88 -5.91
C ALA B 151 -35.85 24.89 -6.67
N PRO B 152 -36.54 25.78 -5.92
CA PRO B 152 -37.59 26.63 -6.47
C PRO B 152 -37.17 27.60 -7.55
N THR B 153 -35.97 28.20 -7.42
CA THR B 153 -35.49 29.23 -8.34
C THR B 153 -34.01 29.56 -8.12
N ALA B 154 -33.48 30.39 -9.06
CA ALA B 154 -32.05 30.68 -9.15
C ALA B 154 -31.46 31.20 -7.84
N ASP B 155 -32.23 31.94 -7.04
CA ASP B 155 -31.64 32.51 -5.83
C ASP B 155 -31.53 31.48 -4.70
N THR B 156 -31.80 30.20 -4.95
CA THR B 156 -31.74 29.23 -3.86
C THR B 156 -30.32 28.63 -3.76
N ARG B 157 -29.78 28.58 -2.54
CA ARG B 157 -28.58 27.76 -2.40
C ARG B 157 -28.97 26.29 -2.39
N VAL B 158 -28.36 25.52 -3.31
CA VAL B 158 -28.53 24.07 -3.28
C VAL B 158 -27.15 23.37 -3.17
N SER B 159 -26.99 22.66 -2.04
CA SER B 159 -25.76 21.96 -1.75
C SER B 159 -26.03 20.47 -1.73
N ILE B 160 -25.27 19.72 -2.56
CA ILE B 160 -25.59 18.33 -2.84
C ILE B 160 -24.47 17.44 -2.31
N ALA B 161 -24.83 16.40 -1.54
CA ALA B 161 -23.95 15.24 -1.39
C ALA B 161 -24.41 14.18 -2.42
N LYS B 162 -23.48 13.68 -3.25
CA LYS B 162 -23.80 12.59 -4.17
C LYS B 162 -23.03 11.33 -3.75
N VAL B 163 -23.71 10.19 -3.71
CA VAL B 163 -23.05 8.95 -3.29
C VAL B 163 -23.61 7.84 -4.16
N LEU B 164 -22.73 7.03 -4.76
CA LEU B 164 -23.18 5.94 -5.64
C LEU B 164 -23.32 4.75 -4.70
N LEU B 165 -24.55 4.20 -4.55
CA LEU B 165 -24.72 3.15 -3.56
C LEU B 165 -24.97 1.82 -4.27
N PRO B 166 -24.30 0.74 -3.83
CA PRO B 166 -24.51 -0.57 -4.43
C PRO B 166 -25.75 -1.32 -3.94
N CYS B 167 -26.89 -0.64 -3.93
CA CYS B 167 -28.13 -1.38 -3.80
C CYS B 167 -29.21 -0.67 -4.60
N ASN B 168 -30.31 -1.39 -4.78
CA ASN B 168 -31.53 -1.01 -5.45
C ASN B 168 -32.14 0.22 -4.80
N TRP B 169 -32.75 1.09 -5.64
CA TRP B 169 -33.22 2.44 -5.25
C TRP B 169 -34.35 2.38 -4.21
N ALA B 170 -35.18 1.32 -4.23
CA ALA B 170 -36.44 1.38 -3.50
C ALA B 170 -36.13 1.33 -2.02
N GLN B 171 -35.12 0.55 -1.60
CA GLN B 171 -34.84 0.43 -0.16
C GLN B 171 -34.20 1.73 0.37
N ILE B 172 -33.56 2.46 -0.53
CA ILE B 172 -33.03 3.77 -0.15
C ILE B 172 -34.15 4.82 0.05
N LEU B 173 -35.05 4.90 -0.90
CA LEU B 173 -36.20 5.79 -0.78
C LEU B 173 -36.97 5.46 0.50
N GLU B 174 -37.19 4.16 0.76
CA GLU B 174 -37.88 3.76 1.98
C GLU B 174 -37.22 4.39 3.19
N GLY B 175 -35.90 4.36 3.23
CA GLY B 175 -35.20 4.95 4.36
C GLY B 175 -35.49 6.44 4.61
N ALA B 176 -35.95 7.15 3.56
CA ALA B 176 -36.31 8.56 3.72
C ALA B 176 -37.78 8.75 4.19
N ILE B 177 -38.57 7.68 4.24
CA ILE B 177 -39.97 7.85 4.62
C ILE B 177 -40.25 6.98 5.86
N ASP B 178 -39.43 7.17 6.88
CA ASP B 178 -39.26 6.18 7.92
C ASP B 178 -38.90 6.94 9.20
N SER B 179 -39.75 7.92 9.54
CA SER B 179 -39.45 8.86 10.62
C SER B 179 -38.99 8.19 11.93
N ALA B 180 -39.59 7.03 12.27
CA ALA B 180 -39.23 6.35 13.52
C ALA B 180 -37.71 6.06 13.57
N HIS B 181 -37.10 5.75 12.43
CA HIS B 181 -35.67 5.39 12.40
C HIS B 181 -34.75 6.39 13.11
N SER B 182 -34.94 7.71 12.89
CA SER B 182 -34.04 8.72 13.45
C SER B 182 -33.98 8.57 14.97
N SER B 183 -35.10 8.20 15.61
CA SER B 183 -35.16 7.98 17.04
C SER B 183 -34.29 6.81 17.52
N SER B 184 -33.91 5.88 16.64
CA SER B 184 -32.93 4.88 17.07
C SER B 184 -31.56 5.15 16.43
N LEU B 185 -31.45 4.74 15.14
CA LEU B 185 -30.30 4.87 14.26
C LEU B 185 -29.60 6.18 14.52
N HIS B 186 -30.35 7.30 14.56
CA HIS B 186 -29.63 8.56 14.54
C HIS B 186 -29.70 9.23 15.92
N SER B 187 -30.01 8.46 16.93
CA SER B 187 -30.22 9.06 18.23
C SER B 187 -28.93 9.69 18.77
N SER B 188 -27.74 9.36 18.23
CA SER B 188 -26.59 10.11 18.73
C SER B 188 -26.32 11.33 17.86
N ASP B 189 -27.22 11.67 16.92
CA ASP B 189 -26.91 12.78 16.03
C ASP B 189 -28.04 13.82 16.08
N MET B 190 -28.67 14.02 17.23
CA MET B 190 -29.72 15.04 17.34
C MET B 190 -29.07 16.37 17.72
N ARG B 207 -33.94 18.00 19.72
CA ARG B 207 -35.29 18.40 19.25
C ARG B 207 -36.27 18.62 20.42
N PRO B 208 -37.53 18.99 20.13
CA PRO B 208 -38.58 19.12 21.15
C PRO B 208 -39.34 17.84 21.49
N SER B 209 -38.71 16.67 21.28
CA SER B 209 -39.36 15.44 21.72
C SER B 209 -38.37 14.34 22.07
N THR B 210 -38.79 13.40 22.92
CA THR B 210 -37.97 12.22 23.14
C THR B 210 -38.80 10.98 22.76
N ASP B 211 -39.98 11.24 22.22
CA ASP B 211 -40.85 10.17 21.75
C ASP B 211 -40.17 9.40 20.59
N LYS B 212 -39.86 8.10 20.84
CA LYS B 212 -39.28 7.21 19.83
C LYS B 212 -40.36 6.48 18.99
N ALA B 213 -41.64 6.59 19.39
CA ALA B 213 -42.71 5.82 18.75
C ALA B 213 -43.75 6.75 18.11
N PRO B 214 -43.42 7.47 17.03
CA PRO B 214 -44.38 8.46 16.51
C PRO B 214 -45.65 7.76 16.06
N ARG B 215 -46.82 8.44 16.11
CA ARG B 215 -48.00 7.94 15.40
C ARG B 215 -47.90 8.45 13.96
N MET B 216 -48.37 7.63 13.00
CA MET B 216 -48.09 7.90 11.60
C MET B 216 -49.40 8.23 10.88
N GLN B 217 -49.40 9.20 9.94
CA GLN B 217 -50.60 9.30 9.11
C GLN B 217 -50.24 9.68 7.68
N VAL B 218 -51.04 9.20 6.74
CA VAL B 218 -50.68 9.39 5.34
C VAL B 218 -51.74 10.23 4.64
N GLN B 219 -51.37 10.97 3.59
CA GLN B 219 -52.36 11.56 2.71
C GLN B 219 -51.91 11.49 1.25
N ARG B 220 -52.63 10.68 0.47
CA ARG B 220 -52.25 10.37 -0.90
C ARG B 220 -52.45 11.63 -1.70
N THR B 221 -51.65 11.82 -2.76
CA THR B 221 -51.85 12.98 -3.63
C THR B 221 -51.67 12.48 -5.05
N GLY B 222 -51.77 13.38 -6.02
CA GLY B 222 -51.63 12.96 -7.38
C GLY B 222 -50.14 12.77 -7.75
N TYR B 223 -49.23 13.23 -6.89
CA TYR B 223 -47.83 13.21 -7.28
C TYR B 223 -47.06 12.28 -6.36
N GLY B 224 -47.76 11.72 -5.37
CA GLY B 224 -47.16 10.81 -4.42
C GLY B 224 -47.97 10.77 -3.14
N PHE B 225 -47.36 11.17 -2.00
CA PHE B 225 -48.20 11.36 -0.82
C PHE B 225 -47.45 12.24 0.17
N ARG B 226 -48.16 12.77 1.17
CA ARG B 226 -47.49 13.42 2.29
C ARG B 226 -47.75 12.52 3.49
N TYR B 227 -46.92 12.56 4.50
CA TYR B 227 -47.24 11.83 5.71
C TYR B 227 -46.76 12.66 6.90
N ALA B 228 -47.33 12.36 8.06
CA ALA B 228 -46.96 13.05 9.25
C ALA B 228 -46.58 11.99 10.27
N ALA B 229 -45.49 12.25 11.02
CA ALA B 229 -45.24 11.45 12.20
C ALA B 229 -45.58 12.36 13.38
N LEU B 230 -46.38 11.82 14.31
CA LEU B 230 -46.83 12.58 15.46
C LEU B 230 -46.16 12.09 16.75
N ARG B 231 -45.48 12.99 17.43
CA ARG B 231 -44.74 12.61 18.65
C ARG B 231 -45.25 13.48 19.79
N ARG B 232 -45.34 12.92 21.02
CA ARG B 232 -45.49 13.72 22.21
C ARG B 232 -44.35 14.73 22.34
N PRO B 233 -44.62 16.05 22.40
CA PRO B 233 -43.58 17.04 22.71
C PRO B 233 -43.18 16.98 24.19
N LEU B 234 -42.10 17.69 24.53
CA LEU B 234 -41.53 17.73 25.86
C LEU B 234 -42.42 18.54 26.81
N SER B 235 -43.07 19.63 26.36
CA SER B 235 -44.10 20.27 27.17
C SER B 235 -45.41 20.46 26.39
N ASN B 236 -46.53 20.35 27.12
CA ASN B 236 -47.91 20.53 26.67
C ASN B 236 -48.29 19.52 25.59
N ALA B 237 -47.91 18.26 25.82
CA ALA B 237 -48.40 17.14 25.04
C ALA B 237 -49.84 16.88 25.39
N ALA B 238 -50.34 17.60 26.40
CA ALA B 238 -51.78 17.72 26.66
C ALA B 238 -52.50 18.15 25.38
N GLU B 239 -52.20 19.35 24.86
CA GLU B 239 -52.95 19.92 23.75
C GLU B 239 -52.20 19.84 22.41
N ASN B 240 -50.95 19.35 22.41
CA ASN B 240 -50.10 19.49 21.22
C ASN B 240 -49.42 18.19 20.85
N ASP B 241 -49.15 18.06 19.54
CA ASP B 241 -48.23 17.06 19.03
C ASP B 241 -47.00 17.74 18.46
N TYR B 242 -45.91 16.98 18.35
CA TYR B 242 -44.81 17.47 17.55
C TYR B 242 -44.90 16.80 16.19
N VAL B 243 -45.11 17.60 15.16
CA VAL B 243 -45.41 17.01 13.86
C VAL B 243 -44.18 17.15 12.96
N ARG B 244 -43.71 16.03 12.39
CA ARG B 244 -42.74 16.09 11.31
C ARG B 244 -43.43 15.53 10.09
N SER B 245 -43.48 16.31 9.01
CA SER B 245 -44.16 15.83 7.84
C SER B 245 -43.17 15.79 6.69
N THR B 246 -43.23 14.66 5.95
CA THR B 246 -42.38 14.32 4.82
C THR B 246 -43.28 14.23 3.61
N VAL B 247 -42.70 14.44 2.44
CA VAL B 247 -43.45 14.32 1.21
C VAL B 247 -42.69 13.37 0.30
N PHE B 248 -43.37 12.30 -0.11
CA PHE B 248 -42.93 11.46 -1.20
C PHE B 248 -43.37 12.08 -2.52
N VAL B 249 -42.42 12.43 -3.38
CA VAL B 249 -42.72 12.84 -4.73
C VAL B 249 -42.31 11.69 -5.66
N ALA B 250 -43.26 10.94 -6.22
CA ALA B 250 -42.97 9.79 -7.07
C ALA B 250 -42.09 10.22 -8.23
N PRO B 251 -41.21 9.35 -8.76
CA PRO B 251 -41.01 7.98 -8.26
C PRO B 251 -40.11 7.73 -7.04
N ALA B 252 -39.20 8.66 -6.73
CA ALA B 252 -38.09 8.29 -5.85
C ALA B 252 -37.45 9.52 -5.17
N THR B 253 -38.27 10.52 -4.86
CA THR B 253 -37.83 11.73 -4.17
C THR B 253 -38.56 11.84 -2.84
N ALA B 254 -37.85 12.23 -1.80
CA ALA B 254 -38.43 12.56 -0.51
C ALA B 254 -38.07 13.97 -0.11
N LEU B 255 -39.08 14.81 0.16
CA LEU B 255 -38.83 16.10 0.80
C LEU B 255 -38.88 15.79 2.29
N ILE B 256 -37.75 15.91 2.96
CA ILE B 256 -37.60 15.42 4.30
C ILE B 256 -37.83 16.62 5.20
N PRO B 257 -38.23 16.44 6.48
CA PRO B 257 -38.51 17.58 7.32
C PRO B 257 -37.28 18.50 7.41
N PRO B 258 -37.45 19.83 7.35
CA PRO B 258 -36.33 20.75 7.50
C PRO B 258 -35.94 20.89 8.96
N ASN B 259 -34.82 21.60 9.17
CA ASN B 259 -34.44 22.12 10.47
C ASN B 259 -34.98 23.55 10.46
N ASN B 260 -34.51 24.39 11.40
CA ASN B 260 -34.95 25.77 11.51
C ASN B 260 -34.21 26.69 10.57
N LEU B 261 -33.06 26.25 10.02
CA LEU B 261 -32.34 27.13 9.12
C LEU B 261 -32.57 26.79 7.64
N TYR B 262 -32.71 25.47 7.28
CA TYR B 262 -32.73 25.13 5.87
C TYR B 262 -33.48 23.82 5.63
N ASN B 263 -33.68 23.52 4.35
CA ASN B 263 -34.48 22.42 3.87
C ASN B 263 -33.55 21.26 3.50
N VAL B 264 -34.13 20.06 3.45
CA VAL B 264 -33.39 18.86 3.11
C VAL B 264 -34.26 18.01 2.17
N ALA B 265 -33.63 17.50 1.11
CA ALA B 265 -34.32 16.70 0.13
C ALA B 265 -33.45 15.53 -0.28
N ASN B 266 -34.06 14.48 -0.86
CA ASN B 266 -33.38 13.24 -1.23
C ASN B 266 -33.91 12.86 -2.61
N ILE B 267 -33.09 12.85 -3.65
CA ILE B 267 -33.57 12.28 -4.89
C ILE B 267 -32.64 11.09 -5.17
N ASN B 268 -33.24 9.94 -5.60
CA ASN B 268 -32.51 8.71 -5.87
C ASN B 268 -32.70 8.40 -7.34
N VAL B 269 -31.61 8.09 -8.06
CA VAL B 269 -31.74 7.70 -9.45
C VAL B 269 -31.23 6.28 -9.61
N PRO B 270 -32.04 5.31 -10.08
CA PRO B 270 -31.48 3.99 -10.29
C PRO B 270 -30.40 4.04 -11.37
N MET B 271 -29.21 3.55 -11.07
CA MET B 271 -28.22 3.37 -12.11
C MET B 271 -28.55 2.11 -12.92
N ASP B 272 -28.85 1.03 -12.18
CA ASP B 272 -29.38 -0.19 -12.71
C ASP B 272 -30.12 -0.88 -11.57
N ASP B 273 -30.41 -2.18 -11.73
CA ASP B 273 -31.24 -2.89 -10.76
C ASP B 273 -30.67 -2.93 -9.34
N THR B 274 -29.34 -2.82 -9.22
CA THR B 274 -28.71 -3.05 -7.94
C THR B 274 -27.79 -1.88 -7.57
N ASN B 275 -27.91 -0.72 -8.29
CA ASN B 275 -27.07 0.44 -8.00
C ASN B 275 -27.91 1.74 -8.13
N THR B 276 -27.61 2.75 -7.29
CA THR B 276 -28.37 3.97 -7.23
C THR B 276 -27.46 5.17 -6.99
N ALA B 277 -27.65 6.24 -7.78
CA ALA B 277 -27.11 7.55 -7.46
C ALA B 277 -28.03 8.21 -6.44
N PHE B 278 -27.50 8.45 -5.25
CA PHE B 278 -28.19 9.01 -4.09
C PHE B 278 -27.78 10.49 -3.96
N TYR B 279 -28.74 11.41 -4.09
CA TYR B 279 -28.44 12.83 -3.97
C TYR B 279 -29.11 13.31 -2.70
N PHE B 280 -28.27 13.81 -1.78
CA PHE B 280 -28.78 14.26 -0.50
C PHE B 280 -28.50 15.74 -0.40
N ILE B 281 -29.57 16.55 -0.28
CA ILE B 281 -29.49 17.94 -0.66
C ILE B 281 -29.88 18.85 0.53
N ALA B 282 -29.02 19.83 0.85
CA ALA B 282 -29.38 20.95 1.71
C ALA B 282 -29.76 22.15 0.84
N TRP B 283 -30.88 22.78 1.18
CA TRP B 283 -31.36 23.83 0.29
C TRP B 283 -32.10 24.93 1.04
N GLY B 284 -31.94 26.15 0.52
CA GLY B 284 -32.56 27.29 1.15
C GLY B 284 -31.85 28.58 0.83
N HIS B 285 -32.00 29.53 1.76
CA HIS B 285 -31.40 30.84 1.58
C HIS B 285 -29.89 30.75 1.88
N PRO B 286 -29.05 31.37 1.03
CA PRO B 286 -27.59 31.24 1.11
C PRO B 286 -27.05 31.71 2.44
N SER B 287 -27.78 32.59 3.13
CA SER B 287 -27.20 33.04 4.38
C SER B 287 -27.51 32.03 5.48
N GLN B 288 -28.30 30.99 5.17
CA GLN B 288 -28.75 30.11 6.24
C GLN B 288 -28.44 28.65 5.92
N THR B 289 -27.85 28.38 4.75
CA THR B 289 -27.73 27.04 4.21
C THR B 289 -26.26 26.76 4.00
N PRO B 290 -25.68 25.62 4.44
CA PRO B 290 -24.26 25.40 4.29
C PRO B 290 -23.87 25.28 2.82
N GLU B 291 -22.58 25.57 2.53
CA GLU B 291 -21.96 25.37 1.22
C GLU B 291 -21.77 23.89 0.95
N THR B 292 -21.55 23.53 -0.32
CA THR B 292 -21.37 22.13 -0.69
C THR B 292 -20.36 21.39 0.21
N GLU B 293 -19.20 21.98 0.55
CA GLU B 293 -18.14 21.22 1.21
C GLU B 293 -18.41 21.13 2.72
N THR B 294 -19.05 22.18 3.26
CA THR B 294 -19.51 22.16 4.66
C THR B 294 -20.53 21.03 4.85
N TRP B 295 -21.49 20.97 3.91
CA TRP B 295 -22.54 19.93 3.96
C TRP B 295 -21.89 18.54 3.88
N ARG B 296 -20.97 18.38 2.91
CA ARG B 296 -20.35 17.06 2.69
C ARG B 296 -19.58 16.65 3.93
N LYS B 297 -18.89 17.64 4.53
CA LYS B 297 -18.12 17.32 5.71
C LYS B 297 -19.05 16.91 6.85
N PHE B 298 -20.13 17.69 7.05
CA PHE B 298 -21.05 17.41 8.12
C PHE B 298 -21.63 15.97 7.97
N LEU B 299 -21.90 15.56 6.72
CA LEU B 299 -22.49 14.24 6.46
C LEU B 299 -21.46 13.11 6.38
N ARG B 300 -20.16 13.43 6.39
CA ARG B 300 -19.08 12.52 6.03
C ARG B 300 -19.31 11.96 4.63
N GLN B 301 -19.40 12.85 3.63
CA GLN B 301 -19.54 12.45 2.23
C GLN B 301 -18.56 13.23 1.37
N THR B 302 -17.36 13.48 1.93
CA THR B 302 -16.31 14.24 1.24
C THR B 302 -15.58 13.37 0.21
N VAL B 303 -15.55 13.87 -1.01
CA VAL B 303 -14.77 13.18 -2.01
C VAL B 303 -13.31 13.23 -1.56
N GLY B 304 -12.68 12.04 -1.51
CA GLY B 304 -11.26 12.03 -1.27
C GLY B 304 -11.03 11.63 0.18
N VAL B 305 -12.12 11.65 0.98
CA VAL B 305 -12.04 11.34 2.39
C VAL B 305 -12.97 10.17 2.68
N ASP B 306 -14.27 10.37 2.44
CA ASP B 306 -15.26 9.31 2.62
C ASP B 306 -15.56 8.59 1.30
N LEU B 307 -15.46 9.26 0.15
CA LEU B 307 -15.80 8.68 -1.12
C LEU B 307 -14.53 8.70 -2.00
N ASP B 308 -14.46 7.80 -2.99
CA ASP B 308 -13.38 7.83 -3.97
C ASP B 308 -13.78 8.87 -5.01
N GLN B 309 -13.09 8.93 -6.15
CA GLN B 309 -13.30 10.09 -7.02
C GLN B 309 -14.58 9.92 -7.82
N ASN B 310 -15.17 8.72 -7.76
CA ASN B 310 -16.40 8.47 -8.53
C ASN B 310 -17.57 8.54 -7.58
N TYR B 311 -17.32 9.06 -6.37
CA TYR B 311 -18.32 9.21 -5.31
C TYR B 311 -18.83 7.85 -4.81
N ARG B 312 -17.97 6.85 -4.87
CA ARG B 312 -18.29 5.62 -4.17
C ARG B 312 -17.73 5.60 -2.76
N PRO B 313 -18.51 5.10 -1.80
CA PRO B 313 -18.12 5.16 -0.41
C PRO B 313 -16.95 4.22 -0.17
N LEU B 314 -15.98 4.64 0.63
CA LEU B 314 -14.92 3.74 1.08
C LEU B 314 -15.45 2.94 2.27
N ARG B 315 -16.49 3.47 2.96
CA ARG B 315 -17.16 2.62 3.93
C ARG B 315 -17.89 1.49 3.20
N ASN B 316 -17.77 0.27 3.72
CA ASN B 316 -18.34 -0.88 3.06
C ASN B 316 -18.47 -2.05 4.04
N GLU B 317 -19.12 -3.13 3.59
CA GLU B 317 -19.33 -4.25 4.50
C GLU B 317 -18.02 -4.90 4.94
N ALA B 318 -17.03 -5.02 4.05
CA ALA B 318 -15.75 -5.61 4.47
C ALA B 318 -15.11 -4.79 5.60
N ASN B 319 -15.29 -3.45 5.62
CA ASN B 319 -14.73 -2.76 6.79
C ASN B 319 -15.82 -2.41 7.82
N LYS B 320 -17.05 -2.97 7.69
CA LYS B 320 -18.11 -2.69 8.67
C LYS B 320 -18.46 -1.21 8.76
N PHE B 321 -18.35 -0.52 7.62
CA PHE B 321 -18.64 0.88 7.53
C PHE B 321 -17.82 1.67 8.56
N TRP B 322 -16.64 1.16 8.98
CA TRP B 322 -15.75 1.77 9.97
C TRP B 322 -16.45 1.85 11.32
N GLN B 323 -17.43 0.99 11.53
CA GLN B 323 -18.08 0.98 12.82
C GLN B 323 -17.03 0.87 13.92
N ASP B 324 -17.09 1.80 14.86
CA ASP B 324 -16.17 1.81 15.97
C ASP B 324 -16.86 1.26 17.23
N ARG B 325 -16.46 0.06 17.64
CA ARG B 325 -17.14 -0.62 18.72
C ARG B 325 -16.85 0.04 20.07
N ASN B 326 -15.63 0.62 20.22
CA ASN B 326 -15.34 1.34 21.46
C ASN B 326 -16.21 2.59 21.56
N ALA B 327 -16.46 3.26 20.43
CA ALA B 327 -17.28 4.45 20.49
C ALA B 327 -18.64 4.00 21.00
N MET B 328 -19.10 2.82 20.49
CA MET B 328 -20.41 2.32 20.92
C MET B 328 -20.46 2.02 22.42
N LYS B 329 -19.43 1.36 22.95
CA LYS B 329 -19.36 1.13 24.39
C LYS B 329 -19.29 2.47 25.11
N ALA B 330 -18.73 3.51 24.48
CA ALA B 330 -18.66 4.78 25.19
C ALA B 330 -20.00 5.53 25.15
N GLY B 331 -21.04 4.96 24.54
CA GLY B 331 -22.36 5.58 24.53
C GLY B 331 -22.80 6.16 23.18
N ASN B 332 -22.00 6.06 22.10
CA ASN B 332 -22.43 6.55 20.80
C ASN B 332 -23.25 5.43 20.16
N PHE B 333 -24.40 5.76 19.53
CA PHE B 333 -25.39 4.73 19.24
C PHE B 333 -24.91 3.69 18.22
N THR B 334 -24.40 4.16 17.05
CA THR B 334 -24.05 3.26 15.97
C THR B 334 -22.54 3.06 15.83
N GLY B 335 -21.74 3.98 16.41
CA GLY B 335 -20.31 4.02 16.20
C GLY B 335 -19.96 4.20 14.73
N ILE B 336 -20.90 4.70 13.91
CA ILE B 336 -20.61 5.00 12.52
C ILE B 336 -20.72 6.51 12.33
N THR B 337 -19.79 7.15 11.59
CA THR B 337 -19.78 8.62 11.60
C THR B 337 -20.43 9.13 10.31
N GLY B 338 -21.21 10.23 10.46
CA GLY B 338 -21.97 10.81 9.37
C GLY B 338 -23.33 10.11 9.30
N PHE B 339 -24.44 10.83 9.62
CA PHE B 339 -25.70 10.11 9.81
C PHE B 339 -26.13 9.37 8.54
N PRO B 340 -25.91 9.89 7.32
CA PRO B 340 -26.19 9.08 6.13
C PRO B 340 -25.39 7.76 6.06
N ASN B 341 -24.19 7.75 6.64
CA ASN B 341 -23.45 6.50 6.61
C ASN B 341 -24.13 5.47 7.53
N GLN B 342 -24.77 5.95 8.63
CA GLN B 342 -25.62 5.08 9.47
C GLN B 342 -26.74 4.44 8.64
N ASP B 343 -27.38 5.27 7.80
CA ASP B 343 -28.41 4.81 6.86
C ASP B 343 -27.89 3.78 5.87
N VAL B 344 -26.77 4.12 5.24
CA VAL B 344 -26.18 3.26 4.22
C VAL B 344 -25.86 1.89 4.83
N ALA B 345 -25.32 1.85 6.02
CA ALA B 345 -24.99 0.53 6.60
C ALA B 345 -26.25 -0.37 6.62
N MET B 346 -27.40 0.20 7.06
CA MET B 346 -28.67 -0.52 7.14
C MET B 346 -29.12 -0.97 5.75
N TRP B 347 -29.16 -0.07 4.79
CA TRP B 347 -29.62 -0.37 3.42
C TRP B 347 -28.81 -1.44 2.76
N LEU B 348 -27.47 -1.29 2.78
CA LEU B 348 -26.60 -2.22 2.07
C LEU B 348 -26.63 -3.61 2.70
N THR B 349 -26.80 -3.72 4.02
CA THR B 349 -26.86 -5.04 4.64
C THR B 349 -28.15 -5.82 4.32
N MET B 350 -29.23 -5.18 3.81
CA MET B 350 -30.41 -5.90 3.34
C MET B 350 -30.16 -6.63 2.02
N GLY B 351 -28.96 -6.51 1.45
CA GLY B 351 -28.76 -7.10 0.14
C GLY B 351 -28.95 -6.07 -0.99
N PRO B 352 -28.42 -6.40 -2.18
CA PRO B 352 -28.50 -5.49 -3.32
C PRO B 352 -29.93 -5.15 -3.77
N ILE B 353 -30.86 -6.09 -3.61
CA ILE B 353 -32.28 -5.75 -3.71
C ILE B 353 -32.95 -6.30 -2.48
N ALA B 354 -33.49 -5.42 -1.64
CA ALA B 354 -33.98 -5.93 -0.36
C ALA B 354 -35.15 -6.85 -0.70
N ASP B 355 -35.30 -7.89 0.13
CA ASP B 355 -36.34 -8.90 -0.03
C ASP B 355 -37.57 -8.59 0.84
N ARG B 356 -38.51 -7.85 0.27
CA ARG B 356 -39.72 -7.37 0.93
C ARG B 356 -40.65 -8.56 1.26
N THR B 357 -40.31 -9.75 0.82
CA THR B 357 -41.14 -10.94 0.98
C THR B 357 -40.94 -11.51 2.37
N HIS B 358 -39.99 -10.92 3.12
CA HIS B 358 -39.53 -11.41 4.42
C HIS B 358 -39.50 -10.31 5.47
N ASP B 359 -40.25 -9.24 5.24
CA ASP B 359 -40.29 -8.09 6.13
C ASP B 359 -41.32 -8.41 7.20
N ARG B 360 -41.18 -7.87 8.40
CA ARG B 360 -42.30 -7.87 9.33
C ARG B 360 -42.64 -6.44 9.74
N LEU B 361 -43.48 -5.75 8.97
CA LEU B 361 -43.68 -4.33 9.17
C LEU B 361 -44.59 -4.09 10.35
N GLY B 362 -44.42 -2.94 11.03
CA GLY B 362 -45.37 -2.52 12.07
C GLY B 362 -45.91 -1.12 11.78
N ALA B 363 -46.39 -0.45 12.83
CA ALA B 363 -47.01 0.87 12.78
C ALA B 363 -46.01 1.90 12.22
N SER B 364 -44.73 1.69 12.52
CA SER B 364 -43.73 2.68 12.12
C SER B 364 -43.57 2.64 10.61
N ASP B 365 -44.04 1.57 9.96
CA ASP B 365 -43.81 1.44 8.54
C ASP B 365 -45.00 1.92 7.70
N LEU B 366 -45.94 2.69 8.29
CA LEU B 366 -47.11 3.13 7.52
C LEU B 366 -46.73 3.81 6.20
N ALA B 367 -45.75 4.71 6.20
CA ALA B 367 -45.47 5.43 4.95
C ALA B 367 -44.84 4.51 3.90
N ILE B 368 -43.96 3.60 4.35
CA ILE B 368 -43.32 2.67 3.43
C ILE B 368 -44.36 1.75 2.81
N VAL B 369 -45.30 1.28 3.61
CA VAL B 369 -46.46 0.55 3.07
C VAL B 369 -47.21 1.38 2.00
N GLU B 370 -47.51 2.64 2.29
CA GLU B 370 -48.18 3.51 1.32
C GLU B 370 -47.41 3.66 0.01
N PHE B 371 -46.07 3.79 0.15
CA PHE B 371 -45.18 3.89 -0.99
C PHE B 371 -45.20 2.60 -1.79
N ARG B 372 -45.12 1.47 -1.10
CA ARG B 372 -45.17 0.18 -1.78
C ARG B 372 -46.47 0.01 -2.59
N LYS B 373 -47.62 0.32 -1.98
CA LYS B 373 -48.90 0.16 -2.65
C LYS B 373 -49.02 1.16 -3.81
N GLN B 374 -48.65 2.42 -3.54
CA GLN B 374 -48.83 3.44 -4.55
C GLN B 374 -47.94 3.14 -5.74
N MET B 375 -46.67 2.77 -5.47
CA MET B 375 -45.81 2.62 -6.63
C MET B 375 -46.15 1.32 -7.36
N LEU B 376 -46.59 0.28 -6.63
CA LEU B 376 -47.03 -0.91 -7.33
C LEU B 376 -48.21 -0.60 -8.25
N ASP B 377 -49.19 0.17 -7.73
CA ASP B 377 -50.38 0.50 -8.51
C ASP B 377 -50.01 1.40 -9.70
N ALA B 378 -49.09 2.35 -9.45
CA ALA B 378 -48.75 3.29 -10.51
C ALA B 378 -48.08 2.53 -11.67
N VAL B 379 -47.24 1.54 -11.36
CA VAL B 379 -46.49 0.87 -12.41
C VAL B 379 -47.41 -0.13 -13.15
N LYS B 380 -48.27 -0.83 -12.38
CA LYS B 380 -49.36 -1.64 -12.96
C LYS B 380 -50.28 -0.78 -13.85
N ALA B 381 -50.71 0.38 -13.37
CA ALA B 381 -51.52 1.27 -14.19
C ALA B 381 -50.78 1.69 -15.46
N PHE B 382 -49.50 2.10 -15.28
CA PHE B 382 -48.64 2.54 -16.38
C PHE B 382 -48.46 1.42 -17.40
N GLU B 383 -48.20 0.19 -16.94
CA GLU B 383 -48.12 -0.96 -17.83
C GLU B 383 -49.39 -1.07 -18.66
N GLN B 384 -50.55 -0.81 -18.04
CA GLN B 384 -51.84 -0.97 -18.71
C GLN B 384 -52.19 0.33 -19.39
N GLY B 385 -51.28 1.32 -19.32
CA GLY B 385 -51.40 2.40 -20.28
C GLY B 385 -51.90 3.69 -19.66
N ALA B 386 -51.98 3.74 -18.33
CA ALA B 386 -52.24 5.05 -17.75
C ALA B 386 -51.02 5.94 -17.93
N PRO B 387 -51.18 7.27 -17.88
CA PRO B 387 -50.03 8.16 -17.68
C PRO B 387 -49.21 7.84 -16.41
N ALA B 388 -47.89 8.06 -16.46
CA ALA B 388 -47.02 7.84 -15.32
C ALA B 388 -47.41 8.77 -14.17
N ILE B 389 -47.42 8.21 -12.96
CA ILE B 389 -47.72 9.00 -11.76
C ILE B 389 -46.87 10.26 -11.72
N GLY B 390 -47.54 11.40 -11.47
CA GLY B 390 -46.89 12.66 -11.17
C GLY B 390 -46.46 13.44 -12.42
N THR B 391 -46.88 12.93 -13.56
CA THR B 391 -46.65 13.68 -14.79
C THR B 391 -47.82 14.64 -15.03
N GLY B 392 -47.49 15.61 -15.89
CA GLY B 392 -48.41 16.67 -16.29
C GLY B 392 -48.99 17.47 -15.13
N VAL B 393 -50.32 17.52 -15.13
CA VAL B 393 -51.08 18.45 -14.33
C VAL B 393 -50.93 18.07 -12.85
N GLU B 394 -50.43 16.85 -12.60
CA GLU B 394 -50.43 16.26 -11.27
C GLU B 394 -49.11 16.49 -10.53
N ALA B 395 -48.15 17.19 -11.18
CA ALA B 395 -46.76 17.33 -10.73
C ALA B 395 -46.66 18.16 -9.46
N ALA B 396 -45.81 17.73 -8.50
CA ALA B 396 -45.44 18.62 -7.40
C ALA B 396 -44.73 19.87 -7.97
N THR B 397 -44.94 21.02 -7.30
CA THR B 397 -44.24 22.27 -7.55
C THR B 397 -43.62 22.68 -6.22
N PRO B 398 -42.85 23.81 -6.12
CA PRO B 398 -42.45 24.36 -4.80
C PRO B 398 -43.50 24.62 -3.70
N THR B 399 -44.81 24.64 -4.06
CA THR B 399 -45.85 24.79 -3.04
C THR B 399 -45.92 23.56 -2.12
N VAL B 400 -45.53 22.40 -2.65
CA VAL B 400 -45.46 21.20 -1.84
C VAL B 400 -44.20 21.31 -0.97
N CYS B 401 -44.32 21.01 0.33
CA CYS B 401 -43.09 21.03 1.11
C CYS B 401 -43.31 20.21 2.36
N SER B 402 -42.20 19.76 2.91
CA SER B 402 -42.21 19.10 4.19
C SER B 402 -42.13 20.19 5.25
N PHE B 403 -42.31 19.81 6.53
CA PHE B 403 -42.22 20.78 7.61
C PHE B 403 -42.14 20.05 8.94
N GLN B 404 -41.80 20.79 10.00
CA GLN B 404 -41.81 20.24 11.35
C GLN B 404 -42.31 21.32 12.31
N ALA B 405 -43.34 20.99 13.08
CA ALA B 405 -43.91 22.01 13.96
C ALA B 405 -44.66 21.39 15.12
N ILE B 406 -44.69 22.12 16.23
CA ILE B 406 -45.71 21.94 17.27
C ILE B 406 -47.09 22.31 16.71
N VAL B 407 -48.03 21.35 16.72
CA VAL B 407 -49.35 21.58 16.16
C VAL B 407 -50.36 21.22 17.24
N PRO B 408 -51.43 22.03 17.49
CA PRO B 408 -52.53 21.59 18.37
C PRO B 408 -53.20 20.32 17.84
N LYS B 409 -53.42 19.34 18.75
CA LYS B 409 -54.23 18.18 18.45
C LYS B 409 -55.56 18.57 17.78
N THR B 410 -56.12 19.73 18.11
CA THR B 410 -57.38 20.12 17.47
C THR B 410 -57.14 20.49 16.00
N THR B 411 -55.89 20.64 15.57
CA THR B 411 -55.62 20.95 14.18
C THR B 411 -55.33 19.68 13.38
N ASP B 412 -55.92 19.62 12.20
CA ASP B 412 -55.52 18.60 11.26
C ASP B 412 -54.16 19.00 10.69
N TRP B 413 -53.11 18.17 10.92
CA TRP B 413 -51.81 18.43 10.29
C TRP B 413 -51.92 18.61 8.77
N ARG B 414 -52.90 17.98 8.14
CA ARG B 414 -53.09 18.13 6.70
C ARG B 414 -53.51 19.53 6.33
N THR B 415 -53.90 20.36 7.32
CA THR B 415 -54.33 21.70 6.95
C THR B 415 -53.22 22.68 7.30
N TYR B 416 -52.21 22.19 7.99
CA TYR B 416 -51.16 23.06 8.52
C TYR B 416 -50.51 23.79 7.35
N ASP B 417 -50.41 25.11 7.40
CA ASP B 417 -50.11 25.87 6.19
C ASP B 417 -48.61 26.10 6.03
N ALA B 418 -47.84 25.05 5.67
CA ALA B 418 -46.39 25.15 5.77
C ALA B 418 -45.80 25.75 4.51
N HIS B 419 -44.73 26.52 4.69
CA HIS B 419 -43.92 26.92 3.55
C HIS B 419 -42.52 26.37 3.73
N TYR B 420 -41.74 26.23 2.65
CA TYR B 420 -40.35 25.83 2.91
C TYR B 420 -39.62 26.87 3.78
N VAL B 421 -38.59 26.43 4.50
CA VAL B 421 -37.78 27.26 5.38
C VAL B 421 -37.01 28.26 4.51
N TRP B 422 -36.82 29.48 5.01
CA TRP B 422 -36.22 30.46 4.13
C TRP B 422 -35.35 31.41 4.93
N LEU B 423 -35.95 32.52 5.36
CA LEU B 423 -35.18 33.59 5.98
C LEU B 423 -35.90 34.11 7.23
N ASP B 424 -35.23 33.90 8.38
CA ASP B 424 -35.57 34.43 9.69
C ASP B 424 -36.91 33.85 10.15
N GLY B 425 -37.02 32.52 10.04
CA GLY B 425 -38.21 31.76 10.40
C GLY B 425 -39.45 32.26 9.67
N GLN B 426 -39.25 32.85 8.48
CA GLN B 426 -40.34 33.38 7.68
C GLN B 426 -40.25 32.85 6.26
N ASP B 427 -41.38 33.04 5.53
CA ASP B 427 -41.59 32.68 4.14
C ASP B 427 -40.88 33.66 3.19
N ARG B 428 -41.28 33.60 1.92
CA ARG B 428 -40.74 34.39 0.81
C ARG B 428 -40.73 35.88 1.16
N MET C 1 49.35 1.15 5.57
CA MET C 1 48.08 1.45 6.31
C MET C 1 47.63 2.89 6.08
N MET C 2 46.48 3.12 5.41
CA MET C 2 46.03 4.50 5.27
C MET C 2 45.67 5.10 6.63
N THR C 3 45.81 6.43 6.72
CA THR C 3 45.35 7.17 7.87
C THR C 3 43.97 7.76 7.62
N HIS C 4 43.26 8.12 8.72
CA HIS C 4 41.96 8.77 8.59
CA HIS C 4 41.98 8.80 8.64
C HIS C 4 42.08 9.93 7.62
N GLU C 5 43.18 10.69 7.72
CA GLU C 5 43.30 11.94 6.99
C GLU C 5 43.48 11.67 5.50
N GLU C 6 44.27 10.68 5.16
CA GLU C 6 44.41 10.23 3.78
C GLU C 6 43.05 9.75 3.22
N ASN C 7 42.30 9.00 4.02
CA ASN C 7 40.98 8.52 3.59
C ASN C 7 40.11 9.70 3.17
N GLU C 8 40.17 10.79 3.94
CA GLU C 8 39.30 11.92 3.73
C GLU C 8 39.76 12.59 2.45
N LEU C 9 41.10 12.71 2.34
CA LEU C 9 41.69 13.40 1.20
C LEU C 9 41.31 12.66 -0.09
N LEU C 10 41.47 11.33 -0.05
CA LEU C 10 41.10 10.49 -1.17
C LEU C 10 39.61 10.63 -1.51
N CYS C 11 38.73 10.62 -0.50
CA CYS C 11 37.31 10.42 -0.76
C CYS C 11 36.51 11.73 -0.87
N ARG C 12 36.86 12.80 -0.14
CA ARG C 12 35.94 13.93 -0.15
C ARG C 12 36.05 14.81 -1.40
N VAL C 13 34.91 15.30 -1.87
CA VAL C 13 34.89 16.03 -3.13
C VAL C 13 34.09 17.31 -3.03
N GLU C 14 33.36 17.52 -1.94
CA GLU C 14 32.47 18.66 -1.90
C GLU C 14 33.27 19.94 -1.65
N GLY C 15 32.98 20.97 -2.46
CA GLY C 15 33.39 22.36 -2.22
C GLY C 15 34.90 22.59 -2.20
N ASP C 16 35.47 22.56 -1.00
CA ASP C 16 36.86 22.88 -0.80
C ASP C 16 37.76 21.75 -1.26
N ALA C 17 37.23 20.52 -1.19
CA ALA C 17 38.01 19.30 -1.13
C ALA C 17 38.93 19.23 -2.34
N PRO C 18 40.24 19.02 -2.08
CA PRO C 18 41.22 18.85 -3.15
C PRO C 18 40.76 17.78 -4.14
N MET C 19 40.30 16.63 -3.64
CA MET C 19 39.96 15.62 -4.63
C MET C 19 38.90 16.12 -5.63
N GLY C 20 37.93 16.96 -5.18
CA GLY C 20 36.96 17.47 -6.14
C GLY C 20 37.58 18.39 -7.20
N ARG C 21 38.47 19.30 -6.73
CA ARG C 21 39.13 20.27 -7.56
C ARG C 21 39.83 19.50 -8.67
N LEU C 22 40.45 18.37 -8.28
CA LEU C 22 41.18 17.59 -9.29
C LEU C 22 40.21 17.03 -10.34
N MET C 23 39.13 16.44 -9.81
CA MET C 23 38.18 15.71 -10.63
C MET C 23 37.55 16.68 -11.59
N ARG C 24 37.37 17.93 -11.13
CA ARG C 24 36.65 18.91 -11.93
C ARG C 24 37.53 19.41 -13.07
N ARG C 25 38.78 18.90 -13.19
CA ARG C 25 39.61 19.21 -14.34
C ARG C 25 39.31 18.25 -15.47
N HIS C 26 38.46 17.24 -15.24
CA HIS C 26 37.99 16.36 -16.31
C HIS C 26 36.53 16.68 -16.66
N TRP C 27 36.19 16.60 -17.95
CA TRP C 27 34.81 16.53 -18.41
C TRP C 27 34.08 15.41 -17.65
N THR C 28 32.88 15.70 -17.13
CA THR C 28 32.18 14.73 -16.27
C THR C 28 30.77 14.50 -16.81
N PRO C 29 30.32 13.23 -16.89
CA PRO C 29 28.88 12.94 -17.08
C PRO C 29 28.04 13.53 -15.95
N ILE C 30 26.94 14.19 -16.31
CA ILE C 30 26.02 14.76 -15.36
C ILE C 30 24.73 13.92 -15.32
N CYS C 31 24.28 13.45 -16.49
CA CYS C 31 23.09 12.62 -16.60
C CYS C 31 23.04 11.96 -17.98
N LEU C 32 22.06 11.07 -18.16
CA LEU C 32 21.83 10.46 -19.46
C LEU C 32 21.05 11.40 -20.39
N VAL C 33 21.44 11.31 -21.68
CA VAL C 33 20.70 12.00 -22.71
C VAL C 33 19.20 11.68 -22.62
N GLU C 34 18.88 10.38 -22.39
CA GLU C 34 17.51 9.95 -22.39
C GLU C 34 16.75 10.74 -21.34
N GLU C 35 17.43 11.29 -20.33
CA GLU C 35 16.67 11.91 -19.25
C GLU C 35 16.16 13.29 -19.65
N VAL C 36 16.76 13.92 -20.66
CA VAL C 36 16.41 15.30 -20.97
C VAL C 36 15.38 15.45 -22.09
N GLY C 37 15.01 14.33 -22.74
CA GLY C 37 13.92 14.39 -23.69
C GLY C 37 14.23 15.29 -24.91
N GLU C 38 13.16 15.87 -25.44
CA GLU C 38 13.19 16.50 -26.76
C GLU C 38 13.39 17.96 -26.46
N PRO C 39 13.56 18.87 -27.46
CA PRO C 39 13.62 20.30 -27.17
C PRO C 39 12.42 20.70 -26.31
N ASP C 40 12.62 21.66 -25.37
CA ASP C 40 11.59 22.08 -24.42
C ASP C 40 11.19 20.94 -23.44
N GLY C 41 11.99 19.87 -23.35
CA GLY C 41 11.67 18.78 -22.42
C GLY C 41 11.51 19.19 -20.94
N THR C 42 10.99 18.25 -20.14
CA THR C 42 10.93 18.43 -18.71
C THR C 42 12.36 18.63 -18.18
N PRO C 43 12.63 19.69 -17.39
CA PRO C 43 13.95 19.91 -16.76
C PRO C 43 14.24 18.77 -15.79
N VAL C 44 15.52 18.42 -15.66
CA VAL C 44 15.98 17.24 -14.93
C VAL C 44 16.77 17.77 -13.74
N LYS C 45 16.63 17.16 -12.55
CA LYS C 45 17.53 17.47 -11.46
C LYS C 45 18.72 16.52 -11.54
N ALA C 46 19.93 17.05 -11.33
CA ALA C 46 21.17 16.29 -11.18
C ALA C 46 22.00 16.89 -10.05
N ARG C 47 23.09 16.19 -9.72
CA ARG C 47 24.00 16.53 -8.62
C ARG C 47 25.40 15.97 -8.90
N ALA C 48 26.41 16.85 -8.89
CA ALA C 48 27.80 16.52 -9.12
C ALA C 48 28.65 17.37 -8.16
N PHE C 49 29.53 16.67 -7.41
CA PHE C 49 30.49 17.37 -6.56
C PHE C 49 29.84 18.22 -5.47
N GLY C 50 28.69 17.80 -4.94
CA GLY C 50 28.07 18.65 -3.92
C GLY C 50 27.18 19.76 -4.49
N GLU C 51 27.10 19.91 -5.82
CA GLU C 51 26.26 20.96 -6.36
C GLU C 51 24.99 20.35 -6.98
N ASP C 52 23.82 20.94 -6.67
CA ASP C 52 22.57 20.60 -7.32
C ASP C 52 22.47 21.40 -8.63
N LEU C 53 22.05 20.69 -9.67
CA LEU C 53 22.08 21.22 -11.02
C LEU C 53 20.74 20.96 -11.66
N VAL C 54 20.34 21.89 -12.52
CA VAL C 54 19.22 21.64 -13.38
C VAL C 54 19.80 21.41 -14.77
N VAL C 55 19.22 20.48 -15.54
CA VAL C 55 19.62 20.14 -16.89
C VAL C 55 18.37 20.22 -17.76
N PHE C 56 18.49 20.86 -18.92
CA PHE C 56 17.33 21.06 -19.76
C PHE C 56 17.84 21.24 -21.16
N ARG C 57 17.00 20.81 -22.10
CA ARG C 57 17.30 20.95 -23.50
C ARG C 57 16.33 21.99 -24.03
N ASP C 58 16.87 23.04 -24.60
CA ASP C 58 16.09 24.19 -25.04
C ASP C 58 15.48 23.98 -26.43
N SER C 59 14.75 25.00 -26.92
CA SER C 59 13.93 24.89 -28.13
C SER C 59 14.83 24.51 -29.29
N GLU C 60 16.09 24.92 -29.23
CA GLU C 60 16.97 24.75 -30.38
C GLU C 60 17.67 23.40 -30.24
N GLY C 61 17.45 22.68 -29.11
CA GLY C 61 18.11 21.39 -28.97
C GLY C 61 19.42 21.44 -28.16
N ARG C 62 19.80 22.61 -27.64
CA ARG C 62 21.01 22.69 -26.84
C ARG C 62 20.69 22.32 -25.40
N VAL C 63 21.65 21.64 -24.77
CA VAL C 63 21.51 21.15 -23.41
C VAL C 63 22.25 22.10 -22.47
N GLY C 64 21.55 22.62 -21.44
CA GLY C 64 22.20 23.42 -20.43
C GLY C 64 22.39 22.64 -19.14
N VAL C 65 23.49 22.94 -18.42
CA VAL C 65 23.69 22.38 -17.10
C VAL C 65 24.01 23.58 -16.21
N MET C 66 23.10 23.93 -15.29
CA MET C 66 23.25 25.14 -14.48
C MET C 66 23.01 24.79 -13.02
N ASP C 67 23.41 25.73 -12.15
CA ASP C 67 23.01 25.71 -10.75
C ASP C 67 21.47 25.57 -10.69
N GLU C 68 20.99 24.68 -9.81
CA GLU C 68 19.59 24.30 -9.76
C GLU C 68 18.73 25.46 -9.25
N TYR C 69 19.32 26.27 -8.37
CA TYR C 69 18.63 27.31 -7.62
C TYR C 69 18.62 28.61 -8.41
N CYS C 70 17.43 29.20 -8.59
CA CYS C 70 17.28 30.46 -9.30
C CYS C 70 18.26 31.53 -8.78
N PRO C 71 18.91 32.32 -9.67
CA PRO C 71 19.76 33.42 -9.23
C PRO C 71 19.02 34.50 -8.43
N HIS C 72 17.70 34.61 -8.59
CA HIS C 72 16.94 35.63 -7.88
C HIS C 72 16.78 35.33 -6.39
N ARG C 73 15.87 34.40 -6.05
CA ARG C 73 15.69 34.12 -4.63
C ARG C 73 15.83 32.64 -4.37
N ARG C 74 16.41 31.93 -5.34
CA ARG C 74 16.94 30.57 -5.18
C ARG C 74 15.84 29.48 -5.03
N ALA C 75 14.64 29.71 -5.57
CA ALA C 75 13.65 28.65 -5.79
C ALA C 75 14.23 27.66 -6.80
N SER C 76 13.78 26.40 -6.78
CA SER C 76 14.36 25.44 -7.69
C SER C 76 13.93 25.66 -9.15
N LEU C 77 14.91 25.79 -10.07
CA LEU C 77 14.61 25.88 -11.50
C LEU C 77 14.12 24.54 -12.09
N VAL C 78 14.22 23.48 -11.30
CA VAL C 78 13.70 22.23 -11.85
C VAL C 78 12.19 22.37 -12.16
N TYR C 79 11.46 23.23 -11.41
CA TYR C 79 10.03 23.39 -11.59
C TYR C 79 9.69 24.34 -12.73
N GLY C 80 10.66 24.93 -13.42
CA GLY C 80 10.39 26.07 -14.27
C GLY C 80 9.91 25.64 -15.64
N ARG C 81 9.63 26.64 -16.49
CA ARG C 81 9.07 26.40 -17.81
C ARG C 81 10.21 26.47 -18.81
N ASN C 82 10.37 25.36 -19.52
CA ASN C 82 11.39 25.17 -20.54
C ASN C 82 10.80 25.44 -21.93
N GLU C 83 10.93 26.67 -22.42
CA GLU C 83 10.38 27.01 -23.74
C GLU C 83 10.91 28.37 -24.19
N GLU C 84 10.77 28.58 -25.51
CA GLU C 84 11.16 29.81 -26.18
C GLU C 84 12.62 30.13 -25.85
N GLY C 85 13.47 29.12 -25.95
CA GLY C 85 14.89 29.36 -25.86
C GLY C 85 15.45 29.54 -24.44
N GLY C 86 14.68 29.23 -23.38
CA GLY C 86 15.29 29.24 -22.05
C GLY C 86 14.54 28.42 -21.00
N LEU C 87 14.98 28.56 -19.75
CA LEU C 87 14.33 27.97 -18.60
C LEU C 87 13.85 29.13 -17.72
N ARG C 88 12.52 29.21 -17.49
CA ARG C 88 11.97 30.34 -16.75
C ARG C 88 11.53 29.90 -15.36
N CYS C 89 12.08 30.55 -14.34
CA CYS C 89 11.70 30.27 -12.97
C CYS C 89 10.21 30.60 -12.79
N LEU C 90 9.46 29.74 -12.08
CA LEU C 90 8.05 29.95 -11.81
C LEU C 90 7.83 31.18 -10.94
N TYR C 91 8.73 31.50 -9.99
CA TYR C 91 8.41 32.45 -8.93
C TYR C 91 8.17 33.90 -9.43
N HIS C 92 9.16 34.52 -10.11
CA HIS C 92 9.07 35.91 -10.58
C HIS C 92 9.48 35.99 -12.04
N GLY C 93 9.51 34.83 -12.70
CA GLY C 93 9.65 34.78 -14.13
C GLY C 93 11.03 35.15 -14.68
N TRP C 94 12.12 35.01 -13.91
CA TRP C 94 13.44 35.23 -14.51
C TRP C 94 13.70 34.06 -15.48
N LYS C 95 14.13 34.36 -16.70
CA LYS C 95 14.40 33.29 -17.65
C LYS C 95 15.88 33.28 -18.04
N MET C 96 16.47 32.10 -17.97
CA MET C 96 17.86 31.88 -18.30
C MET C 96 17.96 31.07 -19.58
N ASP C 97 18.98 31.37 -20.41
CA ASP C 97 19.32 30.49 -21.53
C ASP C 97 20.29 29.44 -21.02
N VAL C 98 20.71 28.53 -21.92
CA VAL C 98 21.54 27.38 -21.57
C VAL C 98 22.96 27.83 -21.15
N ASP C 99 23.40 29.05 -21.48
CA ASP C 99 24.69 29.54 -20.99
C ASP C 99 24.55 30.34 -19.72
N GLY C 100 23.33 30.39 -19.11
CA GLY C 100 23.17 31.08 -17.86
C GLY C 100 22.86 32.57 -18.01
N ASN C 101 22.73 33.07 -19.25
CA ASN C 101 22.31 34.46 -19.38
C ASN C 101 20.86 34.64 -18.94
N VAL C 102 20.58 35.69 -18.15
CA VAL C 102 19.21 36.02 -17.79
C VAL C 102 18.65 36.83 -18.94
N LEU C 103 17.79 36.23 -19.78
CA LEU C 103 17.33 36.91 -20.99
C LEU C 103 16.23 37.90 -20.62
N GLU C 104 15.63 37.73 -19.44
CA GLU C 104 14.42 38.47 -19.13
C GLU C 104 14.11 38.28 -17.65
N MET C 105 13.56 39.34 -17.04
CA MET C 105 12.97 39.25 -15.71
C MET C 105 11.58 39.87 -15.81
N ALA C 106 10.56 39.07 -15.48
CA ALA C 106 9.17 39.42 -15.77
C ALA C 106 8.76 40.70 -15.04
N SER C 107 9.25 40.88 -13.81
CA SER C 107 8.78 41.99 -12.97
C SER C 107 9.83 43.11 -12.80
N GLU C 108 10.81 43.19 -13.72
CA GLU C 108 11.85 44.21 -13.64
C GLU C 108 11.86 45.06 -14.91
N PRO C 109 12.36 46.34 -14.81
CA PRO C 109 12.55 47.21 -15.98
C PRO C 109 13.77 46.91 -16.88
N ALA C 110 13.79 47.55 -18.07
CA ALA C 110 14.95 47.96 -18.85
C ALA C 110 15.97 46.86 -19.18
N ALA C 111 17.18 47.30 -19.59
CA ALA C 111 18.31 46.48 -20.00
C ALA C 111 19.58 47.34 -20.07
N SER C 112 20.60 47.02 -19.23
CA SER C 112 21.93 47.64 -19.23
C SER C 112 22.82 47.19 -18.05
N GLY C 113 22.22 46.88 -16.88
CA GLY C 113 22.93 46.59 -15.64
C GLY C 113 22.50 45.30 -14.92
N MET C 114 21.18 44.98 -14.91
CA MET C 114 20.65 43.80 -14.23
C MET C 114 20.05 42.75 -15.19
N VAL C 115 19.33 43.15 -16.27
CA VAL C 115 18.59 42.20 -17.12
C VAL C 115 19.52 41.22 -17.84
N ASP C 116 20.38 41.70 -18.76
CA ASP C 116 21.22 40.83 -19.60
C ASP C 116 22.55 40.46 -18.91
N LYS C 117 23.25 41.45 -18.34
CA LYS C 117 24.58 41.31 -17.75
C LYS C 117 24.61 40.33 -16.57
N VAL C 118 23.45 40.09 -15.91
CA VAL C 118 23.38 39.09 -14.84
C VAL C 118 23.55 37.70 -15.44
N LYS C 119 24.49 36.94 -14.89
CA LYS C 119 24.80 35.63 -15.45
C LYS C 119 24.68 34.55 -14.37
N HIS C 120 23.79 33.61 -14.60
CA HIS C 120 23.53 32.50 -13.69
C HIS C 120 24.63 31.45 -13.83
N THR C 121 25.14 30.86 -12.74
CA THR C 121 26.16 29.81 -12.87
C THR C 121 25.67 28.70 -13.80
N ALA C 122 26.45 28.43 -14.85
CA ALA C 122 26.12 27.51 -15.92
C ALA C 122 27.42 26.99 -16.52
N TYR C 123 27.45 25.71 -16.88
CA TYR C 123 28.72 25.11 -17.28
C TYR C 123 28.70 24.71 -18.74
N PRO C 124 29.89 24.65 -19.38
CA PRO C 124 29.96 24.14 -20.75
C PRO C 124 29.45 22.70 -20.72
N THR C 125 28.72 22.32 -21.80
CA THR C 125 28.21 20.96 -21.87
C THR C 125 28.57 20.31 -23.21
N GLN C 126 28.52 18.97 -23.22
CA GLN C 126 28.60 18.29 -24.49
C GLN C 126 27.67 17.08 -24.45
N GLU C 127 27.26 16.57 -25.61
CA GLU C 127 26.48 15.34 -25.59
C GLU C 127 27.24 14.27 -26.35
N TRP C 128 27.42 13.11 -25.75
CA TRP C 128 28.23 12.15 -26.45
C TRP C 128 27.98 10.85 -25.76
N ALA C 129 27.92 9.76 -26.56
CA ALA C 129 27.74 8.41 -26.06
C ALA C 129 26.54 8.29 -25.10
N GLY C 130 25.43 8.98 -25.36
CA GLY C 130 24.28 8.75 -24.50
C GLY C 130 24.30 9.55 -23.22
N MET C 131 25.38 10.31 -22.97
CA MET C 131 25.43 11.13 -21.78
C MET C 131 25.51 12.63 -22.07
N VAL C 132 24.93 13.39 -21.13
CA VAL C 132 25.23 14.80 -21.04
C VAL C 132 26.46 14.99 -20.13
N TRP C 133 27.51 15.64 -20.67
CA TRP C 133 28.76 15.91 -19.94
C TRP C 133 28.83 17.41 -19.69
N ALA C 134 29.51 17.81 -18.59
CA ALA C 134 29.78 19.22 -18.33
C ALA C 134 31.23 19.40 -17.86
N TYR C 135 31.81 20.60 -18.13
CA TYR C 135 33.13 20.92 -17.58
C TYR C 135 32.91 21.81 -16.36
N MET C 136 33.16 21.30 -15.14
CA MET C 136 32.79 22.02 -13.95
C MET C 136 34.00 22.65 -13.25
N GLY C 137 35.15 22.67 -13.97
CA GLY C 137 36.41 23.21 -13.48
C GLY C 137 36.53 24.71 -13.81
N PRO C 138 37.61 25.43 -13.39
CA PRO C 138 37.80 26.80 -13.86
C PRO C 138 37.69 26.82 -15.38
N LYS C 139 36.87 27.74 -15.88
CA LYS C 139 36.53 27.85 -17.28
C LYS C 139 37.75 27.88 -18.22
N GLU C 140 38.74 28.71 -17.91
CA GLU C 140 39.96 28.81 -18.72
C GLU C 140 40.78 27.52 -18.68
N THR C 141 40.39 26.50 -17.89
CA THR C 141 41.12 25.25 -17.89
C THR C 141 40.41 24.18 -18.73
N MET C 142 39.29 24.51 -19.39
CA MET C 142 38.47 23.55 -20.10
C MET C 142 39.18 23.02 -21.34
N PRO C 143 39.49 21.70 -21.47
CA PRO C 143 40.12 21.18 -22.69
C PRO C 143 39.08 20.94 -23.80
N GLU C 144 39.56 20.68 -25.01
CA GLU C 144 38.68 20.28 -26.09
C GLU C 144 38.02 18.96 -25.68
N PHE C 145 36.72 18.77 -25.96
CA PHE C 145 36.13 17.49 -25.60
C PHE C 145 36.56 16.42 -26.61
N LEU C 146 37.14 15.33 -26.12
CA LEU C 146 37.62 14.24 -26.97
C LEU C 146 36.89 12.95 -26.60
N PRO C 147 36.69 12.05 -27.57
CA PRO C 147 36.03 10.77 -27.33
C PRO C 147 36.68 9.99 -26.18
N PRO C 148 35.88 9.46 -25.24
CA PRO C 148 36.43 8.62 -24.18
C PRO C 148 36.90 7.27 -24.75
N ALA C 149 37.72 6.53 -23.98
CA ALA C 149 38.26 5.29 -24.53
C ALA C 149 37.13 4.30 -24.86
N TRP C 150 35.94 4.49 -24.28
CA TRP C 150 34.88 3.50 -24.39
C TRP C 150 33.77 3.99 -25.30
N ALA C 151 34.04 5.05 -26.05
CA ALA C 151 33.04 5.46 -27.02
C ALA C 151 33.80 6.16 -28.14
N PRO C 152 34.68 5.42 -28.84
CA PRO C 152 35.68 6.02 -29.71
C PRO C 152 35.05 6.94 -30.76
N THR C 153 33.81 6.62 -31.17
CA THR C 153 33.32 7.16 -32.44
C THR C 153 31.80 7.25 -32.44
N ALA C 154 31.28 8.13 -33.30
CA ALA C 154 29.86 8.40 -33.46
C ALA C 154 29.05 7.15 -33.87
N ASP C 155 29.71 6.08 -34.38
CA ASP C 155 29.02 4.83 -34.73
C ASP C 155 29.20 3.65 -33.76
N THR C 156 29.78 3.85 -32.57
CA THR C 156 29.87 2.77 -31.60
C THR C 156 28.51 2.69 -30.93
N ARG C 157 28.02 1.48 -30.65
CA ARG C 157 26.80 1.44 -29.85
C ARG C 157 27.24 1.56 -28.39
N VAL C 158 26.60 2.50 -27.65
CA VAL C 158 26.84 2.63 -26.23
C VAL C 158 25.53 2.41 -25.47
N SER C 159 25.53 1.42 -24.58
CA SER C 159 24.33 1.14 -23.81
C SER C 159 24.62 1.24 -22.31
N ILE C 160 23.79 2.02 -21.59
CA ILE C 160 24.17 2.49 -20.25
C ILE C 160 23.11 2.06 -19.27
N ALA C 161 23.56 1.43 -18.17
CA ALA C 161 22.82 1.35 -16.93
C ALA C 161 23.33 2.48 -16.02
N LYS C 162 22.42 3.33 -15.51
CA LYS C 162 22.82 4.27 -14.48
C LYS C 162 22.14 3.91 -13.18
N VAL C 163 22.88 3.98 -12.05
CA VAL C 163 22.32 3.66 -10.75
C VAL C 163 22.88 4.72 -9.81
N LEU C 164 22.01 5.42 -9.07
CA LEU C 164 22.53 6.34 -8.08
C LEU C 164 22.78 5.51 -6.81
N LEU C 165 24.00 5.53 -6.28
CA LEU C 165 24.35 4.73 -5.13
C LEU C 165 24.69 5.56 -3.91
N PRO C 166 24.13 5.21 -2.71
CA PRO C 166 24.39 5.98 -1.47
C PRO C 166 25.72 5.65 -0.80
N CYS C 167 26.78 5.66 -1.57
CA CYS C 167 28.09 5.63 -0.93
C CYS C 167 29.09 6.37 -1.81
N ASN C 168 30.27 6.61 -1.19
CA ASN C 168 31.35 7.35 -1.78
C ASN C 168 31.89 6.58 -2.99
N TRP C 169 32.33 7.37 -3.98
CA TRP C 169 32.77 6.93 -5.28
C TRP C 169 33.96 5.96 -5.17
N ALA C 170 34.84 6.19 -4.18
CA ALA C 170 36.13 5.50 -4.24
C ALA C 170 35.93 4.01 -4.02
N GLN C 171 34.94 3.59 -3.18
CA GLN C 171 34.80 2.16 -2.89
C GLN C 171 34.12 1.51 -4.09
N ILE C 172 33.40 2.32 -4.85
CA ILE C 172 32.78 1.72 -6.02
C ILE C 172 33.88 1.52 -7.08
N LEU C 173 34.73 2.54 -7.29
CA LEU C 173 35.80 2.44 -8.28
C LEU C 173 36.70 1.24 -7.93
N GLU C 174 37.01 1.10 -6.60
CA GLU C 174 37.84 -0.01 -6.18
C GLU C 174 37.26 -1.35 -6.62
N GLY C 175 35.91 -1.45 -6.62
CA GLY C 175 35.25 -2.71 -6.99
C GLY C 175 35.39 -3.03 -8.50
N ALA C 176 35.69 -2.03 -9.34
CA ALA C 176 36.01 -2.31 -10.75
C ALA C 176 37.49 -2.70 -10.97
N ILE C 177 38.36 -2.53 -9.97
CA ILE C 177 39.75 -2.86 -10.28
C ILE C 177 40.16 -3.97 -9.33
N ASP C 178 39.35 -5.04 -9.28
CA ASP C 178 39.43 -6.02 -8.23
C ASP C 178 39.11 -7.41 -8.80
N SER C 179 39.89 -7.78 -9.83
CA SER C 179 39.64 -8.96 -10.65
C SER C 179 39.26 -10.19 -9.84
N ALA C 180 39.95 -10.46 -8.71
CA ALA C 180 39.65 -11.67 -7.93
C ALA C 180 38.18 -11.71 -7.51
N HIS C 181 37.54 -10.58 -7.26
CA HIS C 181 36.16 -10.66 -6.74
C HIS C 181 35.20 -11.45 -7.66
N SER C 182 35.43 -11.44 -8.97
CA SER C 182 34.52 -12.12 -9.89
C SER C 182 34.44 -13.60 -9.55
N SER C 183 35.59 -14.17 -9.17
CA SER C 183 35.71 -15.59 -8.85
C SER C 183 35.05 -15.99 -7.54
N SER C 184 34.68 -15.05 -6.63
CA SER C 184 33.77 -15.38 -5.53
C SER C 184 32.37 -14.86 -5.84
N LEU C 185 32.21 -13.54 -5.61
CA LEU C 185 30.95 -12.84 -5.71
C LEU C 185 30.22 -13.21 -7.01
N HIS C 186 30.91 -13.24 -8.15
CA HIS C 186 30.22 -13.40 -9.44
C HIS C 186 30.29 -14.83 -9.96
N SER C 187 30.64 -15.77 -9.07
CA SER C 187 30.94 -17.16 -9.47
C SER C 187 29.72 -17.92 -10.00
N SER C 188 28.49 -17.55 -9.60
CA SER C 188 27.30 -18.09 -10.25
C SER C 188 26.91 -17.30 -11.48
N ASP C 189 27.64 -16.23 -11.85
CA ASP C 189 27.28 -15.42 -13.00
C ASP C 189 28.31 -15.57 -14.14
N MET C 190 28.98 -16.73 -14.23
CA MET C 190 29.96 -16.99 -15.30
C MET C 190 29.31 -17.92 -16.34
N ARG C 207 34.58 -18.33 -19.31
CA ARG C 207 36.07 -18.21 -19.18
C ARG C 207 36.74 -19.57 -19.43
N PRO C 208 38.01 -19.52 -19.90
CA PRO C 208 38.88 -20.70 -19.91
C PRO C 208 39.73 -20.81 -18.64
N SER C 209 39.10 -20.57 -17.49
CA SER C 209 39.78 -20.63 -16.20
C SER C 209 38.81 -20.89 -15.05
N THR C 210 39.30 -21.59 -14.01
CA THR C 210 38.55 -21.72 -12.76
C THR C 210 39.42 -21.22 -11.61
N ASP C 211 40.59 -20.69 -11.96
CA ASP C 211 41.52 -20.12 -11.01
C ASP C 211 40.93 -18.87 -10.33
N LYS C 212 40.80 -18.95 -8.99
CA LYS C 212 40.13 -17.95 -8.14
C LYS C 212 41.09 -16.91 -7.58
N ALA C 213 42.40 -17.21 -7.69
CA ALA C 213 43.49 -16.49 -7.06
C ALA C 213 44.47 -16.00 -8.13
N PRO C 214 44.10 -15.03 -9.01
CA PRO C 214 45.03 -14.54 -10.04
C PRO C 214 46.21 -13.75 -9.45
N ARG C 215 47.39 -13.93 -10.06
CA ARG C 215 48.54 -13.03 -9.90
C ARG C 215 48.22 -11.67 -10.52
N MET C 216 48.64 -10.61 -9.84
CA MET C 216 48.37 -9.26 -10.27
C MET C 216 49.69 -8.64 -10.68
N GLN C 217 49.67 -7.82 -11.73
CA GLN C 217 50.76 -6.94 -12.07
C GLN C 217 50.14 -5.64 -12.53
N VAL C 218 50.76 -4.55 -12.14
CA VAL C 218 50.26 -3.22 -12.42
C VAL C 218 51.36 -2.52 -13.20
N GLN C 219 50.97 -1.80 -14.26
CA GLN C 219 51.80 -0.82 -14.95
C GLN C 219 51.19 0.57 -14.78
N ARG C 220 51.80 1.46 -14.00
CA ARG C 220 51.37 2.85 -13.89
C ARG C 220 51.57 3.54 -15.24
N THR C 221 50.76 4.57 -15.55
CA THR C 221 50.87 5.38 -16.75
C THR C 221 50.60 6.85 -16.40
N GLY C 222 50.56 7.72 -17.42
CA GLY C 222 50.27 9.11 -17.17
C GLY C 222 48.80 9.41 -16.79
N TYR C 223 47.85 8.47 -17.06
CA TYR C 223 46.43 8.79 -16.98
C TYR C 223 45.77 7.97 -15.86
N GLY C 224 46.54 7.07 -15.26
CA GLY C 224 46.03 6.06 -14.36
C GLY C 224 46.97 4.85 -14.32
N PHE C 225 46.46 3.66 -14.62
CA PHE C 225 47.31 2.49 -14.73
C PHE C 225 46.56 1.38 -15.44
N ARG C 226 47.31 0.38 -15.93
CA ARG C 226 46.74 -0.80 -16.54
C ARG C 226 47.21 -1.92 -15.63
N TYR C 227 46.37 -2.91 -15.41
CA TYR C 227 46.86 -4.01 -14.61
C TYR C 227 46.41 -5.29 -15.28
N ALA C 228 47.09 -6.37 -14.93
CA ALA C 228 46.73 -7.65 -15.50
C ALA C 228 46.60 -8.60 -14.33
N ALA C 229 45.54 -9.42 -14.44
CA ALA C 229 45.23 -10.50 -13.52
C ALA C 229 45.55 -11.77 -14.29
N LEU C 230 46.56 -12.53 -13.84
CA LEU C 230 46.96 -13.75 -14.52
C LEU C 230 46.42 -15.00 -13.79
N ARG C 231 45.56 -15.71 -14.54
CA ARG C 231 44.95 -16.98 -14.15
C ARG C 231 45.60 -18.10 -14.96
N ARG C 232 45.80 -19.23 -14.27
CA ARG C 232 46.11 -20.52 -14.87
C ARG C 232 44.92 -20.99 -15.73
N PRO C 233 45.15 -21.17 -17.07
CA PRO C 233 44.10 -21.61 -18.01
C PRO C 233 43.79 -23.09 -17.79
N LEU C 234 42.57 -23.51 -18.17
CA LEU C 234 42.11 -24.88 -17.98
C LEU C 234 43.01 -25.89 -18.69
N SER C 235 43.63 -25.49 -19.82
CA SER C 235 44.57 -26.31 -20.58
C SER C 235 45.83 -25.53 -20.92
N ASN C 236 46.95 -26.27 -21.04
CA ASN C 236 48.31 -25.83 -21.27
C ASN C 236 48.68 -24.70 -20.32
N ALA C 237 48.52 -24.95 -19.01
CA ALA C 237 48.90 -24.06 -17.91
C ALA C 237 50.42 -23.85 -17.86
N ALA C 238 51.17 -24.88 -18.32
CA ALA C 238 52.62 -24.85 -18.44
C ALA C 238 53.04 -23.70 -19.37
N GLU C 239 52.30 -23.58 -20.47
CA GLU C 239 52.67 -22.74 -21.59
C GLU C 239 52.22 -21.28 -21.36
N ASN C 240 50.94 -21.07 -21.00
CA ASN C 240 50.34 -19.76 -21.13
C ASN C 240 49.59 -19.33 -19.88
N ASP C 241 49.11 -18.08 -19.93
CA ASP C 241 48.26 -17.52 -18.88
C ASP C 241 46.92 -17.06 -19.47
N TYR C 242 45.85 -17.16 -18.66
CA TYR C 242 44.67 -16.35 -18.92
C TYR C 242 44.89 -14.94 -18.35
N VAL C 243 45.06 -13.99 -19.29
CA VAL C 243 45.29 -12.60 -18.92
C VAL C 243 43.99 -11.85 -19.04
N ARG C 244 43.59 -11.23 -17.92
CA ARG C 244 42.57 -10.21 -18.06
C ARG C 244 43.18 -8.89 -17.64
N SER C 245 43.07 -7.92 -18.52
CA SER C 245 43.69 -6.64 -18.24
C SER C 245 42.59 -5.61 -18.07
N THR C 246 42.69 -4.81 -17.01
CA THR C 246 41.76 -3.70 -16.79
C THR C 246 42.50 -2.38 -16.90
N VAL C 247 41.83 -1.37 -17.45
CA VAL C 247 42.43 -0.05 -17.42
C VAL C 247 41.75 0.82 -16.38
N PHE C 248 42.56 1.38 -15.44
CA PHE C 248 42.13 2.45 -14.56
C PHE C 248 42.39 3.77 -15.28
N VAL C 249 41.33 4.55 -15.58
CA VAL C 249 41.53 5.89 -16.11
C VAL C 249 41.09 6.91 -15.04
N ALA C 250 42.04 7.69 -14.53
CA ALA C 250 41.76 8.53 -13.39
C ALA C 250 40.75 9.61 -13.81
N PRO C 251 39.94 10.17 -12.89
CA PRO C 251 39.96 9.77 -11.47
C PRO C 251 39.12 8.52 -11.16
N ALA C 252 38.15 8.16 -12.01
CA ALA C 252 37.11 7.27 -11.49
C ALA C 252 36.43 6.42 -12.57
N THR C 253 37.23 5.98 -13.56
CA THR C 253 36.79 5.19 -14.69
C THR C 253 37.56 3.87 -14.70
N ALA C 254 36.86 2.76 -14.93
CA ALA C 254 37.57 1.53 -15.27
C ALA C 254 37.11 0.98 -16.61
N LEU C 255 38.06 0.56 -17.45
CA LEU C 255 37.76 -0.24 -18.63
C LEU C 255 38.00 -1.68 -18.22
N ILE C 256 36.93 -2.44 -18.06
CA ILE C 256 37.15 -3.76 -17.54
C ILE C 256 37.20 -4.73 -18.71
N PRO C 257 37.64 -5.98 -18.46
CA PRO C 257 37.86 -6.91 -19.58
C PRO C 257 36.59 -7.11 -20.42
N PRO C 258 36.68 -7.11 -21.78
CA PRO C 258 35.49 -7.33 -22.62
C PRO C 258 35.09 -8.81 -22.53
N ASN C 259 33.92 -9.16 -23.11
CA ASN C 259 33.53 -10.53 -23.44
C ASN C 259 33.96 -10.72 -24.90
N ASN C 260 33.47 -11.77 -25.58
CA ASN C 260 33.92 -12.10 -26.94
C ASN C 260 33.19 -11.26 -27.96
N LEU C 261 32.14 -10.55 -27.51
CA LEU C 261 31.28 -9.86 -28.46
C LEU C 261 31.34 -8.35 -28.25
N TYR C 262 31.48 -7.89 -27.00
CA TYR C 262 31.47 -6.46 -26.78
C TYR C 262 32.29 -6.06 -25.55
N ASN C 263 32.42 -4.75 -25.38
CA ASN C 263 33.25 -4.15 -24.34
C ASN C 263 32.36 -3.67 -23.19
N VAL C 264 33.04 -3.40 -22.06
CA VAL C 264 32.38 -3.02 -20.84
C VAL C 264 33.25 -1.95 -20.15
N ALA C 265 32.63 -0.84 -19.74
CA ALA C 265 33.32 0.23 -19.06
C ALA C 265 32.46 0.65 -17.87
N ASN C 266 33.15 1.18 -16.85
CA ASN C 266 32.53 1.76 -15.67
C ASN C 266 33.01 3.19 -15.52
N ILE C 267 32.08 4.18 -15.55
CA ILE C 267 32.51 5.48 -15.05
C ILE C 267 31.69 5.88 -13.81
N ASN C 268 32.34 6.44 -12.77
CA ASN C 268 31.66 6.83 -11.55
C ASN C 268 31.79 8.34 -11.37
N VAL C 269 30.68 8.97 -10.97
CA VAL C 269 30.68 10.39 -10.78
C VAL C 269 30.19 10.74 -9.37
N PRO C 270 31.03 11.38 -8.55
CA PRO C 270 30.61 11.74 -7.19
C PRO C 270 29.47 12.74 -7.25
N MET C 271 28.34 12.37 -6.64
CA MET C 271 27.29 13.39 -6.52
C MET C 271 27.59 14.37 -5.36
N ASP C 272 28.12 13.82 -4.26
CA ASP C 272 28.71 14.51 -3.12
C ASP C 272 29.60 13.50 -2.37
N ASP C 273 29.94 13.77 -1.12
CA ASP C 273 30.91 12.92 -0.44
C ASP C 273 30.40 11.50 -0.18
N THR C 274 29.06 11.29 -0.18
CA THR C 274 28.49 10.00 0.21
C THR C 274 27.52 9.40 -0.82
N ASN C 275 27.52 9.89 -2.07
CA ASN C 275 26.61 9.40 -3.09
C ASN C 275 27.39 9.47 -4.43
N THR C 276 27.13 8.51 -5.33
CA THR C 276 27.81 8.44 -6.59
C THR C 276 26.82 8.06 -7.69
N ALA C 277 26.91 8.74 -8.84
CA ALA C 277 26.25 8.26 -10.06
C ALA C 277 27.11 7.17 -10.70
N PHE C 278 26.58 5.94 -10.67
CA PHE C 278 27.30 4.82 -11.21
C PHE C 278 26.83 4.53 -12.63
N TYR C 279 27.75 4.60 -13.60
CA TYR C 279 27.39 4.30 -14.99
C TYR C 279 28.15 3.06 -15.45
N PHE C 280 27.36 2.04 -15.89
CA PHE C 280 27.88 0.76 -16.36
C PHE C 280 27.48 0.58 -17.83
N ILE C 281 28.48 0.45 -18.69
CA ILE C 281 28.35 0.72 -20.12
C ILE C 281 28.72 -0.55 -20.88
N ALA C 282 27.84 -1.01 -21.78
CA ALA C 282 28.18 -1.98 -22.81
C ALA C 282 28.44 -1.20 -24.10
N TRP C 283 29.57 -1.47 -24.77
CA TRP C 283 29.89 -0.71 -25.98
C TRP C 283 30.61 -1.56 -27.03
N GLY C 284 30.42 -1.18 -28.32
CA GLY C 284 31.03 -1.94 -29.41
C GLY C 284 30.29 -1.83 -30.72
N HIS C 285 30.48 -2.83 -31.59
CA HIS C 285 29.75 -2.89 -32.84
C HIS C 285 28.25 -3.06 -32.54
N PRO C 286 27.39 -2.21 -33.15
CA PRO C 286 25.95 -2.31 -33.02
C PRO C 286 25.40 -3.73 -33.21
N SER C 287 26.00 -4.53 -34.09
CA SER C 287 25.41 -5.83 -34.36
C SER C 287 25.80 -6.86 -33.29
N GLN C 288 26.65 -6.48 -32.33
CA GLN C 288 27.16 -7.46 -31.37
C GLN C 288 26.98 -7.00 -29.91
N THR C 289 26.39 -5.82 -29.70
CA THR C 289 26.33 -5.10 -28.43
C THR C 289 24.84 -4.94 -28.09
N PRO C 290 24.40 -5.34 -26.87
CA PRO C 290 22.98 -5.26 -26.53
C PRO C 290 22.51 -3.80 -26.57
N GLU C 291 21.22 -3.61 -26.81
CA GLU C 291 20.60 -2.30 -26.68
C GLU C 291 20.37 -1.95 -25.21
N THR C 292 20.01 -0.69 -24.95
CA THR C 292 19.89 -0.21 -23.59
C THR C 292 19.06 -1.15 -22.70
N GLU C 293 17.81 -1.44 -23.14
CA GLU C 293 16.92 -2.12 -22.19
C GLU C 293 17.34 -3.58 -22.02
N THR C 294 18.00 -4.15 -23.02
CA THR C 294 18.46 -5.53 -22.96
C THR C 294 19.55 -5.59 -21.91
N TRP C 295 20.44 -4.59 -22.00
CA TRP C 295 21.56 -4.47 -21.10
C TRP C 295 21.01 -4.29 -19.66
N ARG C 296 20.03 -3.38 -19.50
CA ARG C 296 19.48 -3.15 -18.16
C ARG C 296 18.80 -4.38 -17.56
N LYS C 297 18.03 -5.08 -18.41
CA LYS C 297 17.40 -6.30 -17.97
C LYS C 297 18.47 -7.31 -17.56
N PHE C 298 19.48 -7.50 -18.41
CA PHE C 298 20.51 -8.45 -18.03
C PHE C 298 21.16 -8.09 -16.66
N LEU C 299 21.42 -6.82 -16.44
CA LEU C 299 22.07 -6.40 -15.19
C LEU C 299 21.11 -6.32 -13.99
N ARG C 300 19.79 -6.44 -14.23
CA ARG C 300 18.78 -6.05 -13.24
C ARG C 300 18.94 -4.57 -12.82
N GLN C 301 18.97 -3.66 -13.82
CA GLN C 301 18.95 -2.24 -13.50
C GLN C 301 17.92 -1.54 -14.37
N THR C 302 16.69 -2.12 -14.45
CA THR C 302 15.59 -1.61 -15.22
C THR C 302 14.86 -0.57 -14.38
N VAL C 303 14.74 0.63 -14.96
CA VAL C 303 13.87 1.62 -14.33
C VAL C 303 12.42 1.14 -14.25
N GLY C 304 11.83 1.19 -13.05
CA GLY C 304 10.44 0.79 -12.85
C GLY C 304 10.39 -0.65 -12.30
N VAL C 305 11.53 -1.37 -12.42
CA VAL C 305 11.57 -2.75 -11.93
C VAL C 305 12.58 -2.85 -10.81
N ASP C 306 13.88 -2.60 -11.14
CA ASP C 306 14.96 -2.66 -10.16
C ASP C 306 15.21 -1.29 -9.52
N LEU C 307 14.89 -0.20 -10.26
CA LEU C 307 15.20 1.14 -9.85
C LEU C 307 13.89 1.93 -9.83
N ASP C 308 13.85 3.01 -9.04
CA ASP C 308 12.75 3.97 -9.12
C ASP C 308 13.03 4.87 -10.34
N GLN C 309 12.13 5.83 -10.54
CA GLN C 309 12.18 6.83 -11.61
C GLN C 309 13.46 7.68 -11.57
N ASN C 310 14.12 7.77 -10.40
CA ASN C 310 15.36 8.55 -10.27
C ASN C 310 16.60 7.65 -10.34
N TYR C 311 16.44 6.40 -10.79
CA TYR C 311 17.51 5.46 -10.99
C TYR C 311 18.11 5.08 -9.63
N ARG C 312 17.31 5.19 -8.57
CA ARG C 312 17.77 4.69 -7.28
C ARG C 312 17.29 3.26 -7.11
N PRO C 313 18.13 2.42 -6.54
CA PRO C 313 17.83 0.99 -6.45
C PRO C 313 16.75 0.75 -5.41
N LEU C 314 15.82 -0.16 -5.70
CA LEU C 314 14.85 -0.68 -4.75
C LEU C 314 15.53 -1.66 -3.80
N ARG C 315 16.59 -2.35 -4.30
CA ARG C 315 17.39 -3.16 -3.38
C ARG C 315 18.12 -2.21 -2.43
N ASN C 316 18.11 -2.55 -1.14
CA ASN C 316 18.65 -1.72 -0.09
C ASN C 316 18.98 -2.60 1.12
N GLU C 317 19.62 -1.99 2.10
CA GLU C 317 20.01 -2.79 3.26
C GLU C 317 18.80 -3.37 4.02
N ALA C 318 17.73 -2.60 4.13
CA ALA C 318 16.58 -3.09 4.88
C ALA C 318 15.91 -4.29 4.18
N ASN C 319 15.95 -4.40 2.85
CA ASN C 319 15.43 -5.66 2.32
C ASN C 319 16.57 -6.64 1.97
N LYS C 320 17.79 -6.39 2.48
CA LYS C 320 18.94 -7.24 2.22
C LYS C 320 19.20 -7.41 0.74
N PHE C 321 18.98 -6.36 -0.05
CA PHE C 321 19.16 -6.40 -1.49
C PHE C 321 18.43 -7.57 -2.13
N TRP C 322 17.23 -7.92 -1.60
CA TRP C 322 16.40 -9.05 -2.05
C TRP C 322 17.17 -10.37 -2.01
N GLN C 323 18.18 -10.46 -1.12
CA GLN C 323 18.94 -11.70 -1.13
C GLN C 323 18.01 -12.87 -0.83
N ASP C 324 18.21 -13.98 -1.53
CA ASP C 324 17.33 -15.13 -1.43
C ASP C 324 18.09 -16.28 -0.77
N ARG C 325 17.82 -16.56 0.51
CA ARG C 325 18.61 -17.59 1.20
C ARG C 325 18.37 -18.97 0.59
N ASN C 326 17.13 -19.21 0.10
CA ASN C 326 16.83 -20.50 -0.53
C ASN C 326 17.59 -20.65 -1.86
N ALA C 327 17.67 -19.59 -2.65
CA ALA C 327 18.54 -19.65 -3.81
C ALA C 327 19.96 -20.06 -3.39
N MET C 328 20.44 -19.53 -2.25
CA MET C 328 21.81 -19.74 -1.88
C MET C 328 22.01 -21.19 -1.45
N LYS C 329 21.01 -21.71 -0.72
CA LYS C 329 21.00 -23.11 -0.35
C LYS C 329 20.96 -23.99 -1.60
N ALA C 330 20.25 -23.52 -2.64
CA ALA C 330 20.19 -24.29 -3.87
C ALA C 330 21.52 -24.26 -4.62
N GLY C 331 22.49 -23.43 -4.23
CA GLY C 331 23.76 -23.43 -4.98
C GLY C 331 24.04 -22.10 -5.68
N ASN C 332 23.09 -21.16 -5.64
CA ASN C 332 23.37 -19.83 -6.13
C ASN C 332 24.30 -19.13 -5.11
N PHE C 333 25.40 -18.55 -5.57
CA PHE C 333 26.43 -18.05 -4.64
C PHE C 333 25.94 -16.95 -3.68
N THR C 334 25.39 -15.87 -4.19
CA THR C 334 25.00 -14.71 -3.40
C THR C 334 23.49 -14.61 -3.16
N GLY C 335 22.64 -15.19 -4.01
CA GLY C 335 21.19 -15.10 -3.81
C GLY C 335 20.67 -13.73 -4.21
N ILE C 336 21.57 -12.97 -4.86
CA ILE C 336 21.24 -11.63 -5.31
C ILE C 336 21.25 -11.64 -6.85
N THR C 337 20.27 -11.00 -7.45
CA THR C 337 20.11 -11.16 -8.89
C THR C 337 20.64 -9.92 -9.57
N GLY C 338 21.40 -10.12 -10.65
CA GLY C 338 22.06 -9.02 -11.35
C GLY C 338 23.45 -8.80 -10.76
N PHE C 339 24.49 -9.10 -11.54
CA PHE C 339 25.82 -9.10 -10.94
C PHE C 339 26.15 -7.73 -10.37
N PRO C 340 25.83 -6.56 -10.98
CA PRO C 340 26.14 -5.29 -10.32
C PRO C 340 25.41 -5.17 -8.97
N ASN C 341 24.24 -5.83 -8.83
CA ASN C 341 23.53 -5.82 -7.55
C ASN C 341 24.34 -6.52 -6.46
N GLN C 342 25.13 -7.51 -6.86
CA GLN C 342 25.97 -8.25 -5.96
C GLN C 342 27.09 -7.30 -5.50
N ASP C 343 27.62 -6.49 -6.43
CA ASP C 343 28.65 -5.50 -6.17
C ASP C 343 28.09 -4.48 -5.17
N VAL C 344 26.89 -3.98 -5.46
CA VAL C 344 26.31 -2.91 -4.68
C VAL C 344 26.16 -3.37 -3.23
N ALA C 345 25.70 -4.62 -3.02
CA ALA C 345 25.47 -5.09 -1.64
C ALA C 345 26.77 -4.99 -0.86
N MET C 346 27.91 -5.27 -1.52
CA MET C 346 29.19 -5.26 -0.83
C MET C 346 29.60 -3.81 -0.52
N TRP C 347 29.57 -2.92 -1.51
CA TRP C 347 29.96 -1.52 -1.39
C TRP C 347 29.13 -0.79 -0.30
N LEU C 348 27.77 -0.94 -0.34
CA LEU C 348 26.94 -0.15 0.56
C LEU C 348 27.11 -0.67 1.98
N THR C 349 27.41 -1.96 2.15
CA THR C 349 27.55 -2.43 3.52
C THR C 349 28.90 -2.05 4.16
N MET C 350 29.84 -1.53 3.36
CA MET C 350 31.03 -0.91 3.90
C MET C 350 30.77 0.45 4.55
N GLY C 351 29.55 1.00 4.43
CA GLY C 351 29.26 2.32 4.95
C GLY C 351 29.32 3.44 3.89
N PRO C 352 28.75 4.63 4.20
CA PRO C 352 28.78 5.74 3.24
C PRO C 352 30.17 6.10 2.70
N ILE C 353 31.20 6.11 3.57
CA ILE C 353 32.61 6.22 3.14
C ILE C 353 33.38 5.05 3.74
N ALA C 354 33.82 4.11 2.89
CA ALA C 354 34.49 2.93 3.42
C ALA C 354 35.63 3.44 4.31
N ASP C 355 35.81 2.84 5.47
CA ASP C 355 36.92 3.20 6.35
C ASP C 355 38.14 2.33 6.00
N ARG C 356 38.98 2.81 5.09
CA ARG C 356 40.19 2.13 4.63
C ARG C 356 41.28 2.00 5.71
N THR C 357 41.07 2.67 6.82
CA THR C 357 41.92 2.55 8.00
C THR C 357 41.79 1.18 8.67
N HIS C 358 40.78 0.40 8.26
CA HIS C 358 40.46 -0.83 8.93
C HIS C 358 40.57 -2.00 7.99
N ASP C 359 41.16 -1.78 6.80
CA ASP C 359 41.29 -2.81 5.77
C ASP C 359 42.44 -3.73 6.16
N ARG C 360 42.40 -4.93 5.61
CA ARG C 360 43.48 -5.89 5.74
C ARG C 360 43.73 -6.45 4.34
N LEU C 361 44.47 -5.71 3.52
CA LEU C 361 44.54 -5.98 2.10
C LEU C 361 45.46 -7.18 1.84
N GLY C 362 45.36 -7.78 0.64
CA GLY C 362 46.15 -8.98 0.33
C GLY C 362 46.70 -8.85 -1.07
N ALA C 363 47.33 -9.93 -1.59
CA ALA C 363 47.81 -9.99 -2.96
C ALA C 363 46.75 -9.52 -3.93
N SER C 364 45.46 -9.87 -3.67
CA SER C 364 44.40 -9.53 -4.61
C SER C 364 44.16 -8.03 -4.68
N ASP C 365 44.61 -7.31 -3.62
CA ASP C 365 44.36 -5.89 -3.56
C ASP C 365 45.37 -5.02 -4.31
N LEU C 366 46.21 -5.64 -5.14
CA LEU C 366 47.35 -4.90 -5.70
C LEU C 366 46.92 -3.64 -6.48
N ALA C 367 45.91 -3.78 -7.32
CA ALA C 367 45.50 -2.64 -8.13
C ALA C 367 44.78 -1.62 -7.26
N ILE C 368 44.01 -2.10 -6.27
CA ILE C 368 43.43 -1.19 -5.29
C ILE C 368 44.54 -0.43 -4.51
N VAL C 369 45.58 -1.13 -4.08
CA VAL C 369 46.71 -0.42 -3.47
C VAL C 369 47.30 0.62 -4.44
N GLU C 370 47.47 0.26 -5.73
CA GLU C 370 48.01 1.22 -6.68
C GLU C 370 47.09 2.45 -6.83
N PHE C 371 45.77 2.19 -6.93
CA PHE C 371 44.79 3.25 -7.01
C PHE C 371 44.96 4.23 -5.83
N ARG C 372 44.99 3.72 -4.61
CA ARG C 372 45.05 4.55 -3.42
C ARG C 372 46.33 5.40 -3.43
N LYS C 373 47.47 4.74 -3.67
CA LYS C 373 48.77 5.42 -3.80
C LYS C 373 48.70 6.49 -4.88
N GLN C 374 48.28 6.01 -6.08
CA GLN C 374 48.41 6.91 -7.22
C GLN C 374 47.51 8.13 -6.99
N MET C 375 46.29 7.92 -6.50
CA MET C 375 45.37 9.04 -6.45
C MET C 375 45.72 9.99 -5.31
N LEU C 376 46.18 9.47 -4.17
CA LEU C 376 46.67 10.33 -3.11
C LEU C 376 47.84 11.18 -3.59
N ASP C 377 48.77 10.55 -4.31
CA ASP C 377 49.89 11.34 -4.79
C ASP C 377 49.37 12.37 -5.76
N ALA C 378 48.39 11.98 -6.58
CA ALA C 378 48.09 12.84 -7.71
C ALA C 378 47.43 14.09 -7.14
N VAL C 379 46.72 13.93 -6.01
CA VAL C 379 45.95 15.07 -5.50
C VAL C 379 46.91 16.00 -4.73
N LYS C 380 47.82 15.44 -3.95
CA LYS C 380 48.84 16.29 -3.32
C LYS C 380 49.65 17.01 -4.42
N ALA C 381 50.16 16.29 -5.43
CA ALA C 381 50.97 16.96 -6.45
C ALA C 381 50.18 18.09 -7.12
N PHE C 382 48.88 17.83 -7.38
CA PHE C 382 47.98 18.77 -8.03
C PHE C 382 47.85 19.99 -7.13
N GLU C 383 47.71 19.76 -5.83
CA GLU C 383 47.59 20.86 -4.90
C GLU C 383 48.89 21.68 -4.89
N GLN C 384 50.00 21.03 -5.20
CA GLN C 384 51.25 21.78 -5.19
C GLN C 384 51.56 22.23 -6.60
N GLY C 385 50.66 22.09 -7.58
CA GLY C 385 50.97 22.74 -8.84
C GLY C 385 51.15 21.82 -10.02
N ALA C 386 51.16 20.50 -9.83
CA ALA C 386 51.29 19.67 -11.01
C ALA C 386 50.02 19.74 -11.87
N PRO C 387 50.03 19.19 -13.11
CA PRO C 387 48.78 19.00 -13.86
C PRO C 387 47.95 17.91 -13.17
N ALA C 388 46.62 18.08 -13.24
CA ALA C 388 45.71 17.05 -12.77
C ALA C 388 45.94 15.78 -13.59
N ILE C 389 46.15 14.66 -12.88
CA ILE C 389 46.40 13.36 -13.47
C ILE C 389 45.52 13.17 -14.71
N GLY C 390 46.13 12.72 -15.81
CA GLY C 390 45.34 12.30 -16.94
C GLY C 390 44.82 13.45 -17.82
N THR C 391 45.27 14.68 -17.56
CA THR C 391 44.94 15.82 -18.43
C THR C 391 46.11 16.19 -19.35
N GLY C 392 45.83 17.15 -20.26
CA GLY C 392 46.77 17.62 -21.27
C GLY C 392 47.31 16.46 -22.11
N VAL C 393 48.64 16.32 -22.14
CA VAL C 393 49.32 15.33 -22.97
C VAL C 393 49.10 13.92 -22.40
N GLU C 394 48.94 13.82 -21.07
CA GLU C 394 48.76 12.56 -20.34
C GLU C 394 47.53 11.74 -20.73
N ALA C 395 46.46 12.40 -21.19
CA ALA C 395 45.16 11.77 -21.33
C ALA C 395 45.19 10.34 -21.90
N ALA C 396 44.33 9.47 -21.37
CA ALA C 396 43.98 8.25 -22.09
C ALA C 396 43.26 8.67 -23.37
N THR C 397 43.29 7.78 -24.37
CA THR C 397 42.51 8.00 -25.56
C THR C 397 41.97 6.64 -25.88
N PRO C 398 41.24 6.49 -27.00
CA PRO C 398 40.69 5.20 -27.40
C PRO C 398 41.74 4.19 -27.82
N THR C 399 43.03 4.60 -27.86
CA THR C 399 44.08 3.60 -28.05
C THR C 399 44.23 2.75 -26.79
N VAL C 400 43.70 3.25 -25.66
CA VAL C 400 43.78 2.51 -24.40
C VAL C 400 42.64 1.51 -24.39
N CYS C 401 42.89 0.24 -24.01
CA CYS C 401 41.80 -0.74 -23.92
C CYS C 401 42.07 -1.88 -22.95
N SER C 402 41.01 -2.41 -22.36
CA SER C 402 41.15 -3.63 -21.60
C SER C 402 41.02 -4.78 -22.59
N PHE C 403 41.38 -5.99 -22.17
CA PHE C 403 41.18 -7.10 -23.05
C PHE C 403 41.35 -8.33 -22.19
N GLN C 404 41.00 -9.46 -22.77
CA GLN C 404 41.23 -10.77 -22.19
C GLN C 404 41.59 -11.71 -23.33
N ALA C 405 42.56 -12.60 -23.07
CA ALA C 405 43.19 -13.43 -24.07
C ALA C 405 44.07 -14.45 -23.34
N ILE C 406 44.20 -15.65 -23.92
CA ILE C 406 45.23 -16.63 -23.57
C ILE C 406 46.55 -16.14 -24.16
N VAL C 407 47.54 -15.90 -23.28
CA VAL C 407 48.77 -15.25 -23.72
C VAL C 407 49.96 -16.16 -23.40
N PRO C 408 50.97 -16.26 -24.31
CA PRO C 408 52.27 -16.88 -24.00
C PRO C 408 52.89 -16.29 -22.74
N LYS C 409 53.30 -17.18 -21.81
CA LYS C 409 54.00 -16.78 -20.60
C LYS C 409 55.22 -15.95 -20.97
N THR C 410 55.63 -16.08 -22.22
CA THR C 410 56.82 -15.38 -22.70
C THR C 410 56.47 -14.19 -23.57
N THR C 411 55.19 -13.74 -23.60
CA THR C 411 54.85 -12.45 -24.19
C THR C 411 54.56 -11.45 -23.08
N ASP C 412 55.02 -10.22 -23.28
CA ASP C 412 54.74 -9.21 -22.27
C ASP C 412 53.32 -8.66 -22.49
N TRP C 413 52.48 -8.90 -21.49
CA TRP C 413 51.11 -8.43 -21.57
C TRP C 413 51.06 -6.92 -21.78
N ARG C 414 52.07 -6.21 -21.28
CA ARG C 414 52.05 -4.77 -21.44
C ARG C 414 52.33 -4.38 -22.88
N THR C 415 52.80 -5.34 -23.71
CA THR C 415 53.12 -4.96 -25.07
C THR C 415 52.22 -5.71 -26.04
N TYR C 416 51.43 -6.64 -25.50
CA TYR C 416 50.41 -7.34 -26.26
C TYR C 416 49.50 -6.39 -27.04
N ASP C 417 49.39 -6.63 -28.36
CA ASP C 417 48.74 -5.70 -29.28
C ASP C 417 47.25 -6.03 -29.35
N ALA C 418 46.57 -5.83 -28.22
CA ALA C 418 45.13 -6.01 -28.10
C ALA C 418 44.44 -4.70 -28.49
N HIS C 419 43.27 -4.83 -29.13
CA HIS C 419 42.38 -3.72 -29.46
C HIS C 419 40.99 -4.05 -28.89
N TYR C 420 40.11 -3.03 -28.83
CA TYR C 420 38.74 -3.24 -28.34
C TYR C 420 37.99 -4.21 -29.26
N VAL C 421 37.06 -5.01 -28.69
CA VAL C 421 36.20 -5.89 -29.47
C VAL C 421 35.33 -5.05 -30.41
N TRP C 422 35.31 -5.45 -31.70
CA TRP C 422 34.52 -4.78 -32.74
C TRP C 422 33.71 -5.80 -33.55
N LEU C 423 34.30 -6.32 -34.64
CA LEU C 423 33.67 -7.31 -35.53
C LEU C 423 34.58 -8.53 -35.66
N MET D 1 19.41 16.22 42.59
CA MET D 1 19.05 16.44 41.18
C MET D 1 20.28 16.06 40.36
N MET D 2 20.10 15.20 39.32
CA MET D 2 21.25 14.71 38.54
C MET D 2 21.74 15.80 37.63
N THR D 3 23.05 15.80 37.34
CA THR D 3 23.61 16.73 36.37
C THR D 3 23.65 16.06 35.00
N HIS D 4 23.90 16.86 33.98
CA HIS D 4 23.95 16.33 32.62
CA HIS D 4 24.00 16.38 32.61
C HIS D 4 25.10 15.33 32.55
N GLU D 5 26.20 15.61 33.26
CA GLU D 5 27.40 14.77 33.21
C GLU D 5 27.07 13.43 33.87
N GLU D 6 26.24 13.45 34.92
CA GLU D 6 25.83 12.21 35.55
C GLU D 6 24.91 11.38 34.64
N ASN D 7 23.98 12.03 33.94
CA ASN D 7 23.03 11.31 33.10
C ASN D 7 23.82 10.64 31.98
N GLU D 8 24.76 11.39 31.40
CA GLU D 8 25.61 10.88 30.35
C GLU D 8 26.39 9.68 30.87
N LEU D 9 26.95 9.79 32.08
CA LEU D 9 27.74 8.70 32.62
C LEU D 9 26.89 7.48 32.85
N LEU D 10 25.71 7.64 33.43
CA LEU D 10 24.79 6.50 33.64
C LEU D 10 24.38 5.86 32.29
N CYS D 11 24.11 6.67 31.27
CA CYS D 11 23.34 6.27 30.08
C CYS D 11 24.22 5.78 28.93
N ARG D 12 25.38 6.38 28.68
CA ARG D 12 26.16 6.04 27.47
C ARG D 12 27.00 4.76 27.60
N VAL D 13 27.04 3.99 26.49
CA VAL D 13 27.66 2.67 26.47
C VAL D 13 28.60 2.49 25.31
N GLU D 14 28.60 3.42 24.34
CA GLU D 14 29.31 3.16 23.10
C GLU D 14 30.77 3.53 23.25
N GLY D 15 31.59 2.82 22.46
CA GLY D 15 33.04 2.93 22.43
C GLY D 15 33.66 2.68 23.80
N ASP D 16 34.14 3.76 24.39
CA ASP D 16 34.88 3.61 25.64
C ASP D 16 34.05 4.11 26.80
N ALA D 17 32.77 4.38 26.57
CA ALA D 17 31.93 4.84 27.68
C ALA D 17 32.06 3.88 28.86
N PRO D 18 32.41 4.40 30.05
CA PRO D 18 32.62 3.56 31.23
C PRO D 18 31.44 2.62 31.51
N MET D 19 30.19 3.10 31.37
CA MET D 19 29.05 2.22 31.64
C MET D 19 29.05 1.03 30.66
N GLY D 20 29.48 1.27 29.41
CA GLY D 20 29.58 0.18 28.47
C GLY D 20 30.67 -0.83 28.87
N ARG D 21 31.83 -0.31 29.35
CA ARG D 21 32.90 -1.17 29.88
C ARG D 21 32.43 -1.98 31.09
N LEU D 22 31.63 -1.37 31.99
CA LEU D 22 31.13 -2.11 33.17
C LEU D 22 30.22 -3.28 32.76
N MET D 23 29.29 -2.97 31.87
CA MET D 23 28.28 -3.93 31.44
C MET D 23 28.94 -5.06 30.70
N ARG D 24 30.06 -4.75 30.03
CA ARG D 24 30.66 -5.83 29.25
C ARG D 24 31.46 -6.77 30.13
N ARG D 25 31.49 -6.53 31.44
CA ARG D 25 32.06 -7.51 32.36
C ARG D 25 31.03 -8.57 32.67
N HIS D 26 29.79 -8.39 32.20
CA HIS D 26 28.75 -9.40 32.39
C HIS D 26 28.46 -10.11 31.05
N TRP D 27 28.19 -11.43 31.07
CA TRP D 27 27.66 -12.11 29.91
C TRP D 27 26.36 -11.42 29.48
N THR D 28 26.19 -11.22 28.18
CA THR D 28 25.14 -10.34 27.71
C THR D 28 24.34 -11.09 26.64
N PRO D 29 22.99 -11.14 26.72
CA PRO D 29 22.19 -11.67 25.60
C PRO D 29 22.44 -10.84 24.34
N ILE D 30 22.61 -11.54 23.21
CA ILE D 30 22.84 -10.91 21.94
C ILE D 30 21.57 -10.99 21.10
N CYS D 31 20.92 -12.16 21.09
CA CYS D 31 19.73 -12.34 20.27
C CYS D 31 18.98 -13.56 20.77
N LEU D 32 17.83 -13.88 20.12
CA LEU D 32 17.14 -15.09 20.54
C LEU D 32 17.73 -16.31 19.81
N VAL D 33 17.71 -17.48 20.49
CA VAL D 33 18.03 -18.74 19.80
C VAL D 33 17.12 -18.89 18.57
N GLU D 34 15.85 -18.45 18.67
CA GLU D 34 14.95 -18.77 17.58
C GLU D 34 15.42 -18.04 16.33
N GLU D 35 16.26 -17.00 16.47
CA GLU D 35 16.65 -16.24 15.30
C GLU D 35 17.70 -17.00 14.47
N VAL D 36 18.53 -17.86 15.10
CA VAL D 36 19.72 -18.32 14.41
C VAL D 36 19.43 -19.60 13.62
N GLY D 37 18.28 -20.24 13.91
CA GLY D 37 17.85 -21.35 13.08
C GLY D 37 18.67 -22.62 13.30
N GLU D 38 18.72 -23.47 12.29
CA GLU D 38 19.43 -24.75 12.38
C GLU D 38 20.90 -24.57 11.99
N PRO D 39 21.75 -25.62 12.09
CA PRO D 39 23.12 -25.54 11.57
C PRO D 39 23.06 -25.00 10.15
N ASP D 40 24.01 -24.13 9.80
CA ASP D 40 24.14 -23.54 8.48
C ASP D 40 22.95 -22.62 8.21
N GLY D 41 22.26 -22.19 9.28
CA GLY D 41 21.14 -21.26 9.18
C GLY D 41 21.53 -19.87 8.64
N THR D 42 20.50 -19.11 8.25
CA THR D 42 20.64 -17.74 7.74
C THR D 42 21.41 -16.92 8.79
N PRO D 43 22.51 -16.19 8.43
CA PRO D 43 23.16 -15.25 9.37
C PRO D 43 22.20 -14.19 9.88
N VAL D 44 22.42 -13.78 11.15
CA VAL D 44 21.52 -12.85 11.87
C VAL D 44 22.36 -11.59 12.16
N LYS D 45 21.79 -10.41 11.94
CA LYS D 45 22.36 -9.15 12.32
C LYS D 45 21.93 -8.83 13.75
N ALA D 46 22.90 -8.40 14.57
CA ALA D 46 22.61 -7.99 15.92
C ALA D 46 23.44 -6.76 16.23
N ARG D 47 23.15 -6.10 17.36
CA ARG D 47 23.93 -4.92 17.71
C ARG D 47 23.96 -4.83 19.24
N ALA D 48 25.16 -4.68 19.84
CA ALA D 48 25.28 -4.61 21.30
C ALA D 48 26.37 -3.58 21.59
N PHE D 49 26.05 -2.65 22.47
CA PHE D 49 27.05 -1.68 22.91
C PHE D 49 27.66 -0.91 21.77
N GLY D 50 26.92 -0.76 20.69
CA GLY D 50 27.45 0.09 19.63
C GLY D 50 28.23 -0.68 18.58
N GLU D 51 28.31 -2.01 18.76
CA GLU D 51 28.96 -2.85 17.78
C GLU D 51 27.92 -3.58 16.94
N ASP D 52 27.97 -3.46 15.60
CA ASP D 52 27.23 -4.36 14.76
C ASP D 52 27.86 -5.77 14.77
N LEU D 53 27.02 -6.79 14.95
CA LEU D 53 27.51 -8.16 15.01
C LEU D 53 26.82 -9.03 13.96
N VAL D 54 27.44 -10.17 13.65
CA VAL D 54 26.75 -11.20 12.89
C VAL D 54 26.65 -12.41 13.81
N VAL D 55 25.51 -13.12 13.80
CA VAL D 55 25.38 -14.30 14.64
C VAL D 55 25.01 -15.44 13.70
N PHE D 56 25.66 -16.59 13.89
CA PHE D 56 25.36 -17.68 13.00
C PHE D 56 25.64 -19.01 13.69
N ARG D 57 24.93 -20.06 13.22
CA ARG D 57 25.09 -21.39 13.76
C ARG D 57 25.76 -22.21 12.67
N ASP D 58 26.96 -22.74 12.99
CA ASP D 58 27.75 -23.38 11.97
C ASP D 58 27.27 -24.81 11.82
N SER D 59 27.97 -25.58 10.94
CA SER D 59 27.58 -26.92 10.56
C SER D 59 27.54 -27.84 11.78
N GLU D 60 28.30 -27.56 12.83
CA GLU D 60 28.35 -28.49 13.94
C GLU D 60 27.37 -28.01 15.02
N GLY D 61 26.61 -26.93 14.77
CA GLY D 61 25.67 -26.54 15.81
C GLY D 61 26.21 -25.44 16.73
N ARG D 62 27.44 -25.00 16.50
CA ARG D 62 28.03 -23.98 17.37
C ARG D 62 27.62 -22.59 16.90
N VAL D 63 27.43 -21.67 17.87
CA VAL D 63 26.98 -20.32 17.56
C VAL D 63 28.16 -19.37 17.69
N GLY D 64 28.43 -18.61 16.62
CA GLY D 64 29.43 -17.59 16.64
C GLY D 64 28.72 -16.25 16.74
N VAL D 65 29.33 -15.29 17.46
CA VAL D 65 28.92 -13.90 17.51
C VAL D 65 30.21 -13.15 17.20
N MET D 66 30.23 -12.39 16.11
CA MET D 66 31.47 -11.80 15.59
C MET D 66 31.13 -10.41 15.09
N ASP D 67 32.13 -9.57 14.93
CA ASP D 67 31.97 -8.30 14.23
C ASP D 67 31.30 -8.52 12.87
N GLU D 68 30.31 -7.68 12.55
CA GLU D 68 29.56 -7.89 11.35
C GLU D 68 30.42 -7.82 10.09
N TYR D 69 31.39 -6.93 10.09
CA TYR D 69 32.18 -6.50 8.95
C TYR D 69 33.33 -7.44 8.68
N CYS D 70 33.47 -7.88 7.42
CA CYS D 70 34.49 -8.83 6.99
C CYS D 70 35.88 -8.22 7.26
N PRO D 71 36.86 -8.94 7.88
CA PRO D 71 38.17 -8.33 8.17
C PRO D 71 38.97 -7.92 6.93
N HIS D 72 38.60 -8.39 5.73
CA HIS D 72 39.24 -7.98 4.48
C HIS D 72 38.94 -6.50 4.11
N ARG D 73 37.79 -6.22 3.46
CA ARG D 73 37.40 -4.85 3.16
C ARG D 73 36.04 -4.43 3.78
N ARG D 74 35.56 -5.18 4.80
CA ARG D 74 34.47 -4.73 5.64
C ARG D 74 33.08 -4.69 4.98
N ALA D 75 32.85 -5.49 3.92
CA ALA D 75 31.53 -5.92 3.50
C ALA D 75 30.81 -6.62 4.68
N SER D 76 29.46 -6.65 4.66
CA SER D 76 28.76 -7.23 5.78
C SER D 76 28.74 -8.75 5.65
N LEU D 77 29.14 -9.45 6.71
CA LEU D 77 29.18 -10.90 6.69
C LEU D 77 27.77 -11.46 6.87
N VAL D 78 26.80 -10.55 7.12
CA VAL D 78 25.41 -11.00 7.30
C VAL D 78 24.98 -11.65 5.97
N TYR D 79 25.56 -11.14 4.87
CA TYR D 79 25.21 -11.66 3.54
C TYR D 79 25.92 -12.98 3.18
N GLY D 80 26.78 -13.50 4.05
CA GLY D 80 27.76 -14.51 3.62
C GLY D 80 27.15 -15.89 3.59
N ARG D 81 27.96 -16.90 3.20
CA ARG D 81 27.52 -18.29 3.08
C ARG D 81 27.90 -19.01 4.36
N ASN D 82 26.86 -19.52 5.05
CA ASN D 82 27.08 -20.21 6.30
C ASN D 82 27.00 -21.70 5.96
N GLU D 83 28.14 -22.37 5.82
CA GLU D 83 28.17 -23.79 5.47
C GLU D 83 29.55 -24.33 5.73
N GLU D 84 29.63 -25.65 5.82
CA GLU D 84 30.94 -26.30 5.86
C GLU D 84 31.78 -25.73 6.99
N GLY D 85 31.13 -25.50 8.14
CA GLY D 85 31.93 -25.17 9.31
C GLY D 85 32.36 -23.71 9.37
N GLY D 86 31.71 -22.83 8.61
CA GLY D 86 32.13 -21.44 8.69
C GLY D 86 31.19 -20.47 7.96
N LEU D 87 31.54 -19.18 8.01
CA LEU D 87 30.75 -18.11 7.41
C LEU D 87 31.69 -17.45 6.39
N ARG D 88 31.31 -17.47 5.10
CA ARG D 88 32.21 -17.01 4.06
C ARG D 88 31.67 -15.71 3.54
N CYS D 89 32.50 -14.68 3.54
CA CYS D 89 32.15 -13.42 2.89
C CYS D 89 31.91 -13.63 1.41
N LEU D 90 30.87 -13.02 0.84
CA LEU D 90 30.59 -13.16 -0.57
C LEU D 90 31.66 -12.50 -1.44
N TYR D 91 32.37 -11.49 -0.91
CA TYR D 91 33.11 -10.56 -1.76
C TYR D 91 34.35 -11.25 -2.38
N HIS D 92 35.26 -11.79 -1.52
CA HIS D 92 36.44 -12.48 -2.07
C HIS D 92 36.57 -13.84 -1.41
N GLY D 93 35.51 -14.23 -0.68
CA GLY D 93 35.40 -15.58 -0.16
C GLY D 93 36.36 -15.89 0.98
N TRP D 94 36.74 -14.90 1.77
CA TRP D 94 37.29 -15.17 3.10
C TRP D 94 36.28 -15.87 3.96
N LYS D 95 36.75 -16.87 4.70
CA LYS D 95 35.78 -17.69 5.42
C LYS D 95 36.25 -17.83 6.86
N MET D 96 35.39 -17.50 7.82
CA MET D 96 35.78 -17.46 9.23
C MET D 96 35.05 -18.57 9.94
N ASP D 97 35.66 -19.13 10.99
CA ASP D 97 34.87 -19.99 11.86
C ASP D 97 34.23 -19.17 13.01
N VAL D 98 33.49 -19.87 13.90
CA VAL D 98 32.79 -19.24 15.02
C VAL D 98 33.79 -18.52 15.95
N ASP D 99 35.08 -18.91 15.91
CA ASP D 99 36.06 -18.30 16.81
C ASP D 99 36.75 -17.14 16.10
N GLY D 100 36.41 -16.86 14.85
CA GLY D 100 37.06 -15.71 14.23
C GLY D 100 38.34 -16.12 13.50
N ASN D 101 38.62 -17.42 13.41
CA ASN D 101 39.78 -17.85 12.61
C ASN D 101 39.42 -17.74 11.14
N VAL D 102 40.35 -17.22 10.37
CA VAL D 102 40.23 -17.24 8.93
C VAL D 102 40.63 -18.62 8.41
N LEU D 103 39.66 -19.42 8.04
CA LEU D 103 39.99 -20.77 7.63
C LEU D 103 40.53 -20.76 6.21
N GLU D 104 40.15 -19.74 5.42
CA GLU D 104 40.44 -19.79 4.01
C GLU D 104 40.31 -18.39 3.38
N MET D 105 41.13 -18.12 2.36
CA MET D 105 41.00 -16.90 1.59
C MET D 105 40.92 -17.26 0.10
N ALA D 106 39.71 -17.23 -0.47
CA ALA D 106 39.56 -17.82 -1.81
C ALA D 106 40.55 -17.26 -2.84
N SER D 107 40.98 -16.00 -2.74
CA SER D 107 41.90 -15.56 -3.79
C SER D 107 43.31 -15.22 -3.32
N GLU D 108 43.66 -15.55 -2.09
CA GLU D 108 45.02 -15.32 -1.63
C GLU D 108 45.81 -16.58 -1.91
N PRO D 109 47.10 -16.46 -2.33
CA PRO D 109 47.97 -17.63 -2.57
C PRO D 109 48.17 -18.55 -1.37
N ALA D 110 48.38 -19.85 -1.66
CA ALA D 110 48.82 -20.82 -0.67
C ALA D 110 50.06 -20.28 0.04
N ALA D 111 50.95 -19.67 -0.76
CA ALA D 111 52.18 -18.96 -0.40
C ALA D 111 52.04 -18.14 0.89
N SER D 112 52.19 -16.81 0.76
CA SER D 112 52.30 -15.86 1.88
C SER D 112 51.38 -16.23 3.04
N GLY D 113 51.98 -16.38 4.23
CA GLY D 113 51.29 -16.92 5.40
C GLY D 113 50.34 -15.91 6.04
N MET D 114 49.28 -15.55 5.31
CA MET D 114 48.37 -14.48 5.67
C MET D 114 47.07 -15.04 6.27
N VAL D 115 46.79 -16.33 5.96
CA VAL D 115 45.62 -17.06 6.43
C VAL D 115 45.65 -17.15 7.97
N ASP D 116 46.87 -17.18 8.55
CA ASP D 116 47.10 -17.38 9.97
C ASP D 116 47.30 -16.05 10.71
N LYS D 117 47.56 -14.97 9.96
CA LYS D 117 47.89 -13.66 10.51
C LYS D 117 46.65 -12.86 10.90
N VAL D 118 45.51 -13.09 10.23
CA VAL D 118 44.29 -12.34 10.50
C VAL D 118 43.41 -13.18 11.42
N LYS D 119 42.96 -12.55 12.50
CA LYS D 119 41.95 -13.15 13.36
C LYS D 119 40.77 -12.19 13.47
N HIS D 120 39.56 -12.63 13.09
CA HIS D 120 38.44 -11.71 13.11
C HIS D 120 38.00 -11.52 14.54
N THR D 121 37.57 -10.32 14.90
CA THR D 121 36.89 -10.20 16.18
C THR D 121 35.68 -11.12 16.31
N ALA D 122 35.76 -12.07 17.25
CA ALA D 122 34.70 -13.01 17.57
C ALA D 122 34.69 -13.18 19.09
N TYR D 123 33.51 -13.27 19.71
CA TYR D 123 33.37 -13.32 21.14
C TYR D 123 32.99 -14.73 21.63
N PRO D 124 33.31 -15.07 22.88
CA PRO D 124 32.82 -16.32 23.45
C PRO D 124 31.29 -16.27 23.59
N THR D 125 30.62 -17.42 23.35
CA THR D 125 29.17 -17.50 23.34
C THR D 125 28.70 -18.68 24.19
N GLN D 126 27.46 -18.57 24.68
CA GLN D 126 26.74 -19.64 25.33
C GLN D 126 25.29 -19.57 24.86
N GLU D 127 24.63 -20.72 24.82
CA GLU D 127 23.20 -20.75 24.62
C GLU D 127 22.53 -21.17 25.91
N TRP D 128 21.50 -20.41 26.33
CA TRP D 128 20.82 -20.69 27.57
C TRP D 128 19.55 -19.85 27.62
N ALA D 129 18.45 -20.49 28.07
CA ALA D 129 17.17 -19.87 28.32
C ALA D 129 16.64 -19.22 27.03
N GLY D 130 16.93 -19.86 25.88
CA GLY D 130 16.37 -19.38 24.64
C GLY D 130 17.11 -18.15 24.10
N MET D 131 18.21 -17.72 24.75
CA MET D 131 19.01 -16.62 24.19
C MET D 131 20.39 -17.12 23.81
N VAL D 132 20.97 -16.46 22.81
CA VAL D 132 22.42 -16.50 22.55
C VAL D 132 23.06 -15.44 23.44
N TRP D 133 24.09 -15.82 24.21
CA TRP D 133 24.79 -14.87 25.09
C TRP D 133 26.21 -14.77 24.57
N ALA D 134 26.81 -13.58 24.73
CA ALA D 134 28.22 -13.40 24.42
C ALA D 134 28.91 -12.73 25.61
N TYR D 135 30.23 -12.94 25.66
CA TYR D 135 31.04 -12.19 26.58
C TYR D 135 31.89 -11.19 25.79
N MET D 136 31.59 -9.90 25.90
CA MET D 136 32.17 -8.90 25.00
C MET D 136 33.21 -8.06 25.74
N GLY D 137 33.54 -8.50 26.99
CA GLY D 137 34.53 -7.82 27.83
C GLY D 137 35.94 -8.30 27.48
N PRO D 138 37.04 -7.81 28.09
CA PRO D 138 38.38 -8.28 27.68
C PRO D 138 38.41 -9.77 27.97
N LYS D 139 38.97 -10.53 27.02
CA LYS D 139 38.80 -11.97 27.04
C LYS D 139 39.30 -12.64 28.33
N GLU D 140 40.37 -12.14 28.97
CA GLU D 140 40.81 -12.75 30.22
C GLU D 140 39.95 -12.37 31.42
N THR D 141 38.88 -11.54 31.23
CA THR D 141 37.93 -11.30 32.32
C THR D 141 36.70 -12.22 32.25
N MET D 142 36.62 -13.14 31.28
CA MET D 142 35.39 -13.88 31.07
C MET D 142 35.17 -14.85 32.22
N PRO D 143 34.05 -14.80 32.96
CA PRO D 143 33.81 -15.75 34.04
C PRO D 143 33.07 -16.97 33.50
N GLU D 144 32.92 -17.97 34.37
CA GLU D 144 32.19 -19.16 33.97
C GLU D 144 30.74 -18.71 33.74
N PHE D 145 30.10 -19.16 32.65
CA PHE D 145 28.71 -18.82 32.49
C PHE D 145 27.90 -19.60 33.53
N LEU D 146 27.20 -18.90 34.44
CA LEU D 146 26.35 -19.56 35.43
C LEU D 146 24.89 -19.23 35.15
N PRO D 147 23.92 -20.04 35.63
CA PRO D 147 22.49 -19.77 35.40
C PRO D 147 22.02 -18.39 35.86
N PRO D 148 21.27 -17.59 35.07
CA PRO D 148 20.72 -16.33 35.57
C PRO D 148 19.64 -16.69 36.60
N ALA D 149 19.24 -15.71 37.40
CA ALA D 149 18.33 -15.87 38.52
C ALA D 149 16.96 -16.27 37.97
N TRP D 150 16.74 -15.95 36.69
CA TRP D 150 15.44 -16.12 36.10
C TRP D 150 15.44 -17.30 35.14
N ALA D 151 16.53 -18.10 35.13
CA ALA D 151 16.57 -19.29 34.31
C ALA D 151 17.46 -20.29 35.03
N PRO D 152 16.99 -20.86 36.18
CA PRO D 152 17.83 -21.64 37.08
C PRO D 152 18.39 -22.96 36.52
N THR D 153 17.64 -23.65 35.65
CA THR D 153 18.21 -24.86 35.05
C THR D 153 17.46 -25.28 33.80
N ALA D 154 17.85 -26.47 33.31
CA ALA D 154 17.43 -26.92 31.99
C ALA D 154 15.95 -27.30 31.95
N ASP D 155 15.27 -27.53 33.10
CA ASP D 155 13.87 -27.94 33.06
C ASP D 155 12.92 -26.75 33.27
N THR D 156 13.46 -25.54 33.27
CA THR D 156 12.63 -24.36 33.49
C THR D 156 12.05 -23.89 32.14
N ARG D 157 10.74 -23.63 32.07
CA ARG D 157 10.28 -23.06 30.81
C ARG D 157 10.62 -21.57 30.79
N VAL D 158 11.22 -21.09 29.70
CA VAL D 158 11.44 -19.67 29.57
C VAL D 158 10.80 -19.20 28.27
N SER D 159 9.86 -18.23 28.36
CA SER D 159 9.23 -17.70 27.16
C SER D 159 9.49 -16.21 27.06
N ILE D 160 9.95 -15.78 25.89
CA ILE D 160 10.56 -14.44 25.82
C ILE D 160 9.77 -13.60 24.82
N ALA D 161 9.47 -12.35 25.19
CA ALA D 161 9.12 -11.37 24.17
C ALA D 161 10.32 -10.44 24.02
N LYS D 162 10.78 -10.28 22.80
CA LYS D 162 11.88 -9.37 22.50
C LYS D 162 11.33 -8.20 21.69
N VAL D 163 11.69 -6.97 22.11
CA VAL D 163 11.30 -5.81 21.32
C VAL D 163 12.54 -4.93 21.21
N LEU D 164 12.85 -4.44 20.01
CA LEU D 164 13.93 -3.48 19.87
C LEU D 164 13.30 -2.11 20.03
N LEU D 165 13.72 -1.36 21.06
CA LEU D 165 13.10 -0.10 21.42
C LEU D 165 14.07 1.02 21.15
N PRO D 166 13.58 2.11 20.50
CA PRO D 166 14.48 3.18 20.21
C PRO D 166 14.63 4.16 21.37
N CYS D 167 14.93 3.69 22.58
CA CYS D 167 15.48 4.70 23.48
C CYS D 167 16.55 4.02 24.34
N ASN D 168 17.24 4.82 25.18
CA ASN D 168 18.33 4.36 25.99
C ASN D 168 17.86 3.36 27.06
N TRP D 169 18.76 2.44 27.40
CA TRP D 169 18.40 1.36 28.30
C TRP D 169 17.88 1.85 29.65
N ALA D 170 18.45 2.92 30.22
CA ALA D 170 18.21 3.21 31.65
C ALA D 170 16.75 3.58 31.96
N GLN D 171 16.09 4.32 31.05
CA GLN D 171 14.71 4.68 31.30
C GLN D 171 13.79 3.44 31.24
N ILE D 172 14.22 2.44 30.47
CA ILE D 172 13.46 1.20 30.33
C ILE D 172 13.64 0.35 31.64
N LEU D 173 14.88 0.17 32.05
CA LEU D 173 15.15 -0.47 33.33
C LEU D 173 14.33 0.23 34.43
N GLU D 174 14.30 1.58 34.48
CA GLU D 174 13.69 2.29 35.59
C GLU D 174 12.21 1.93 35.64
N GLY D 175 11.65 1.73 34.44
CA GLY D 175 10.25 1.37 34.31
C GLY D 175 9.91 0.04 34.96
N ALA D 176 10.94 -0.78 35.28
CA ALA D 176 10.67 -2.11 35.82
C ALA D 176 10.92 -2.09 37.33
N ILE D 177 11.40 -0.97 37.87
CA ILE D 177 11.57 -0.88 39.33
C ILE D 177 10.73 0.30 39.80
N ASP D 178 9.45 0.29 39.42
CA ASP D 178 8.65 1.47 39.59
C ASP D 178 7.24 1.03 39.95
N SER D 179 7.12 0.24 41.01
CA SER D 179 5.89 -0.46 41.34
C SER D 179 4.62 0.39 41.23
N ALA D 180 4.71 1.69 41.56
CA ALA D 180 3.54 2.56 41.60
C ALA D 180 2.87 2.69 40.21
N HIS D 181 3.67 2.69 39.15
CA HIS D 181 3.15 2.92 37.81
C HIS D 181 2.03 1.95 37.45
N SER D 182 2.03 0.72 38.00
CA SER D 182 1.02 -0.28 37.61
C SER D 182 -0.39 0.19 37.94
N SER D 183 -0.48 0.85 39.10
CA SER D 183 -1.69 1.40 39.69
C SER D 183 -2.28 2.54 38.86
N SER D 184 -1.48 3.14 37.97
CA SER D 184 -2.01 4.11 37.01
C SER D 184 -2.01 3.53 35.59
N LEU D 185 -0.82 3.51 34.96
CA LEU D 185 -0.65 3.06 33.58
C LEU D 185 -1.42 1.75 33.37
N HIS D 186 -1.29 0.80 34.30
CA HIS D 186 -1.77 -0.54 34.04
C HIS D 186 -3.10 -0.79 34.77
N SER D 187 -3.82 0.28 35.15
CA SER D 187 -4.99 0.07 36.01
C SER D 187 -6.09 -0.73 35.30
N SER D 188 -6.10 -0.78 33.95
CA SER D 188 -7.13 -1.52 33.23
C SER D 188 -6.63 -2.93 32.89
N ASP D 189 -5.41 -3.27 33.30
CA ASP D 189 -4.84 -4.56 32.98
C ASP D 189 -4.70 -5.43 34.23
N MET D 190 -5.50 -5.18 35.29
CA MET D 190 -5.44 -5.98 36.52
C MET D 190 -6.57 -7.02 36.53
N ARG D 207 -5.19 -8.87 41.48
CA ARG D 207 -4.43 -8.14 42.54
C ARG D 207 -5.30 -7.87 43.78
N PRO D 208 -4.82 -8.20 45.01
CA PRO D 208 -5.61 -8.09 46.24
C PRO D 208 -5.54 -6.73 46.94
N SER D 209 -5.45 -5.68 46.12
CA SER D 209 -5.24 -4.33 46.59
C SER D 209 -5.78 -3.37 45.54
N THR D 210 -6.20 -2.18 46.00
CA THR D 210 -6.64 -1.07 45.15
C THR D 210 -5.83 0.18 45.53
N ASP D 211 -4.87 -0.01 46.45
CA ASP D 211 -3.98 1.05 46.90
C ASP D 211 -3.04 1.49 45.76
N LYS D 212 -3.05 2.78 45.40
CA LYS D 212 -2.21 3.30 44.31
C LYS D 212 -0.91 3.89 44.82
N ALA D 213 -0.80 4.08 46.15
CA ALA D 213 0.36 4.80 46.68
C ALA D 213 1.15 3.92 47.63
N PRO D 214 1.88 2.88 47.12
CA PRO D 214 2.57 1.97 48.02
C PRO D 214 3.72 2.74 48.70
N ARG D 215 4.02 2.33 49.95
CA ARG D 215 5.27 2.64 50.66
C ARG D 215 6.42 1.82 50.04
N MET D 216 7.60 2.45 50.00
CA MET D 216 8.73 1.85 49.33
C MET D 216 9.87 1.65 50.33
N GLN D 217 10.53 0.50 50.28
CA GLN D 217 11.73 0.27 51.06
C GLN D 217 12.73 -0.51 50.22
N VAL D 218 13.99 -0.16 50.38
CA VAL D 218 15.06 -0.69 49.54
C VAL D 218 16.07 -1.36 50.44
N GLN D 219 16.71 -2.43 49.95
CA GLN D 219 17.80 -3.13 50.62
C GLN D 219 18.90 -3.40 49.61
N ARG D 220 20.02 -2.66 49.71
CA ARG D 220 21.19 -2.86 48.87
C ARG D 220 21.76 -4.26 49.05
N THR D 221 22.31 -4.80 47.97
CA THR D 221 23.01 -6.06 48.02
C THR D 221 24.27 -5.88 47.19
N GLY D 222 25.09 -6.94 47.12
CA GLY D 222 26.29 -6.87 46.34
C GLY D 222 26.01 -7.04 44.84
N TYR D 223 24.79 -7.35 44.42
CA TYR D 223 24.58 -7.51 42.97
C TYR D 223 23.61 -6.44 42.46
N GLY D 224 23.09 -5.59 43.38
CA GLY D 224 22.11 -4.59 43.07
C GLY D 224 21.33 -4.16 44.30
N PHE D 225 19.99 -4.33 44.28
CA PHE D 225 19.21 -4.17 45.49
C PHE D 225 17.91 -4.98 45.40
N ARG D 226 17.29 -5.26 46.55
CA ARG D 226 15.90 -5.65 46.49
C ARG D 226 15.10 -4.46 46.97
N TYR D 227 13.83 -4.41 46.57
CA TYR D 227 12.93 -3.42 47.14
C TYR D 227 11.55 -4.05 47.31
N ALA D 228 10.78 -3.48 48.24
CA ALA D 228 9.39 -3.87 48.47
C ALA D 228 8.51 -2.63 48.32
N ALA D 229 7.43 -2.78 47.54
CA ALA D 229 6.31 -1.88 47.52
C ALA D 229 5.26 -2.47 48.46
N LEU D 230 4.90 -1.74 49.51
CA LEU D 230 3.90 -2.23 50.44
C LEU D 230 2.59 -1.48 50.19
N ARG D 231 1.53 -2.25 49.97
CA ARG D 231 0.21 -1.72 49.73
C ARG D 231 -0.71 -2.16 50.88
N ARG D 232 -1.72 -1.34 51.17
CA ARG D 232 -2.85 -1.75 51.98
C ARG D 232 -3.62 -2.81 51.19
N PRO D 233 -3.74 -4.06 51.72
CA PRO D 233 -4.56 -5.07 51.07
C PRO D 233 -6.03 -4.65 51.23
N LEU D 234 -6.95 -5.33 50.50
CA LEU D 234 -8.37 -5.01 50.50
C LEU D 234 -9.11 -5.49 51.74
N SER D 235 -8.53 -6.44 52.47
CA SER D 235 -8.99 -6.80 53.79
C SER D 235 -7.81 -6.76 54.74
N ASN D 236 -8.10 -6.57 56.04
CA ASN D 236 -7.12 -6.64 57.11
C ASN D 236 -5.93 -5.69 56.88
N ALA D 237 -6.22 -4.51 56.32
CA ALA D 237 -5.13 -3.63 55.91
C ALA D 237 -4.38 -3.12 57.13
N ALA D 238 -4.97 -3.19 58.34
CA ALA D 238 -4.24 -2.73 59.50
C ALA D 238 -3.45 -3.85 60.18
N GLU D 239 -3.59 -5.12 59.77
CA GLU D 239 -2.75 -6.22 60.24
C GLU D 239 -1.62 -6.53 59.25
N ASN D 240 -1.92 -6.40 57.96
CA ASN D 240 -1.11 -6.99 56.90
C ASN D 240 -0.83 -5.95 55.83
N ASP D 241 0.30 -6.15 55.14
CA ASP D 241 0.65 -5.44 53.92
C ASP D 241 0.64 -6.44 52.75
N TYR D 242 0.16 -5.93 51.61
CA TYR D 242 0.43 -6.55 50.33
C TYR D 242 1.84 -6.14 49.90
N VAL D 243 2.78 -7.09 50.05
CA VAL D 243 4.20 -6.94 49.71
C VAL D 243 4.48 -7.42 48.26
N ARG D 244 4.98 -6.50 47.43
CA ARG D 244 5.51 -6.86 46.13
C ARG D 244 6.99 -6.52 46.14
N SER D 245 7.83 -7.54 46.04
CA SER D 245 9.26 -7.28 46.10
C SER D 245 9.85 -7.58 44.73
N THR D 246 10.65 -6.62 44.26
CA THR D 246 11.30 -6.65 42.95
C THR D 246 12.79 -6.68 43.24
N VAL D 247 13.57 -7.35 42.39
CA VAL D 247 15.00 -7.35 42.61
C VAL D 247 15.66 -6.68 41.40
N PHE D 248 16.53 -5.70 41.67
CA PHE D 248 17.40 -5.12 40.67
C PHE D 248 18.70 -5.92 40.60
N VAL D 249 18.96 -6.54 39.45
CA VAL D 249 20.22 -7.24 39.28
C VAL D 249 21.06 -6.45 38.30
N ALA D 250 22.15 -5.87 38.79
CA ALA D 250 22.88 -4.96 37.96
C ALA D 250 23.51 -5.75 36.82
N PRO D 251 23.74 -5.10 35.67
CA PRO D 251 23.39 -3.68 35.46
C PRO D 251 21.97 -3.31 34.99
N ALA D 252 21.22 -4.29 34.41
CA ALA D 252 20.02 -3.91 33.68
C ALA D 252 18.96 -5.01 33.61
N THR D 253 18.80 -5.69 34.76
CA THR D 253 17.88 -6.80 34.93
C THR D 253 16.96 -6.43 36.09
N ALA D 254 15.64 -6.68 35.94
CA ALA D 254 14.72 -6.61 37.06
C ALA D 254 14.03 -7.96 37.18
N LEU D 255 14.16 -8.59 38.35
CA LEU D 255 13.22 -9.66 38.65
C LEU D 255 11.96 -9.01 39.22
N ILE D 256 10.86 -9.15 38.49
CA ILE D 256 9.63 -8.41 38.68
C ILE D 256 8.77 -9.36 39.46
N PRO D 257 7.84 -8.85 40.29
CA PRO D 257 7.06 -9.75 41.15
C PRO D 257 6.34 -10.81 40.31
N PRO D 258 6.33 -12.08 40.74
CA PRO D 258 5.64 -13.09 39.95
C PRO D 258 4.13 -12.98 40.16
N ASN D 259 3.41 -13.87 39.49
CA ASN D 259 1.99 -14.05 39.74
C ASN D 259 1.88 -15.36 40.51
N ASN D 260 0.70 -16.01 40.44
CA ASN D 260 0.48 -17.24 41.18
C ASN D 260 1.04 -18.44 40.42
N LEU D 261 1.26 -18.34 39.11
CA LEU D 261 1.62 -19.53 38.37
C LEU D 261 3.08 -19.54 37.93
N TYR D 262 3.65 -18.36 37.66
CA TYR D 262 4.96 -18.28 37.03
C TYR D 262 5.63 -16.96 37.37
N ASN D 263 6.91 -16.85 37.01
CA ASN D 263 7.73 -15.68 37.29
C ASN D 263 7.89 -14.85 36.03
N VAL D 264 8.35 -13.60 36.23
CA VAL D 264 8.48 -12.58 35.22
C VAL D 264 9.80 -11.88 35.49
N ALA D 265 10.63 -11.74 34.44
CA ALA D 265 11.85 -10.96 34.54
C ALA D 265 11.98 -10.07 33.31
N ASN D 266 12.89 -9.10 33.40
CA ASN D 266 13.16 -8.19 32.32
C ASN D 266 14.68 -8.05 32.25
N ILE D 267 15.26 -8.31 31.08
CA ILE D 267 16.66 -8.01 30.91
C ILE D 267 16.87 -7.10 29.71
N ASN D 268 17.66 -6.03 29.89
CA ASN D 268 17.74 -5.03 28.86
C ASN D 268 19.17 -4.98 28.38
N VAL D 269 19.31 -4.94 27.04
CA VAL D 269 20.68 -4.92 26.56
C VAL D 269 20.80 -3.70 25.67
N PRO D 270 21.67 -2.74 26.03
CA PRO D 270 21.83 -1.55 25.18
C PRO D 270 22.43 -1.94 23.82
N MET D 271 21.72 -1.59 22.75
CA MET D 271 22.27 -1.75 21.40
C MET D 271 23.29 -0.65 21.12
N ASP D 272 22.97 0.55 21.55
CA ASP D 272 23.85 1.71 21.45
C ASP D 272 23.26 2.73 22.42
N ASP D 273 23.61 3.99 22.29
CA ASP D 273 23.25 4.95 23.31
C ASP D 273 21.77 5.27 23.32
N THR D 274 21.09 4.97 22.20
CA THR D 274 19.72 5.43 22.05
C THR D 274 18.80 4.29 21.59
N ASN D 275 19.24 3.03 21.66
CA ASN D 275 18.40 1.89 21.29
C ASN D 275 18.69 0.75 22.27
N THR D 276 17.67 -0.04 22.58
CA THR D 276 17.78 -1.11 23.58
C THR D 276 17.06 -2.39 23.13
N ALA D 277 17.74 -3.56 23.19
CA ALA D 277 17.01 -4.80 23.02
C ALA D 277 16.36 -5.07 24.37
N PHE D 278 15.03 -5.08 24.37
CA PHE D 278 14.24 -5.31 25.57
C PHE D 278 13.71 -6.75 25.55
N TYR D 279 14.00 -7.46 26.64
CA TYR D 279 13.57 -8.83 26.69
C TYR D 279 12.68 -8.96 27.91
N PHE D 280 11.47 -9.46 27.67
CA PHE D 280 10.53 -9.57 28.78
C PHE D 280 10.05 -11.03 28.83
N ILE D 281 10.21 -11.67 30.00
CA ILE D 281 10.36 -13.12 30.10
C ILE D 281 9.34 -13.67 31.09
N ALA D 282 8.60 -14.73 30.68
CA ALA D 282 7.82 -15.53 31.60
C ALA D 282 8.63 -16.81 31.88
N TRP D 283 8.70 -17.22 33.16
CA TRP D 283 9.51 -18.38 33.44
C TRP D 283 8.99 -19.19 34.64
N GLY D 284 9.23 -20.50 34.60
CA GLY D 284 8.77 -21.34 35.67
C GLY D 284 8.54 -22.78 35.22
N HIS D 285 7.65 -23.47 35.91
CA HIS D 285 7.46 -24.86 35.55
C HIS D 285 6.68 -24.94 34.23
N PRO D 286 7.06 -25.83 33.29
CA PRO D 286 6.42 -25.88 31.97
C PRO D 286 4.90 -26.02 32.06
N SER D 287 4.42 -26.65 33.14
CA SER D 287 3.00 -26.90 33.21
C SER D 287 2.23 -25.64 33.59
N GLN D 288 2.89 -24.60 34.11
CA GLN D 288 2.15 -23.45 34.61
C GLN D 288 2.56 -22.14 33.91
N THR D 289 3.44 -22.20 32.92
CA THR D 289 4.07 -21.05 32.34
C THR D 289 3.66 -21.03 30.87
N PRO D 290 3.18 -19.89 30.33
CA PRO D 290 2.70 -19.88 28.94
C PRO D 290 3.86 -20.09 27.99
N GLU D 291 3.56 -20.62 26.80
CA GLU D 291 4.55 -20.87 25.76
C GLU D 291 4.85 -19.55 25.06
N THR D 292 5.85 -19.50 24.20
CA THR D 292 6.36 -18.24 23.67
C THR D 292 5.25 -17.45 22.95
N GLU D 293 4.49 -18.11 22.06
CA GLU D 293 3.53 -17.35 21.28
C GLU D 293 2.36 -16.88 22.14
N THR D 294 2.05 -17.66 23.18
CA THR D 294 0.93 -17.33 24.05
C THR D 294 1.33 -16.07 24.79
N TRP D 295 2.57 -16.04 25.27
CA TRP D 295 3.11 -14.93 26.03
C TRP D 295 3.07 -13.67 25.16
N ARG D 296 3.59 -13.82 23.91
CA ARG D 296 3.65 -12.67 23.00
C ARG D 296 2.26 -12.20 22.67
N LYS D 297 1.33 -13.12 22.49
CA LYS D 297 0.02 -12.63 22.10
C LYS D 297 -0.61 -11.85 23.26
N PHE D 298 -0.53 -12.41 24.46
CA PHE D 298 -1.00 -11.75 25.67
C PHE D 298 -0.35 -10.36 25.85
N LEU D 299 0.95 -10.19 25.50
CA LEU D 299 1.65 -8.92 25.70
C LEU D 299 1.46 -7.95 24.53
N ARG D 300 0.89 -8.47 23.41
CA ARG D 300 0.84 -7.77 22.12
C ARG D 300 2.25 -7.46 21.61
N GLN D 301 3.06 -8.52 21.49
CA GLN D 301 4.45 -8.43 21.03
C GLN D 301 4.63 -9.59 20.04
N THR D 302 3.61 -9.80 19.18
CA THR D 302 3.70 -10.87 18.20
C THR D 302 4.41 -10.38 16.96
N VAL D 303 5.43 -11.14 16.57
CA VAL D 303 6.13 -10.83 15.34
C VAL D 303 5.17 -10.95 14.16
N GLY D 304 5.10 -9.94 13.28
CA GLY D 304 4.21 -10.00 12.13
C GLY D 304 2.85 -9.37 12.45
N VAL D 305 2.55 -9.13 13.73
CA VAL D 305 1.32 -8.42 14.07
C VAL D 305 1.64 -7.16 14.85
N ASP D 306 2.36 -7.28 15.99
CA ASP D 306 2.75 -6.07 16.72
C ASP D 306 4.13 -5.56 16.31
N LEU D 307 5.02 -6.48 15.89
CA LEU D 307 6.40 -6.16 15.58
C LEU D 307 6.65 -6.52 14.13
N ASP D 308 7.68 -5.90 13.56
CA ASP D 308 8.11 -6.27 12.21
C ASP D 308 9.02 -7.49 12.38
N GLN D 309 9.55 -8.00 11.30
CA GLN D 309 10.36 -9.23 11.37
C GLN D 309 11.65 -9.03 12.17
N ASN D 310 12.08 -7.80 12.38
CA ASN D 310 13.25 -7.55 13.21
C ASN D 310 12.89 -7.22 14.66
N TYR D 311 11.63 -7.45 15.04
CA TYR D 311 11.15 -7.25 16.40
C TYR D 311 11.07 -5.77 16.78
N ARG D 312 10.84 -4.89 15.80
CA ARG D 312 10.63 -3.48 16.10
C ARG D 312 9.13 -3.20 16.08
N PRO D 313 8.67 -2.40 17.05
CA PRO D 313 7.25 -2.14 17.25
C PRO D 313 6.70 -1.42 16.03
N LEU D 314 5.53 -1.82 15.54
CA LEU D 314 4.76 -1.01 14.60
C LEU D 314 4.05 0.15 15.28
N ARG D 315 3.69 -0.01 16.57
CA ARG D 315 3.23 1.10 17.41
C ARG D 315 4.38 2.11 17.53
N ASN D 316 4.07 3.39 17.26
CA ASN D 316 5.10 4.41 17.33
C ASN D 316 4.45 5.75 17.62
N GLU D 317 5.29 6.79 17.68
CA GLU D 317 4.83 8.12 18.05
C GLU D 317 3.98 8.68 16.93
N ALA D 318 4.35 8.42 15.68
CA ALA D 318 3.50 9.00 14.65
C ALA D 318 2.11 8.34 14.65
N ASN D 319 1.94 7.09 15.16
CA ASN D 319 0.56 6.61 15.14
C ASN D 319 0.02 6.59 16.58
N LYS D 320 0.79 7.23 17.51
CA LYS D 320 0.38 7.43 18.90
C LYS D 320 0.21 6.08 19.62
N PHE D 321 1.07 5.12 19.22
CA PHE D 321 1.02 3.78 19.80
C PHE D 321 -0.36 3.12 19.64
N TRP D 322 -1.07 3.46 18.53
CA TRP D 322 -2.44 3.00 18.24
C TRP D 322 -3.42 3.42 19.34
N GLN D 323 -3.13 4.47 20.10
CA GLN D 323 -3.94 4.74 21.26
C GLN D 323 -5.37 4.96 20.77
N ASP D 324 -6.35 4.35 21.42
CA ASP D 324 -7.72 4.50 20.95
C ASP D 324 -8.50 5.43 21.91
N ARG D 325 -8.81 6.63 21.45
CA ARG D 325 -9.47 7.55 22.40
C ARG D 325 -10.89 7.15 22.77
N ASN D 326 -11.59 6.48 21.85
CA ASN D 326 -12.91 5.91 22.14
C ASN D 326 -12.78 4.85 23.23
N ALA D 327 -11.74 4.01 23.21
CA ALA D 327 -11.62 3.07 24.30
C ALA D 327 -11.45 3.85 25.61
N MET D 328 -10.77 4.99 25.52
CA MET D 328 -10.44 5.62 26.79
C MET D 328 -11.70 6.24 27.40
N LYS D 329 -12.47 6.90 26.54
CA LYS D 329 -13.78 7.43 26.88
C LYS D 329 -14.65 6.30 27.44
N ALA D 330 -14.54 5.11 26.85
CA ALA D 330 -15.33 4.01 27.40
C ALA D 330 -14.74 3.50 28.71
N GLY D 331 -13.65 4.07 29.23
CA GLY D 331 -13.26 3.56 30.55
C GLY D 331 -11.94 2.77 30.52
N ASN D 332 -11.39 2.48 29.35
CA ASN D 332 -10.08 1.86 29.35
C ASN D 332 -9.05 2.94 29.74
N PHE D 333 -8.15 2.64 30.70
CA PHE D 333 -7.22 3.68 31.15
C PHE D 333 -6.41 4.38 30.03
N THR D 334 -5.62 3.61 29.23
CA THR D 334 -4.63 4.21 28.32
C THR D 334 -5.04 4.17 26.86
N GLY D 335 -6.04 3.33 26.56
CA GLY D 335 -6.48 2.92 25.25
C GLY D 335 -5.36 2.36 24.38
N ILE D 336 -4.32 1.78 25.03
CA ILE D 336 -3.21 1.10 24.35
C ILE D 336 -3.24 -0.36 24.77
N THR D 337 -3.11 -1.26 23.79
CA THR D 337 -3.32 -2.67 24.08
C THR D 337 -1.98 -3.41 24.25
N GLY D 338 -1.91 -4.31 25.26
CA GLY D 338 -0.63 -4.88 25.63
C GLY D 338 -0.02 -4.03 26.74
N PHE D 339 0.10 -4.57 27.96
CA PHE D 339 0.58 -3.71 29.03
C PHE D 339 1.99 -3.23 28.68
N PRO D 340 2.93 -4.03 28.11
CA PRO D 340 4.24 -3.47 27.78
C PRO D 340 4.17 -2.36 26.71
N ASN D 341 3.17 -2.38 25.81
CA ASN D 341 3.08 -1.26 24.89
C ASN D 341 2.71 0.06 25.60
N GLN D 342 2.00 -0.06 26.73
CA GLN D 342 1.62 1.10 27.52
C GLN D 342 2.91 1.65 28.15
N ASP D 343 3.75 0.76 28.70
CA ASP D 343 5.04 1.22 29.22
C ASP D 343 5.86 1.87 28.12
N VAL D 344 5.83 1.25 26.92
CA VAL D 344 6.71 1.69 25.85
C VAL D 344 6.36 3.11 25.42
N ALA D 345 5.06 3.44 25.35
CA ALA D 345 4.60 4.79 25.01
C ALA D 345 5.15 5.83 26.01
N MET D 346 5.23 5.47 27.31
CA MET D 346 5.80 6.41 28.26
C MET D 346 7.30 6.59 28.04
N TRP D 347 8.03 5.47 27.92
CA TRP D 347 9.48 5.51 27.77
C TRP D 347 9.92 6.29 26.53
N LEU D 348 9.20 6.10 25.41
CA LEU D 348 9.70 6.64 24.16
C LEU D 348 9.41 8.13 24.09
N THR D 349 8.36 8.58 24.79
CA THR D 349 8.03 10.00 24.73
C THR D 349 8.94 10.82 25.63
N MET D 350 9.70 10.19 26.53
CA MET D 350 10.70 10.91 27.30
C MET D 350 11.86 11.33 26.38
N GLY D 351 11.92 10.78 25.17
CA GLY D 351 13.08 11.09 24.35
C GLY D 351 14.14 9.97 24.28
N PRO D 352 15.04 10.05 23.27
CA PRO D 352 16.01 8.99 23.02
C PRO D 352 16.81 8.68 24.26
N ILE D 353 17.25 9.71 24.98
CA ILE D 353 17.84 9.53 26.30
C ILE D 353 17.06 10.43 27.24
N ALA D 354 16.33 9.85 28.20
CA ALA D 354 15.56 10.63 29.16
C ALA D 354 16.49 11.63 29.86
N ASP D 355 15.95 12.85 30.02
CA ASP D 355 16.76 13.92 30.58
C ASP D 355 16.48 13.98 32.07
N ARG D 356 17.23 13.23 32.87
CA ARG D 356 16.91 13.10 34.28
C ARG D 356 17.19 14.39 35.06
N THR D 357 17.70 15.40 34.32
CA THR D 357 18.01 16.71 34.84
C THR D 357 16.72 17.49 35.13
N HIS D 358 15.59 17.04 34.54
CA HIS D 358 14.30 17.69 34.69
C HIS D 358 13.25 16.85 35.42
N ASP D 359 13.68 15.82 36.16
CA ASP D 359 12.72 14.98 36.84
C ASP D 359 12.23 15.75 38.05
N ARG D 360 11.02 15.49 38.50
CA ARG D 360 10.58 15.97 39.78
C ARG D 360 10.12 14.74 40.54
N LEU D 361 11.05 14.08 41.20
CA LEU D 361 10.80 12.75 41.76
C LEU D 361 9.99 12.81 43.03
N GLY D 362 9.22 11.75 43.32
CA GLY D 362 8.60 11.63 44.63
C GLY D 362 8.92 10.31 45.33
N ALA D 363 8.14 9.99 46.37
CA ALA D 363 8.21 8.78 47.17
C ALA D 363 8.16 7.55 46.28
N SER D 364 7.32 7.56 45.23
CA SER D 364 7.16 6.39 44.35
C SER D 364 8.47 6.14 43.58
N ASP D 365 9.39 7.11 43.61
CA ASP D 365 10.62 6.99 42.86
C ASP D 365 11.78 6.43 43.70
N LEU D 366 11.49 5.90 44.89
CA LEU D 366 12.59 5.52 45.78
C LEU D 366 13.53 4.50 45.13
N ALA D 367 12.98 3.47 44.46
CA ALA D 367 13.82 2.42 43.86
C ALA D 367 14.59 3.01 42.68
N ILE D 368 13.96 3.94 41.92
CA ILE D 368 14.64 4.63 40.82
C ILE D 368 15.84 5.46 41.31
N VAL D 369 15.65 6.14 42.44
CA VAL D 369 16.74 6.88 43.03
C VAL D 369 17.79 5.88 43.49
N GLU D 370 17.41 4.75 44.06
CA GLU D 370 18.48 3.87 44.48
C GLU D 370 19.29 3.39 43.27
N PHE D 371 18.60 3.06 42.16
CA PHE D 371 19.27 2.58 40.96
C PHE D 371 20.25 3.62 40.44
N ARG D 372 19.82 4.87 40.34
CA ARG D 372 20.69 5.95 39.88
C ARG D 372 21.96 6.08 40.75
N LYS D 373 21.78 6.13 42.08
CA LYS D 373 22.92 6.25 43.02
C LYS D 373 23.84 5.04 42.93
N GLN D 374 23.31 3.82 42.97
CA GLN D 374 24.15 2.65 42.97
C GLN D 374 24.89 2.54 41.64
N MET D 375 24.17 2.79 40.51
CA MET D 375 24.83 2.63 39.22
C MET D 375 25.88 3.72 38.95
N LEU D 376 25.56 4.99 39.22
CA LEU D 376 26.64 6.00 39.18
C LEU D 376 27.83 5.64 40.10
N ASP D 377 27.57 5.25 41.35
CA ASP D 377 28.69 4.86 42.20
C ASP D 377 29.46 3.68 41.63
N ALA D 378 28.73 2.66 41.17
CA ALA D 378 29.35 1.46 40.59
C ALA D 378 30.21 1.79 39.36
N VAL D 379 29.73 2.67 38.49
CA VAL D 379 30.53 2.93 37.30
C VAL D 379 31.76 3.77 37.65
N LYS D 380 31.63 4.67 38.61
CA LYS D 380 32.79 5.45 39.03
C LYS D 380 33.82 4.57 39.75
N ALA D 381 33.38 3.65 40.61
CA ALA D 381 34.32 2.77 41.28
C ALA D 381 35.05 1.92 40.23
N PHE D 382 34.29 1.47 39.24
CA PHE D 382 34.82 0.57 38.22
C PHE D 382 35.85 1.32 37.40
N GLU D 383 35.63 2.62 37.13
CA GLU D 383 36.65 3.28 36.33
C GLU D 383 37.92 3.46 37.15
N GLN D 384 37.84 3.34 38.50
CA GLN D 384 39.01 3.40 39.37
C GLN D 384 39.55 1.99 39.69
N GLY D 385 39.09 0.95 38.98
CA GLY D 385 39.62 -0.40 39.14
C GLY D 385 38.83 -1.21 40.16
N ALA D 386 37.66 -0.76 40.61
CA ALA D 386 36.87 -1.71 41.40
C ALA D 386 36.30 -2.84 40.52
N PRO D 387 36.01 -4.04 41.07
CA PRO D 387 35.31 -5.04 40.27
C PRO D 387 33.96 -4.48 39.83
N ALA D 388 33.55 -4.79 38.58
CA ALA D 388 32.19 -4.51 38.14
C ALA D 388 31.19 -5.07 39.14
N ILE D 389 30.22 -4.20 39.46
CA ILE D 389 29.11 -4.57 40.33
C ILE D 389 28.50 -5.89 39.85
N GLY D 390 28.37 -6.84 40.79
CA GLY D 390 27.65 -8.08 40.61
C GLY D 390 28.47 -9.16 39.89
N THR D 391 29.79 -8.98 39.78
CA THR D 391 30.63 -10.04 39.28
C THR D 391 31.32 -10.80 40.44
N GLY D 392 32.04 -11.87 40.11
CA GLY D 392 32.62 -12.70 41.14
C GLY D 392 31.60 -13.18 42.17
N VAL D 393 32.07 -13.33 43.40
CA VAL D 393 31.35 -13.88 44.54
C VAL D 393 30.04 -13.13 44.81
N GLU D 394 29.94 -11.85 44.43
CA GLU D 394 28.77 -11.02 44.71
C GLU D 394 27.54 -11.35 43.81
N ALA D 395 27.76 -12.06 42.69
CA ALA D 395 26.78 -12.29 41.63
C ALA D 395 25.46 -12.90 42.16
N ALA D 396 24.31 -12.42 41.63
CA ALA D 396 23.00 -13.02 41.90
C ALA D 396 22.97 -14.45 41.39
N THR D 397 22.29 -15.32 42.12
CA THR D 397 22.09 -16.68 41.65
C THR D 397 20.59 -16.90 41.72
N PRO D 398 20.05 -18.09 41.32
CA PRO D 398 18.61 -18.37 41.42
C PRO D 398 17.98 -18.41 42.82
N THR D 399 18.80 -18.39 43.89
CA THR D 399 18.35 -18.14 45.26
C THR D 399 17.82 -16.70 45.43
N VAL D 400 18.27 -15.75 44.61
CA VAL D 400 17.71 -14.40 44.57
C VAL D 400 16.40 -14.44 43.76
N CYS D 401 15.28 -13.96 44.34
CA CYS D 401 14.01 -14.05 43.63
C CYS D 401 13.12 -12.87 44.02
N SER D 402 12.30 -12.38 43.08
CA SER D 402 11.17 -11.51 43.40
C SER D 402 10.07 -12.30 44.08
N PHE D 403 9.16 -11.63 44.77
CA PHE D 403 8.02 -12.35 45.32
C PHE D 403 6.88 -11.38 45.52
N GLN D 404 5.68 -11.93 45.74
CA GLN D 404 4.53 -11.12 46.16
C GLN D 404 3.73 -12.00 47.12
N ALA D 405 3.24 -11.38 48.20
CA ALA D 405 2.53 -12.07 49.28
C ALA D 405 1.84 -11.05 50.18
N ILE D 406 0.71 -11.47 50.76
CA ILE D 406 0.13 -10.79 51.91
C ILE D 406 0.89 -11.29 53.14
N VAL D 407 1.49 -10.36 53.88
CA VAL D 407 2.31 -10.75 55.02
C VAL D 407 2.04 -9.84 56.22
N PRO D 408 2.06 -10.37 57.47
CA PRO D 408 1.69 -9.58 58.65
C PRO D 408 2.67 -8.40 58.85
N LYS D 409 2.16 -7.25 59.35
CA LYS D 409 3.02 -6.10 59.61
C LYS D 409 4.13 -6.48 60.59
N THR D 410 3.94 -7.56 61.33
CA THR D 410 4.91 -7.92 62.37
C THR D 410 6.14 -8.63 61.81
N THR D 411 6.09 -8.97 60.50
CA THR D 411 7.16 -9.63 59.72
C THR D 411 7.93 -8.61 58.90
N ASP D 412 9.26 -8.74 58.87
CA ASP D 412 10.09 -7.90 58.04
C ASP D 412 10.23 -8.50 56.63
N TRP D 413 9.78 -7.75 55.59
CA TRP D 413 9.75 -8.31 54.23
C TRP D 413 11.11 -8.86 53.84
N ARG D 414 12.19 -8.22 54.32
CA ARG D 414 13.56 -8.54 53.96
C ARG D 414 13.97 -9.86 54.57
N THR D 415 13.04 -10.40 55.36
CA THR D 415 13.25 -11.61 56.12
C THR D 415 12.42 -12.74 55.54
N TYR D 416 11.33 -12.40 54.86
CA TYR D 416 10.44 -13.40 54.25
C TYR D 416 11.28 -14.37 53.42
N ASP D 417 11.16 -15.68 53.66
CA ASP D 417 12.01 -16.68 53.03
C ASP D 417 11.44 -17.08 51.67
N ALA D 418 11.69 -16.25 50.65
CA ALA D 418 11.04 -16.32 49.35
C ALA D 418 11.76 -17.30 48.44
N HIS D 419 10.97 -18.05 47.64
CA HIS D 419 11.46 -18.87 46.54
C HIS D 419 10.76 -18.47 45.25
N TYR D 420 11.40 -18.71 44.09
CA TYR D 420 10.70 -18.38 42.85
C TYR D 420 9.51 -19.33 42.71
N VAL D 421 8.47 -18.86 42.04
CA VAL D 421 7.27 -19.66 41.86
C VAL D 421 7.60 -20.90 41.03
N TRP D 422 6.98 -22.03 41.38
CA TRP D 422 7.36 -23.25 40.70
C TRP D 422 6.14 -24.11 40.40
N LEU D 423 5.85 -25.07 41.28
CA LEU D 423 4.83 -26.07 41.03
C LEU D 423 3.90 -26.15 42.24
N ASP D 424 2.65 -25.68 42.05
CA ASP D 424 1.49 -26.01 42.88
C ASP D 424 1.51 -25.25 44.20
N GLY D 425 1.90 -23.98 44.13
CA GLY D 425 2.08 -23.16 45.32
C GLY D 425 3.25 -23.63 46.20
N GLN D 426 4.09 -24.54 45.67
CA GLN D 426 5.20 -25.19 46.36
C GLN D 426 6.52 -24.88 45.61
N ASP D 427 7.61 -24.70 46.38
CA ASP D 427 8.98 -24.42 45.91
C ASP D 427 9.51 -25.52 44.98
N ARG D 428 10.68 -25.27 44.38
CA ARG D 428 11.31 -26.26 43.51
C ARG D 428 10.91 -27.69 43.94
N MET E 1 -25.83 -6.83 -41.78
CA MET E 1 -25.80 -6.82 -40.29
C MET E 1 -25.66 -8.25 -39.77
N MET E 2 -24.81 -8.50 -38.76
CA MET E 2 -24.63 -9.86 -38.24
C MET E 2 -25.72 -10.13 -37.21
N THR E 3 -26.15 -11.38 -37.08
CA THR E 3 -27.12 -11.76 -36.07
C THR E 3 -26.40 -12.20 -34.79
N HIS E 4 -27.14 -12.38 -33.69
CA HIS E 4 -26.52 -12.85 -32.46
CA HIS E 4 -26.55 -12.87 -32.45
C HIS E 4 -25.86 -14.21 -32.68
N GLU E 5 -26.52 -15.08 -33.42
CA GLU E 5 -26.04 -16.44 -33.65
C GLU E 5 -24.78 -16.39 -34.51
N GLU E 6 -24.72 -15.48 -35.49
CA GLU E 6 -23.49 -15.41 -36.24
C GLU E 6 -22.35 -14.87 -35.36
N ASN E 7 -22.67 -14.01 -34.41
CA ASN E 7 -21.64 -13.43 -33.57
C ASN E 7 -21.05 -14.54 -32.68
N GLU E 8 -21.89 -15.40 -32.13
CA GLU E 8 -21.43 -16.47 -31.28
C GLU E 8 -20.59 -17.49 -32.05
N LEU E 9 -20.97 -17.75 -33.31
CA LEU E 9 -20.32 -18.79 -34.11
C LEU E 9 -18.89 -18.32 -34.38
N LEU E 10 -18.81 -17.07 -34.82
CA LEU E 10 -17.52 -16.44 -35.07
C LEU E 10 -16.66 -16.45 -33.79
N CYS E 11 -17.24 -16.10 -32.63
CA CYS E 11 -16.37 -15.68 -31.52
C CYS E 11 -16.10 -16.82 -30.55
N ARG E 12 -17.02 -17.77 -30.39
CA ARG E 12 -16.85 -18.73 -29.30
C ARG E 12 -15.86 -19.81 -29.68
N VAL E 13 -15.09 -20.25 -28.69
CA VAL E 13 -14.01 -21.17 -28.96
C VAL E 13 -13.95 -22.26 -27.91
N GLU E 14 -14.70 -22.11 -26.82
CA GLU E 14 -14.56 -23.07 -25.74
C GLU E 14 -15.30 -24.36 -26.12
N GLY E 15 -14.86 -25.48 -25.53
CA GLY E 15 -15.58 -26.73 -25.64
C GLY E 15 -15.54 -27.25 -27.07
N ASP E 16 -16.72 -27.54 -27.60
CA ASP E 16 -16.77 -28.05 -28.96
C ASP E 16 -17.19 -26.95 -29.92
N ALA E 17 -17.24 -25.70 -29.45
CA ALA E 17 -17.57 -24.61 -30.33
C ALA E 17 -16.83 -24.81 -31.65
N PRO E 18 -17.53 -24.77 -32.80
CA PRO E 18 -16.87 -25.05 -34.07
C PRO E 18 -15.64 -24.15 -34.29
N MET E 19 -15.74 -22.84 -33.98
CA MET E 19 -14.59 -22.00 -34.23
C MET E 19 -13.34 -22.50 -33.50
N GLY E 20 -13.46 -23.04 -32.28
CA GLY E 20 -12.29 -23.55 -31.61
C GLY E 20 -11.79 -24.85 -32.25
N ARG E 21 -12.73 -25.71 -32.70
CA ARG E 21 -12.32 -26.90 -33.41
C ARG E 21 -11.56 -26.46 -34.66
N LEU E 22 -12.07 -25.45 -35.37
CA LEU E 22 -11.36 -24.98 -36.55
C LEU E 22 -9.96 -24.47 -36.19
N MET E 23 -9.86 -23.64 -35.15
CA MET E 23 -8.55 -23.07 -34.78
C MET E 23 -7.53 -24.13 -34.35
N ARG E 24 -8.00 -25.17 -33.65
CA ARG E 24 -7.10 -26.22 -33.19
C ARG E 24 -6.58 -27.13 -34.31
N ARG E 25 -6.88 -26.82 -35.59
CA ARG E 25 -6.31 -27.53 -36.72
C ARG E 25 -5.03 -26.82 -37.11
N HIS E 26 -4.77 -25.70 -36.42
CA HIS E 26 -3.48 -25.04 -36.62
C HIS E 26 -2.60 -25.14 -35.37
N TRP E 27 -1.30 -25.35 -35.61
CA TRP E 27 -0.29 -25.16 -34.58
C TRP E 27 -0.55 -23.82 -33.86
N THR E 28 -0.60 -23.84 -32.53
CA THR E 28 -1.02 -22.62 -31.80
C THR E 28 0.07 -22.20 -30.82
N PRO E 29 0.47 -20.89 -30.78
CA PRO E 29 1.32 -20.40 -29.68
C PRO E 29 0.66 -20.56 -28.32
N ILE E 30 1.39 -21.16 -27.37
CA ILE E 30 0.89 -21.37 -26.02
C ILE E 30 1.46 -20.35 -25.02
N CYS E 31 2.74 -20.03 -25.16
CA CYS E 31 3.38 -19.11 -24.22
C CYS E 31 4.73 -18.71 -24.82
N LEU E 32 5.48 -17.80 -24.22
CA LEU E 32 6.77 -17.44 -24.77
C LEU E 32 7.79 -18.44 -24.26
N VAL E 33 8.81 -18.65 -25.08
CA VAL E 33 9.93 -19.49 -24.67
C VAL E 33 10.54 -18.90 -23.39
N GLU E 34 10.56 -17.55 -23.25
CA GLU E 34 11.20 -17.00 -22.05
C GLU E 34 10.42 -17.32 -20.76
N GLU E 35 9.17 -17.81 -20.80
CA GLU E 35 8.54 -18.09 -19.51
C GLU E 35 9.01 -19.46 -19.03
N VAL E 36 9.47 -20.37 -19.92
CA VAL E 36 9.65 -21.76 -19.47
C VAL E 36 11.02 -21.97 -18.84
N GLY E 37 11.95 -21.04 -19.09
CA GLY E 37 13.21 -21.12 -18.35
C GLY E 37 14.16 -22.19 -18.89
N GLU E 38 15.03 -22.72 -18.01
CA GLU E 38 16.01 -23.74 -18.32
C GLU E 38 15.43 -25.12 -18.04
N PRO E 39 16.12 -26.22 -18.43
CA PRO E 39 15.67 -27.57 -18.05
C PRO E 39 15.36 -27.60 -16.55
N ASP E 40 14.24 -28.27 -16.16
CA ASP E 40 13.82 -28.36 -14.77
C ASP E 40 13.28 -27.01 -14.25
N GLY E 41 12.98 -26.08 -15.16
CA GLY E 41 12.52 -24.76 -14.78
C GLY E 41 11.13 -24.76 -14.13
N THR E 42 10.80 -23.65 -13.50
CA THR E 42 9.47 -23.47 -12.93
C THR E 42 8.37 -23.77 -13.95
N PRO E 43 7.41 -24.63 -13.61
CA PRO E 43 6.28 -24.87 -14.51
C PRO E 43 5.49 -23.56 -14.69
N VAL E 44 4.94 -23.42 -15.91
CA VAL E 44 4.21 -22.23 -16.33
C VAL E 44 2.73 -22.55 -16.49
N LYS E 45 1.86 -21.65 -16.07
CA LYS E 45 0.42 -21.74 -16.32
C LYS E 45 0.07 -21.07 -17.65
N ALA E 46 -0.68 -21.80 -18.49
CA ALA E 46 -1.20 -21.18 -19.71
C ALA E 46 -2.65 -21.57 -19.88
N ARG E 47 -3.30 -20.96 -20.85
CA ARG E 47 -4.71 -21.19 -21.06
C ARG E 47 -4.93 -21.01 -22.57
N ALA E 48 -5.56 -21.97 -23.25
CA ALA E 48 -5.91 -21.81 -24.66
C ALA E 48 -7.22 -22.53 -24.94
N PHE E 49 -8.09 -21.88 -25.74
CA PHE E 49 -9.35 -22.51 -26.14
C PHE E 49 -10.19 -23.04 -24.98
N GLY E 50 -10.04 -22.44 -23.79
CA GLY E 50 -10.84 -22.84 -22.66
C GLY E 50 -10.15 -23.88 -21.78
N GLU E 51 -8.95 -24.34 -22.16
CA GLU E 51 -8.26 -25.35 -21.34
C GLU E 51 -7.11 -24.71 -20.56
N ASP E 52 -7.04 -24.98 -19.26
CA ASP E 52 -5.87 -24.64 -18.44
C ASP E 52 -4.76 -25.65 -18.73
N LEU E 53 -3.57 -25.09 -18.96
CA LEU E 53 -2.43 -25.90 -19.36
C LEU E 53 -1.26 -25.60 -18.42
N VAL E 54 -0.39 -26.61 -18.27
CA VAL E 54 0.87 -26.44 -17.59
C VAL E 54 1.90 -26.63 -18.69
N VAL E 55 2.95 -25.81 -18.72
CA VAL E 55 4.05 -25.91 -19.67
C VAL E 55 5.33 -26.04 -18.85
N PHE E 56 6.23 -26.95 -19.22
CA PHE E 56 7.47 -27.10 -18.50
C PHE E 56 8.52 -27.69 -19.41
N ARG E 57 9.76 -27.30 -19.13
CA ARG E 57 10.88 -27.81 -19.91
C ARG E 57 11.55 -28.91 -19.08
N ASP E 58 11.55 -30.16 -19.55
CA ASP E 58 12.08 -31.21 -18.68
C ASP E 58 13.61 -31.25 -18.67
N SER E 59 14.19 -32.24 -17.95
CA SER E 59 15.63 -32.26 -17.71
C SER E 59 16.40 -32.37 -19.02
N GLU E 60 15.76 -32.91 -20.05
CA GLU E 60 16.43 -33.07 -21.32
C GLU E 60 16.18 -31.85 -22.20
N GLY E 61 15.41 -30.87 -21.72
CA GLY E 61 15.29 -29.66 -22.52
C GLY E 61 14.05 -29.70 -23.41
N ARG E 62 13.24 -30.75 -23.28
CA ARG E 62 12.01 -30.86 -24.04
C ARG E 62 10.87 -30.13 -23.31
N VAL E 63 9.99 -29.48 -24.09
CA VAL E 63 8.84 -28.75 -23.59
C VAL E 63 7.59 -29.58 -23.69
N GLY E 64 6.89 -29.67 -22.55
CA GLY E 64 5.58 -30.29 -22.50
C GLY E 64 4.51 -29.22 -22.36
N VAL E 65 3.37 -29.46 -23.02
CA VAL E 65 2.15 -28.69 -22.82
C VAL E 65 1.03 -29.68 -22.50
N MET E 66 0.53 -29.66 -21.24
CA MET E 66 -0.33 -30.73 -20.75
C MET E 66 -1.51 -30.08 -20.07
N ASP E 67 -2.66 -30.75 -19.99
CA ASP E 67 -3.72 -30.35 -19.10
C ASP E 67 -3.10 -29.98 -17.73
N GLU E 68 -3.58 -28.88 -17.15
CA GLU E 68 -2.99 -28.36 -15.93
C GLU E 68 -3.28 -29.29 -14.75
N TYR E 69 -4.43 -29.96 -14.74
CA TYR E 69 -4.87 -30.75 -13.60
C TYR E 69 -4.32 -32.18 -13.64
N CYS E 70 -3.83 -32.64 -12.51
CA CYS E 70 -3.25 -33.97 -12.34
C CYS E 70 -4.30 -35.00 -12.71
N PRO E 71 -4.01 -36.05 -13.50
CA PRO E 71 -5.05 -37.04 -13.86
C PRO E 71 -5.53 -37.91 -12.68
N HIS E 72 -4.89 -37.78 -11.50
CA HIS E 72 -5.31 -38.46 -10.29
C HIS E 72 -6.54 -37.78 -9.67
N ARG E 73 -6.32 -36.76 -8.82
CA ARG E 73 -7.46 -36.07 -8.23
C ARG E 73 -7.50 -34.61 -8.68
N ARG E 74 -6.74 -34.24 -9.73
CA ARG E 74 -6.99 -32.96 -10.42
C ARG E 74 -6.46 -31.74 -9.66
N ALA E 75 -5.45 -31.97 -8.81
CA ALA E 75 -4.64 -30.88 -8.26
C ALA E 75 -3.89 -30.18 -9.39
N SER E 76 -3.48 -28.92 -9.19
CA SER E 76 -2.79 -28.30 -10.31
C SER E 76 -1.33 -28.79 -10.38
N LEU E 77 -0.83 -29.20 -11.54
CA LEU E 77 0.57 -29.62 -11.71
C LEU E 77 1.49 -28.40 -11.85
N VAL E 78 0.92 -27.19 -11.91
CA VAL E 78 1.74 -25.99 -11.97
C VAL E 78 2.59 -25.93 -10.67
N TYR E 79 2.09 -26.48 -9.57
CA TYR E 79 2.80 -26.50 -8.29
C TYR E 79 3.80 -27.64 -8.19
N GLY E 80 3.77 -28.60 -9.14
CA GLY E 80 4.58 -29.82 -9.14
C GLY E 80 6.10 -29.63 -9.25
N ARG E 81 6.86 -30.73 -9.01
CA ARG E 81 8.31 -30.70 -9.11
C ARG E 81 8.75 -31.08 -10.53
N ASN E 82 9.52 -30.21 -11.18
CA ASN E 82 9.89 -30.44 -12.56
C ASN E 82 11.34 -30.91 -12.49
N GLU E 83 11.57 -32.21 -12.61
CA GLU E 83 12.93 -32.69 -12.45
C GLU E 83 13.02 -34.15 -12.86
N GLU E 84 14.24 -34.59 -13.18
CA GLU E 84 14.45 -36.00 -13.45
C GLU E 84 13.52 -36.50 -14.56
N GLY E 85 13.45 -35.75 -15.66
CA GLY E 85 12.71 -36.19 -16.83
C GLY E 85 11.18 -36.11 -16.72
N GLY E 86 10.66 -35.29 -15.80
CA GLY E 86 9.21 -35.16 -15.74
C GLY E 86 8.66 -34.17 -14.71
N LEU E 87 7.32 -34.05 -14.66
CA LEU E 87 6.61 -33.16 -13.76
C LEU E 87 5.87 -34.01 -12.72
N ARG E 88 6.18 -33.81 -11.43
CA ARG E 88 5.57 -34.67 -10.43
C ARG E 88 4.61 -33.85 -9.57
N CYS E 89 3.35 -34.25 -9.55
CA CYS E 89 2.32 -33.65 -8.72
C CYS E 89 2.72 -33.73 -7.23
N LEU E 90 2.42 -32.69 -6.43
CA LEU E 90 2.88 -32.67 -5.03
C LEU E 90 2.05 -33.64 -4.20
N TYR E 91 0.83 -33.92 -4.66
CA TYR E 91 -0.15 -34.42 -3.73
C TYR E 91 0.16 -35.89 -3.44
N HIS E 92 0.18 -36.76 -4.49
CA HIS E 92 0.48 -38.19 -4.28
C HIS E 92 1.70 -38.65 -5.06
N GLY E 93 2.37 -37.69 -5.74
CA GLY E 93 3.62 -37.98 -6.37
C GLY E 93 3.47 -38.69 -7.72
N TRP E 94 2.35 -38.51 -8.41
CA TRP E 94 2.28 -39.01 -9.78
C TRP E 94 3.18 -38.15 -10.70
N LYS E 95 4.02 -38.81 -11.50
CA LYS E 95 5.01 -38.08 -12.28
C LYS E 95 4.75 -38.36 -13.76
N MET E 96 4.62 -37.29 -14.56
CA MET E 96 4.29 -37.37 -15.97
C MET E 96 5.50 -36.90 -16.75
N ASP E 97 5.66 -37.42 -17.96
CA ASP E 97 6.70 -36.92 -18.85
C ASP E 97 6.03 -35.98 -19.84
N VAL E 98 6.80 -35.36 -20.74
CA VAL E 98 6.24 -34.29 -21.56
C VAL E 98 5.21 -34.89 -22.54
N ASP E 99 5.21 -36.22 -22.69
CA ASP E 99 4.23 -36.86 -23.55
C ASP E 99 3.01 -37.31 -22.74
N GLY E 100 2.95 -37.02 -21.43
CA GLY E 100 1.77 -37.40 -20.64
C GLY E 100 1.75 -38.87 -20.22
N ASN E 101 2.84 -39.61 -20.51
CA ASN E 101 2.97 -40.90 -19.85
C ASN E 101 3.17 -40.66 -18.36
N VAL E 102 2.56 -41.49 -17.54
CA VAL E 102 2.81 -41.51 -16.10
C VAL E 102 4.00 -42.42 -15.82
N LEU E 103 5.11 -41.85 -15.34
CA LEU E 103 6.33 -42.66 -15.16
C LEU E 103 6.28 -43.41 -13.85
N GLU E 104 5.49 -42.88 -12.90
CA GLU E 104 5.53 -43.40 -11.55
C GLU E 104 4.33 -42.82 -10.82
N MET E 105 3.75 -43.63 -9.94
CA MET E 105 2.77 -43.18 -8.97
C MET E 105 3.35 -43.54 -7.62
N ALA E 106 3.77 -42.52 -6.86
CA ALA E 106 4.53 -42.70 -5.62
C ALA E 106 3.89 -43.76 -4.73
N SER E 107 2.55 -43.88 -4.82
CA SER E 107 1.72 -44.55 -3.81
C SER E 107 0.95 -45.77 -4.34
N GLU E 108 1.14 -46.12 -5.60
CA GLU E 108 0.38 -47.19 -6.20
C GLU E 108 1.25 -48.45 -6.25
N PRO E 109 0.70 -49.66 -5.94
CA PRO E 109 1.45 -50.91 -6.19
C PRO E 109 1.75 -51.03 -7.68
N ALA E 110 3.00 -51.38 -8.05
CA ALA E 110 3.42 -51.53 -9.45
C ALA E 110 2.75 -52.75 -10.09
N ALA E 111 2.34 -53.70 -9.23
CA ALA E 111 1.68 -54.98 -9.54
C ALA E 111 0.35 -54.76 -10.27
N SER E 112 -0.57 -53.99 -9.66
CA SER E 112 -1.78 -53.55 -10.33
C SER E 112 -1.44 -52.48 -11.36
N GLY E 113 -1.04 -52.93 -12.57
CA GLY E 113 -0.33 -52.11 -13.55
C GLY E 113 -1.15 -50.91 -14.04
N MET E 114 -1.34 -49.94 -13.15
CA MET E 114 -2.09 -48.70 -13.37
C MET E 114 -1.18 -47.64 -14.01
N VAL E 115 0.16 -47.77 -13.85
CA VAL E 115 1.09 -46.71 -14.23
C VAL E 115 1.25 -46.65 -15.75
N ASP E 116 0.92 -47.79 -16.41
CA ASP E 116 0.99 -47.99 -17.85
C ASP E 116 -0.34 -47.64 -18.49
N LYS E 117 -1.41 -47.87 -17.71
CA LYS E 117 -2.79 -47.67 -18.12
C LYS E 117 -3.20 -46.19 -18.11
N VAL E 118 -2.60 -45.36 -17.24
CA VAL E 118 -3.07 -43.97 -17.20
C VAL E 118 -2.18 -43.11 -18.09
N LYS E 119 -2.80 -42.39 -19.03
CA LYS E 119 -2.10 -41.37 -19.82
C LYS E 119 -2.75 -40.01 -19.55
N HIS E 120 -1.92 -38.98 -19.51
CA HIS E 120 -2.39 -37.65 -19.19
C HIS E 120 -2.51 -36.87 -20.51
N THR E 121 -3.54 -36.07 -20.67
CA THR E 121 -3.64 -35.29 -21.89
C THR E 121 -2.42 -34.40 -22.02
N ALA E 122 -1.63 -34.65 -23.08
CA ALA E 122 -0.47 -33.84 -23.39
C ALA E 122 -0.43 -33.64 -24.89
N TYR E 123 0.08 -32.48 -25.33
CA TYR E 123 -0.09 -32.07 -26.71
C TYR E 123 1.28 -32.06 -27.38
N PRO E 124 1.43 -32.43 -28.67
CA PRO E 124 2.73 -32.27 -29.34
C PRO E 124 3.14 -30.80 -29.26
N THR E 125 4.44 -30.53 -29.17
CA THR E 125 4.83 -29.13 -29.05
C THR E 125 5.98 -28.88 -29.99
N GLN E 126 6.29 -27.60 -30.21
CA GLN E 126 7.44 -27.18 -30.99
C GLN E 126 7.90 -25.83 -30.43
N GLU E 127 9.19 -25.52 -30.56
CA GLU E 127 9.64 -24.21 -30.15
C GLU E 127 10.15 -23.56 -31.42
N TRP E 128 9.72 -22.33 -31.62
CA TRP E 128 10.10 -21.64 -32.83
C TRP E 128 9.78 -20.17 -32.57
N ALA E 129 10.69 -19.29 -32.98
CA ALA E 129 10.48 -17.85 -32.95
C ALA E 129 10.18 -17.33 -31.53
N GLY E 130 10.81 -17.93 -30.51
CA GLY E 130 10.61 -17.41 -29.20
C GLY E 130 9.26 -17.78 -28.59
N MET E 131 8.50 -18.64 -29.26
CA MET E 131 7.26 -19.14 -28.69
C MET E 131 7.29 -20.66 -28.54
N VAL E 132 6.53 -21.15 -27.55
CA VAL E 132 6.22 -22.57 -27.41
C VAL E 132 4.91 -22.81 -28.18
N TRP E 133 4.91 -23.74 -29.15
CA TRP E 133 3.69 -24.05 -29.89
C TRP E 133 3.15 -25.42 -29.48
N ALA E 134 1.81 -25.54 -29.48
CA ALA E 134 1.21 -26.87 -29.40
C ALA E 134 0.19 -27.08 -30.51
N TYR E 135 0.01 -28.37 -30.80
CA TYR E 135 -1.07 -28.87 -31.64
C TYR E 135 -2.15 -29.45 -30.74
N MET E 136 -3.26 -28.68 -30.62
CA MET E 136 -4.33 -29.07 -29.75
C MET E 136 -5.52 -29.71 -30.52
N GLY E 137 -5.34 -30.03 -31.83
CA GLY E 137 -6.39 -30.65 -32.62
C GLY E 137 -6.40 -32.17 -32.41
N PRO E 138 -7.26 -32.97 -33.09
CA PRO E 138 -7.15 -34.42 -32.99
C PRO E 138 -5.77 -34.87 -33.44
N LYS E 139 -5.24 -35.83 -32.70
CA LYS E 139 -3.83 -36.19 -32.84
C LYS E 139 -3.44 -36.59 -34.26
N GLU E 140 -4.26 -37.39 -34.93
CA GLU E 140 -3.89 -37.85 -36.26
C GLU E 140 -4.01 -36.71 -37.28
N THR E 141 -4.50 -35.52 -36.89
CA THR E 141 -4.60 -34.45 -37.85
C THR E 141 -3.39 -33.53 -37.79
N MET E 142 -2.37 -33.90 -37.01
CA MET E 142 -1.25 -32.99 -36.74
C MET E 142 -0.43 -32.76 -38.01
N PRO E 143 -0.29 -31.52 -38.55
CA PRO E 143 0.63 -31.31 -39.67
C PRO E 143 2.09 -31.05 -39.29
N GLU E 144 3.02 -31.33 -40.22
CA GLU E 144 4.40 -30.93 -40.05
C GLU E 144 4.45 -29.45 -39.69
N PHE E 145 5.28 -29.10 -38.69
CA PHE E 145 5.36 -27.70 -38.31
C PHE E 145 6.15 -26.95 -39.38
N LEU E 146 5.53 -25.97 -40.04
CA LEU E 146 6.28 -25.11 -40.91
C LEU E 146 6.47 -23.71 -40.31
N PRO E 147 7.54 -22.99 -40.74
CA PRO E 147 7.78 -21.64 -40.26
C PRO E 147 6.60 -20.75 -40.63
N PRO E 148 6.16 -19.86 -39.72
CA PRO E 148 5.06 -18.94 -40.01
C PRO E 148 5.62 -17.86 -40.94
N ALA E 149 4.72 -17.11 -41.61
CA ALA E 149 5.15 -16.05 -42.53
C ALA E 149 6.01 -14.99 -41.84
N TRP E 150 5.83 -14.77 -40.54
CA TRP E 150 6.60 -13.76 -39.82
C TRP E 150 7.85 -14.30 -39.11
N ALA E 151 8.12 -15.59 -39.24
CA ALA E 151 9.33 -16.11 -38.62
C ALA E 151 9.93 -17.13 -39.60
N PRO E 152 10.38 -16.65 -40.78
CA PRO E 152 10.66 -17.50 -41.94
C PRO E 152 11.77 -18.50 -41.66
N THR E 153 12.62 -18.18 -40.67
CA THR E 153 13.91 -18.86 -40.57
C THR E 153 14.66 -18.66 -39.25
N ALA E 154 15.62 -19.55 -39.03
CA ALA E 154 16.38 -19.68 -37.79
C ALA E 154 17.30 -18.48 -37.58
N ASP E 155 17.46 -17.61 -38.59
CA ASP E 155 18.34 -16.44 -38.47
C ASP E 155 17.54 -15.12 -38.53
N THR E 156 16.22 -15.19 -38.38
CA THR E 156 15.37 -14.02 -38.24
C THR E 156 15.33 -13.65 -36.76
N ARG E 157 15.56 -12.38 -36.46
CA ARG E 157 15.24 -11.83 -35.15
C ARG E 157 13.73 -11.70 -35.01
N VAL E 158 13.17 -12.31 -33.97
CA VAL E 158 11.75 -12.16 -33.67
C VAL E 158 11.67 -11.57 -32.25
N SER E 159 11.05 -10.40 -32.13
CA SER E 159 10.92 -9.76 -30.81
C SER E 159 9.44 -9.60 -30.48
N ILE E 160 9.07 -10.09 -29.29
CA ILE E 160 7.65 -10.30 -29.00
C ILE E 160 7.25 -9.52 -27.76
N ALA E 161 6.17 -8.75 -27.94
CA ALA E 161 5.39 -8.30 -26.80
C ALA E 161 4.19 -9.21 -26.61
N LYS E 162 4.01 -9.75 -25.41
CA LYS E 162 2.83 -10.50 -25.07
C LYS E 162 2.01 -9.70 -24.07
N VAL E 163 0.69 -9.64 -24.35
CA VAL E 163 -0.31 -9.10 -23.46
C VAL E 163 -1.50 -10.05 -23.38
N LEU E 164 -1.98 -10.29 -22.13
CA LEU E 164 -3.22 -11.05 -21.93
C LEU E 164 -4.35 -10.03 -21.82
N LEU E 165 -5.29 -10.10 -22.76
CA LEU E 165 -6.32 -9.06 -22.79
C LEU E 165 -7.67 -9.64 -22.40
N PRO E 166 -8.45 -8.99 -21.53
CA PRO E 166 -9.78 -9.53 -21.18
C PRO E 166 -10.87 -9.24 -22.22
N CYS E 167 -10.63 -9.58 -23.48
CA CYS E 167 -11.75 -9.62 -24.39
C CYS E 167 -11.48 -10.74 -25.38
N ASN E 168 -12.58 -11.09 -26.08
CA ASN E 168 -12.68 -12.05 -27.17
C ASN E 168 -11.73 -11.70 -28.33
N TRP E 169 -11.17 -12.74 -28.95
CA TRP E 169 -10.12 -12.57 -29.94
C TRP E 169 -10.54 -11.77 -31.17
N ALA E 170 -11.82 -11.83 -31.52
CA ALA E 170 -12.13 -11.44 -32.89
C ALA E 170 -12.02 -9.92 -33.00
N GLN E 171 -12.35 -9.20 -31.92
CA GLN E 171 -12.33 -7.74 -31.97
C GLN E 171 -10.92 -7.19 -31.99
N ILE E 172 -10.01 -7.95 -31.38
CA ILE E 172 -8.58 -7.65 -31.37
C ILE E 172 -8.03 -7.88 -32.79
N LEU E 173 -8.29 -9.07 -33.36
CA LEU E 173 -8.01 -9.32 -34.77
C LEU E 173 -8.50 -8.21 -35.71
N GLU E 174 -9.76 -7.82 -35.56
CA GLU E 174 -10.35 -6.82 -36.46
C GLU E 174 -9.52 -5.54 -36.43
N GLY E 175 -8.99 -5.24 -35.20
CA GLY E 175 -8.19 -4.04 -34.96
C GLY E 175 -6.89 -3.99 -35.80
N ALA E 176 -6.40 -5.14 -36.26
CA ALA E 176 -5.19 -5.23 -37.06
C ALA E 176 -5.53 -5.22 -38.56
N ILE E 177 -6.82 -5.23 -38.92
CA ILE E 177 -7.20 -5.17 -40.31
C ILE E 177 -8.11 -3.97 -40.53
N ASP E 178 -7.69 -2.84 -39.97
CA ASP E 178 -8.56 -1.70 -39.90
C ASP E 178 -7.73 -0.44 -40.21
N SER E 179 -7.16 -0.37 -41.41
CA SER E 179 -6.16 0.66 -41.71
C SER E 179 -6.56 2.09 -41.31
N ALA E 180 -7.83 2.49 -41.49
CA ALA E 180 -8.24 3.85 -41.28
C ALA E 180 -8.03 4.30 -39.83
N HIS E 181 -7.99 3.34 -38.88
CA HIS E 181 -7.85 3.70 -37.48
C HIS E 181 -6.55 4.43 -37.14
N SER E 182 -5.41 4.09 -37.78
CA SER E 182 -4.14 4.72 -37.48
C SER E 182 -4.20 6.24 -37.67
N SER E 183 -4.95 6.66 -38.70
CA SER E 183 -5.11 8.05 -39.06
C SER E 183 -5.92 8.82 -38.03
N SER E 184 -6.60 8.10 -37.12
CA SER E 184 -7.18 8.81 -35.98
C SER E 184 -6.44 8.42 -34.72
N LEU E 185 -6.82 7.22 -34.18
CA LEU E 185 -6.31 6.71 -32.91
C LEU E 185 -4.80 6.97 -32.79
N HIS E 186 -4.05 6.69 -33.86
CA HIS E 186 -2.60 6.66 -33.64
C HIS E 186 -1.97 7.89 -34.28
N SER E 187 -2.80 8.95 -34.43
CA SER E 187 -2.38 10.15 -35.16
C SER E 187 -1.21 10.87 -34.49
N SER E 188 -1.03 10.75 -33.16
CA SER E 188 0.12 11.35 -32.49
C SER E 188 1.27 10.35 -32.40
N ASP E 189 1.23 9.25 -33.16
CA ASP E 189 2.32 8.30 -33.05
C ASP E 189 2.87 7.91 -34.41
N MET E 190 2.60 8.70 -35.45
CA MET E 190 3.04 8.33 -36.78
C MET E 190 4.57 8.41 -36.88
N ARG E 207 5.07 9.37 -42.06
CA ARG E 207 4.21 8.74 -43.10
C ARG E 207 4.25 9.57 -44.39
N PRO E 208 4.08 8.92 -45.57
CA PRO E 208 3.93 9.62 -46.85
C PRO E 208 2.53 10.14 -47.22
N SER E 209 1.72 10.53 -46.24
CA SER E 209 0.31 10.83 -46.49
C SER E 209 -0.32 11.37 -45.21
N THR E 210 -1.20 12.37 -45.36
CA THR E 210 -2.15 12.63 -44.28
C THR E 210 -3.58 12.34 -44.75
N ASP E 211 -3.76 11.31 -45.60
CA ASP E 211 -5.09 10.86 -46.01
C ASP E 211 -5.71 10.06 -44.85
N LYS E 212 -6.83 10.55 -44.30
CA LYS E 212 -7.44 9.93 -43.13
C LYS E 212 -8.49 8.91 -43.57
N ALA E 213 -8.88 8.99 -44.85
CA ALA E 213 -9.92 8.13 -45.36
C ALA E 213 -9.36 7.27 -46.50
N PRO E 214 -8.68 6.12 -46.20
CA PRO E 214 -8.20 5.22 -47.26
C PRO E 214 -9.37 4.54 -47.97
N ARG E 215 -9.24 4.37 -49.29
CA ARG E 215 -10.18 3.52 -50.00
C ARG E 215 -9.64 2.09 -49.94
N MET E 216 -10.58 1.14 -49.79
CA MET E 216 -10.27 -0.22 -49.36
C MET E 216 -10.50 -1.24 -50.47
N GLN E 217 -9.55 -2.20 -50.63
CA GLN E 217 -9.69 -3.28 -51.60
C GLN E 217 -9.16 -4.60 -51.04
N VAL E 218 -9.91 -5.69 -51.27
CA VAL E 218 -9.60 -6.97 -50.64
C VAL E 218 -9.41 -8.00 -51.74
N GLN E 219 -8.50 -8.96 -51.54
CA GLN E 219 -8.34 -10.09 -52.44
C GLN E 219 -8.30 -11.37 -51.60
N ARG E 220 -9.31 -12.23 -51.74
CA ARG E 220 -9.33 -13.47 -50.98
C ARG E 220 -8.26 -14.45 -51.47
N THR E 221 -7.75 -15.28 -50.55
CA THR E 221 -6.78 -16.32 -50.86
C THR E 221 -7.25 -17.59 -50.16
N GLY E 222 -6.45 -18.67 -50.24
CA GLY E 222 -6.81 -19.95 -49.62
C GLY E 222 -6.45 -20.01 -48.13
N TYR E 223 -5.69 -19.02 -47.63
CA TYR E 223 -5.25 -19.03 -46.24
C TYR E 223 -5.81 -17.82 -45.48
N GLY E 224 -6.69 -17.05 -46.12
CA GLY E 224 -7.13 -15.78 -45.60
C GLY E 224 -7.44 -14.81 -46.73
N PHE E 225 -6.83 -13.64 -46.68
CA PHE E 225 -6.96 -12.64 -47.71
C PHE E 225 -5.85 -11.61 -47.50
N ARG E 226 -5.66 -10.81 -48.53
CA ARG E 226 -4.80 -9.65 -48.46
C ARG E 226 -5.74 -8.49 -48.73
N TYR E 227 -5.50 -7.34 -48.14
CA TYR E 227 -6.19 -6.15 -48.56
C TYR E 227 -5.19 -5.00 -48.68
N ALA E 228 -5.63 -3.96 -49.41
CA ALA E 228 -4.94 -2.68 -49.57
C ALA E 228 -5.80 -1.50 -49.09
N ALA E 229 -5.22 -0.61 -48.27
CA ALA E 229 -5.81 0.70 -48.02
C ALA E 229 -5.05 1.66 -48.93
N LEU E 230 -5.80 2.36 -49.79
CA LEU E 230 -5.21 3.25 -50.77
C LEU E 230 -5.41 4.68 -50.27
N ARG E 231 -4.29 5.38 -49.97
CA ARG E 231 -4.31 6.78 -49.58
C ARG E 231 -3.82 7.71 -50.70
N ARG E 232 -4.35 8.95 -50.73
CA ARG E 232 -3.77 10.08 -51.46
C ARG E 232 -2.38 10.37 -50.89
N PRO E 233 -1.29 10.22 -51.70
CA PRO E 233 0.06 10.57 -51.23
C PRO E 233 0.25 12.09 -51.07
N LEU E 234 1.42 12.49 -50.54
CA LEU E 234 1.66 13.87 -50.13
C LEU E 234 1.65 14.79 -51.34
N SER E 235 1.93 14.20 -52.51
CA SER E 235 1.44 14.67 -53.79
C SER E 235 1.90 13.69 -54.88
N ASN E 236 1.57 14.03 -56.12
CA ASN E 236 1.53 13.05 -57.20
C ASN E 236 0.32 12.15 -56.94
N ALA E 237 -0.61 12.64 -56.11
CA ALA E 237 -1.83 11.92 -55.77
C ALA E 237 -2.70 11.84 -57.01
N ALA E 238 -2.30 12.59 -58.05
CA ALA E 238 -2.85 12.40 -59.38
C ALA E 238 -2.29 11.08 -59.95
N GLU E 239 -0.97 10.88 -59.84
CA GLU E 239 -0.24 9.79 -60.49
C GLU E 239 -0.36 8.49 -59.69
N ASN E 240 -0.29 8.59 -58.36
CA ASN E 240 0.04 7.44 -57.52
C ASN E 240 -1.09 7.12 -56.51
N ASP E 241 -0.92 6.00 -55.81
CA ASP E 241 -1.61 5.71 -54.55
C ASP E 241 -0.55 5.35 -53.50
N TYR E 242 -0.72 5.89 -52.28
CA TYR E 242 0.02 5.31 -51.16
C TYR E 242 -0.67 4.04 -50.67
N VAL E 243 -0.04 2.90 -50.92
CA VAL E 243 -0.68 1.62 -50.69
C VAL E 243 -0.11 0.98 -49.42
N ARG E 244 -1.00 0.62 -48.50
CA ARG E 244 -0.58 -0.24 -47.40
C ARG E 244 -1.40 -1.51 -47.46
N SER E 245 -0.70 -2.63 -47.60
CA SER E 245 -1.37 -3.91 -47.73
C SER E 245 -1.13 -4.73 -46.47
N THR E 246 -2.21 -5.27 -45.91
CA THR E 246 -2.16 -6.18 -44.77
C THR E 246 -2.65 -7.55 -45.23
N VAL E 247 -2.14 -8.58 -44.57
CA VAL E 247 -2.52 -9.93 -44.93
C VAL E 247 -3.18 -10.50 -43.70
N PHE E 248 -4.42 -10.96 -43.90
CA PHE E 248 -5.10 -11.77 -42.93
C PHE E 248 -4.67 -13.21 -43.14
N VAL E 249 -4.02 -13.82 -42.13
CA VAL E 249 -3.71 -15.23 -42.15
C VAL E 249 -4.62 -15.89 -41.12
N ALA E 250 -5.63 -16.60 -41.64
CA ALA E 250 -6.60 -17.29 -40.82
C ALA E 250 -5.87 -18.27 -39.94
N PRO E 251 -6.41 -18.52 -38.72
CA PRO E 251 -7.62 -17.83 -38.24
C PRO E 251 -7.54 -16.45 -37.55
N ALA E 252 -6.35 -16.01 -37.09
CA ALA E 252 -6.27 -14.90 -36.13
C ALA E 252 -4.91 -14.16 -36.20
N THR E 253 -4.26 -14.20 -37.37
CA THR E 253 -2.98 -13.58 -37.59
C THR E 253 -3.15 -12.44 -38.57
N ALA E 254 -2.46 -11.32 -38.32
CA ALA E 254 -2.42 -10.19 -39.24
C ALA E 254 -0.95 -9.85 -39.47
N LEU E 255 -0.54 -9.87 -40.74
CA LEU E 255 0.76 -9.35 -41.10
C LEU E 255 0.55 -7.89 -41.48
N ILE E 256 1.12 -7.01 -40.67
CA ILE E 256 0.76 -5.61 -40.75
C ILE E 256 1.84 -4.92 -41.59
N PRO E 257 1.57 -3.75 -42.23
CA PRO E 257 2.53 -3.18 -43.18
C PRO E 257 3.86 -2.91 -42.47
N PRO E 258 5.03 -3.20 -43.10
CA PRO E 258 6.33 -3.03 -42.43
C PRO E 258 6.63 -1.57 -42.19
N ASN E 259 7.70 -1.24 -41.42
CA ASN E 259 8.33 0.08 -41.56
C ASN E 259 9.48 -0.06 -42.55
N ASN E 260 10.41 0.90 -42.60
CA ASN E 260 11.45 0.80 -43.60
C ASN E 260 12.56 -0.12 -43.10
N LEU E 261 12.41 -0.60 -41.87
CA LEU E 261 13.52 -1.25 -41.19
C LEU E 261 13.19 -2.71 -40.91
N TYR E 262 11.98 -2.96 -40.44
CA TYR E 262 11.59 -4.30 -40.00
C TYR E 262 10.09 -4.45 -40.23
N ASN E 263 9.65 -5.68 -39.95
CA ASN E 263 8.32 -6.24 -40.17
C ASN E 263 7.61 -6.34 -38.82
N VAL E 264 6.29 -6.27 -38.90
CA VAL E 264 5.40 -6.33 -37.75
C VAL E 264 4.28 -7.31 -38.08
N ALA E 265 4.02 -8.20 -37.12
CA ALA E 265 2.95 -9.18 -37.24
C ALA E 265 2.17 -9.20 -35.92
N ASN E 266 0.92 -9.66 -35.96
CA ASN E 266 0.10 -9.85 -34.76
C ASN E 266 -0.48 -11.26 -34.81
N ILE E 267 -0.22 -12.10 -33.78
CA ILE E 267 -0.97 -13.34 -33.75
C ILE E 267 -1.74 -13.39 -32.44
N ASN E 268 -3.04 -13.69 -32.52
CA ASN E 268 -3.83 -13.72 -31.29
C ASN E 268 -4.30 -15.14 -31.01
N VAL E 269 -4.26 -15.57 -29.75
CA VAL E 269 -4.71 -16.91 -29.46
C VAL E 269 -5.80 -16.80 -28.43
N PRO E 270 -7.03 -17.34 -28.67
CA PRO E 270 -8.10 -17.30 -27.67
C PRO E 270 -7.72 -18.11 -26.43
N MET E 271 -7.76 -17.49 -25.25
CA MET E 271 -7.47 -18.23 -24.04
C MET E 271 -8.79 -18.89 -23.65
N ASP E 272 -9.85 -18.17 -23.96
CA ASP E 272 -11.20 -18.62 -23.80
C ASP E 272 -12.09 -17.62 -24.52
N ASP E 273 -13.40 -17.64 -24.20
CA ASP E 273 -14.30 -16.92 -25.07
C ASP E 273 -14.15 -15.43 -24.81
N THR E 274 -13.69 -15.05 -23.60
CA THR E 274 -13.63 -13.62 -23.31
C THR E 274 -12.20 -13.23 -22.95
N ASN E 275 -11.20 -14.04 -23.29
CA ASN E 275 -9.85 -13.57 -23.05
C ASN E 275 -8.91 -14.04 -24.16
N THR E 276 -7.85 -13.28 -24.43
CA THR E 276 -7.01 -13.51 -25.59
C THR E 276 -5.55 -13.28 -25.23
N ALA E 277 -4.67 -14.19 -25.65
CA ALA E 277 -3.26 -13.88 -25.61
C ALA E 277 -2.90 -13.16 -26.91
N PHE E 278 -2.49 -11.89 -26.75
CA PHE E 278 -2.13 -11.02 -27.84
C PHE E 278 -0.62 -10.95 -27.99
N TYR E 279 -0.11 -11.32 -29.17
CA TYR E 279 1.31 -11.35 -29.49
C TYR E 279 1.59 -10.29 -30.56
N PHE E 280 2.45 -9.32 -30.25
CA PHE E 280 2.73 -8.26 -31.21
C PHE E 280 4.23 -8.31 -31.52
N ILE E 281 4.56 -8.52 -32.78
CA ILE E 281 5.87 -9.07 -33.10
C ILE E 281 6.58 -8.08 -34.04
N ALA E 282 7.84 -7.75 -33.70
CA ALA E 282 8.79 -7.17 -34.65
C ALA E 282 9.78 -8.24 -35.13
N TRP E 283 9.95 -8.26 -36.45
CA TRP E 283 10.79 -9.32 -36.98
C TRP E 283 11.51 -8.82 -38.23
N GLY E 284 12.69 -9.38 -38.45
CA GLY E 284 13.50 -9.01 -39.59
C GLY E 284 14.95 -9.38 -39.33
N HIS E 285 15.83 -8.62 -39.98
CA HIS E 285 17.25 -8.88 -39.89
C HIS E 285 17.70 -8.37 -38.52
N PRO E 286 18.51 -9.16 -37.77
CA PRO E 286 18.94 -8.78 -36.42
C PRO E 286 19.54 -7.38 -36.30
N SER E 287 20.13 -6.88 -37.39
CA SER E 287 20.77 -5.59 -37.26
C SER E 287 19.79 -4.45 -37.50
N GLN E 288 18.57 -4.74 -37.97
CA GLN E 288 17.63 -3.67 -38.25
C GLN E 288 16.38 -3.76 -37.36
N THR E 289 16.34 -4.77 -36.47
CA THR E 289 15.12 -5.11 -35.74
C THR E 289 15.37 -4.97 -34.25
N PRO E 290 14.53 -4.24 -33.49
CA PRO E 290 14.86 -4.01 -32.08
C PRO E 290 14.81 -5.34 -31.35
N GLU E 291 15.57 -5.43 -30.24
CA GLU E 291 15.52 -6.51 -29.28
C GLU E 291 14.22 -6.43 -28.47
N THR E 292 13.94 -7.50 -27.76
CA THR E 292 12.68 -7.72 -27.06
C THR E 292 12.33 -6.55 -26.12
N GLU E 293 13.29 -6.20 -25.24
CA GLU E 293 13.00 -5.23 -24.22
C GLU E 293 12.90 -3.83 -24.83
N THR E 294 13.60 -3.62 -25.93
CA THR E 294 13.51 -2.35 -26.66
C THR E 294 12.12 -2.23 -27.27
N TRP E 295 11.68 -3.30 -27.93
CA TRP E 295 10.35 -3.39 -28.51
C TRP E 295 9.28 -3.10 -27.44
N ARG E 296 9.39 -3.82 -26.31
CA ARG E 296 8.39 -3.69 -25.25
C ARG E 296 8.36 -2.27 -24.71
N LYS E 297 9.54 -1.64 -24.59
CA LYS E 297 9.55 -0.30 -24.06
C LYS E 297 8.91 0.67 -25.06
N PHE E 298 9.26 0.52 -26.33
CA PHE E 298 8.66 1.35 -27.35
C PHE E 298 7.13 1.25 -27.29
N LEU E 299 6.62 0.04 -27.08
CA LEU E 299 5.18 -0.18 -27.13
C LEU E 299 4.50 0.05 -25.79
N ARG E 300 5.29 0.29 -24.72
CA ARG E 300 4.80 0.34 -23.35
C ARG E 300 4.12 -0.99 -22.98
N GLN E 301 4.83 -2.08 -23.20
CA GLN E 301 4.38 -3.41 -22.82
C GLN E 301 5.43 -4.12 -21.95
N THR E 302 6.16 -3.37 -21.10
CA THR E 302 7.26 -3.92 -20.33
C THR E 302 6.70 -4.63 -19.10
N VAL E 303 7.14 -5.88 -18.92
CA VAL E 303 6.71 -6.56 -17.72
C VAL E 303 7.30 -5.89 -16.46
N GLY E 304 6.44 -5.63 -15.47
CA GLY E 304 6.91 -4.95 -14.28
C GLY E 304 6.70 -3.42 -14.37
N VAL E 305 6.41 -2.88 -15.57
CA VAL E 305 6.12 -1.47 -15.69
C VAL E 305 4.71 -1.31 -16.23
N ASP E 306 4.44 -1.89 -17.42
CA ASP E 306 3.13 -1.78 -18.03
C ASP E 306 2.27 -2.99 -17.68
N LEU E 307 2.90 -4.15 -17.51
CA LEU E 307 2.22 -5.42 -17.28
C LEU E 307 2.62 -5.98 -15.91
N ASP E 308 1.79 -6.88 -15.33
CA ASP E 308 2.20 -7.56 -14.10
C ASP E 308 3.05 -8.73 -14.59
N GLN E 309 3.44 -9.61 -13.68
CA GLN E 309 4.34 -10.71 -14.04
C GLN E 309 3.63 -11.75 -14.93
N ASN E 310 2.27 -11.74 -14.99
CA ASN E 310 1.57 -12.67 -15.85
C ASN E 310 1.28 -12.05 -17.21
N TYR E 311 1.87 -10.87 -17.50
CA TYR E 311 1.68 -10.10 -18.73
C TYR E 311 0.25 -9.58 -18.87
N ARG E 312 -0.43 -9.27 -17.74
CA ARG E 312 -1.72 -8.58 -17.80
C ARG E 312 -1.48 -7.08 -17.68
N PRO E 313 -2.20 -6.21 -18.43
CA PRO E 313 -1.94 -4.77 -18.39
C PRO E 313 -2.37 -4.21 -17.06
N LEU E 314 -1.59 -3.24 -16.58
CA LEU E 314 -1.92 -2.43 -15.43
C LEU E 314 -2.86 -1.31 -15.89
N ARG E 315 -2.83 -0.98 -17.19
CA ARG E 315 -3.83 -0.04 -17.69
C ARG E 315 -5.17 -0.76 -17.74
N ASN E 316 -6.25 -0.16 -17.23
CA ASN E 316 -7.55 -0.82 -17.26
C ASN E 316 -8.64 0.26 -17.21
N GLU E 317 -9.87 -0.19 -17.28
CA GLU E 317 -10.99 0.73 -17.41
C GLU E 317 -11.10 1.59 -16.16
N ALA E 318 -10.91 1.00 -14.95
CA ALA E 318 -11.05 1.78 -13.71
C ALA E 318 -10.01 2.91 -13.63
N ASN E 319 -8.82 2.77 -14.27
CA ASN E 319 -7.85 3.87 -14.28
C ASN E 319 -7.84 4.53 -15.66
N LYS E 320 -8.83 4.20 -16.53
CA LYS E 320 -8.94 4.84 -17.83
C LYS E 320 -7.69 4.67 -18.69
N PHE E 321 -7.05 3.52 -18.58
CA PHE E 321 -5.85 3.21 -19.34
C PHE E 321 -4.80 4.33 -19.12
N TRP E 322 -4.83 4.99 -17.96
CA TRP E 322 -3.93 6.09 -17.58
C TRP E 322 -4.04 7.26 -18.58
N GLN E 323 -5.19 7.40 -19.22
CA GLN E 323 -5.43 8.51 -20.10
C GLN E 323 -5.12 9.84 -19.38
N ASP E 324 -4.27 10.64 -20.04
CA ASP E 324 -3.91 11.93 -19.49
C ASP E 324 -4.58 13.04 -20.31
N ARG E 325 -5.59 13.67 -19.67
CA ARG E 325 -6.41 14.72 -20.26
C ARG E 325 -5.56 15.98 -20.49
N ASN E 326 -4.61 16.24 -19.57
CA ASN E 326 -3.67 17.33 -19.80
C ASN E 326 -2.89 17.13 -21.10
N ALA E 327 -2.33 15.91 -21.34
CA ALA E 327 -1.63 15.67 -22.60
C ALA E 327 -2.59 15.92 -23.79
N MET E 328 -3.88 15.54 -23.62
CA MET E 328 -4.82 15.69 -24.72
C MET E 328 -5.06 17.16 -25.09
N LYS E 329 -5.27 17.99 -24.08
CA LYS E 329 -5.36 19.43 -24.22
C LYS E 329 -4.05 19.94 -24.84
N ALA E 330 -2.90 19.38 -24.48
CA ALA E 330 -1.67 19.84 -25.09
C ALA E 330 -1.54 19.35 -26.54
N GLY E 331 -2.53 18.64 -27.08
CA GLY E 331 -2.41 18.24 -28.48
C GLY E 331 -2.08 16.77 -28.71
N ASN E 332 -1.79 15.99 -27.66
CA ASN E 332 -1.63 14.55 -27.89
C ASN E 332 -3.01 13.92 -28.16
N PHE E 333 -3.15 13.10 -29.21
CA PHE E 333 -4.50 12.73 -29.65
C PHE E 333 -5.31 11.96 -28.57
N THR E 334 -4.67 10.93 -27.96
CA THR E 334 -5.36 10.02 -27.05
C THR E 334 -4.99 10.22 -25.59
N GLY E 335 -3.81 10.76 -25.28
CA GLY E 335 -3.36 10.87 -23.89
C GLY E 335 -3.00 9.53 -23.26
N ILE E 336 -2.91 8.52 -24.11
CA ILE E 336 -2.57 7.16 -23.72
C ILE E 336 -1.24 6.82 -24.37
N THR E 337 -0.30 6.28 -23.57
CA THR E 337 1.06 6.02 -24.03
C THR E 337 1.26 4.55 -24.42
N GLY E 338 1.96 4.37 -25.53
CA GLY E 338 2.17 3.08 -26.15
C GLY E 338 1.03 2.86 -27.15
N PHE E 339 1.32 2.89 -28.46
CA PHE E 339 0.20 2.85 -29.40
C PHE E 339 -0.64 1.58 -29.18
N PRO E 340 -0.12 0.36 -28.92
CA PRO E 340 -1.01 -0.76 -28.64
C PRO E 340 -1.95 -0.51 -27.47
N ASN E 341 -1.54 0.33 -26.52
CA ASN E 341 -2.44 0.55 -25.41
C ASN E 341 -3.60 1.44 -25.85
N GLN E 342 -3.34 2.30 -26.85
CA GLN E 342 -4.44 3.04 -27.44
C GLN E 342 -5.47 2.07 -28.05
N ASP E 343 -5.02 1.05 -28.80
CA ASP E 343 -5.95 0.09 -29.41
C ASP E 343 -6.70 -0.65 -28.32
N VAL E 344 -5.97 -1.00 -27.24
CA VAL E 344 -6.53 -1.79 -26.15
C VAL E 344 -7.69 -1.08 -25.45
N ALA E 345 -7.47 0.19 -25.15
CA ALA E 345 -8.58 1.00 -24.66
C ALA E 345 -9.84 0.81 -25.50
N MET E 346 -9.73 0.90 -26.82
CA MET E 346 -10.90 0.86 -27.68
C MET E 346 -11.48 -0.56 -27.65
N TRP E 347 -10.63 -1.58 -27.77
CA TRP E 347 -11.13 -2.94 -27.81
C TRP E 347 -11.85 -3.34 -26.51
N LEU E 348 -11.27 -3.01 -25.34
CA LEU E 348 -11.85 -3.55 -24.12
C LEU E 348 -13.16 -2.82 -23.75
N THR E 349 -13.29 -1.53 -24.11
CA THR E 349 -14.50 -0.80 -23.83
C THR E 349 -15.69 -1.26 -24.68
N MET E 350 -15.43 -2.06 -25.73
CA MET E 350 -16.50 -2.68 -26.53
C MET E 350 -17.14 -3.87 -25.80
N GLY E 351 -16.48 -4.30 -24.71
CA GLY E 351 -17.09 -5.28 -23.84
C GLY E 351 -16.36 -6.57 -24.11
N PRO E 352 -16.55 -7.55 -23.21
CA PRO E 352 -15.82 -8.82 -23.28
C PRO E 352 -15.97 -9.47 -24.66
N ILE E 353 -17.19 -9.44 -25.24
CA ILE E 353 -17.36 -9.90 -26.63
C ILE E 353 -18.11 -8.83 -27.40
N ALA E 354 -17.41 -8.15 -28.28
CA ALA E 354 -17.99 -7.04 -29.04
C ALA E 354 -19.33 -7.45 -29.64
N ASP E 355 -20.32 -6.55 -29.58
CA ASP E 355 -21.64 -6.89 -30.04
C ASP E 355 -21.77 -6.38 -31.47
N ARG E 356 -21.43 -7.23 -32.44
CA ARG E 356 -21.41 -6.84 -33.85
C ARG E 356 -22.84 -6.58 -34.40
N THR E 357 -23.83 -7.01 -33.65
CA THR E 357 -25.25 -6.79 -33.86
C THR E 357 -25.56 -5.30 -33.87
N HIS E 358 -24.73 -4.49 -33.19
CA HIS E 358 -24.96 -3.05 -33.11
C HIS E 358 -23.87 -2.21 -33.78
N ASP E 359 -23.18 -2.75 -34.78
CA ASP E 359 -22.15 -1.95 -35.44
C ASP E 359 -22.86 -1.07 -36.44
N ARG E 360 -22.27 0.07 -36.82
CA ARG E 360 -22.72 0.75 -38.01
C ARG E 360 -21.50 0.98 -38.85
N LEU E 361 -21.21 0.04 -39.74
CA LEU E 361 -19.97 -0.05 -40.47
C LEU E 361 -19.95 0.88 -41.67
N GLY E 362 -18.77 1.30 -42.08
CA GLY E 362 -18.67 2.12 -43.27
C GLY E 362 -17.65 1.55 -44.26
N ALA E 363 -17.23 2.39 -45.20
CA ALA E 363 -16.24 2.00 -46.19
C ALA E 363 -14.92 1.55 -45.54
N SER E 364 -14.53 2.21 -44.43
CA SER E 364 -13.27 1.92 -43.79
C SER E 364 -13.26 0.49 -43.24
N ASP E 365 -14.45 -0.16 -43.18
CA ASP E 365 -14.62 -1.45 -42.53
C ASP E 365 -14.59 -2.62 -43.50
N LEU E 366 -14.29 -2.36 -44.80
CA LEU E 366 -14.30 -3.41 -45.81
C LEU E 366 -13.49 -4.65 -45.39
N ALA E 367 -12.28 -4.50 -44.80
CA ALA E 367 -11.47 -5.67 -44.51
C ALA E 367 -12.07 -6.46 -43.35
N ILE E 368 -12.66 -5.73 -42.41
CA ILE E 368 -13.35 -6.33 -41.27
C ILE E 368 -14.57 -7.12 -41.79
N VAL E 369 -15.27 -6.56 -42.76
CA VAL E 369 -16.36 -7.29 -43.39
C VAL E 369 -15.83 -8.57 -44.06
N GLU E 370 -14.79 -8.46 -44.88
CA GLU E 370 -14.22 -9.64 -45.48
C GLU E 370 -13.90 -10.72 -44.43
N PHE E 371 -13.18 -10.32 -43.36
CA PHE E 371 -12.89 -11.23 -42.26
C PHE E 371 -14.14 -11.92 -41.71
N ARG E 372 -15.16 -11.13 -41.36
CA ARG E 372 -16.37 -11.71 -40.82
C ARG E 372 -16.95 -12.76 -41.79
N LYS E 373 -17.08 -12.36 -43.07
CA LYS E 373 -17.62 -13.25 -44.08
C LYS E 373 -16.74 -14.50 -44.21
N GLN E 374 -15.42 -14.31 -44.31
CA GLN E 374 -14.58 -15.46 -44.61
C GLN E 374 -14.57 -16.44 -43.43
N MET E 375 -14.43 -15.92 -42.21
CA MET E 375 -14.37 -16.84 -41.08
C MET E 375 -15.69 -17.55 -40.83
N LEU E 376 -16.84 -16.86 -41.00
CA LEU E 376 -18.12 -17.55 -40.86
C LEU E 376 -18.26 -18.64 -41.93
N ASP E 377 -17.86 -18.36 -43.19
CA ASP E 377 -17.90 -19.37 -44.25
C ASP E 377 -16.97 -20.53 -43.91
N ALA E 378 -15.74 -20.21 -43.45
CA ALA E 378 -14.70 -21.19 -43.13
C ALA E 378 -15.17 -22.19 -42.07
N VAL E 379 -15.83 -21.69 -41.04
CA VAL E 379 -16.17 -22.54 -39.92
C VAL E 379 -17.43 -23.33 -40.27
N LYS E 380 -18.35 -22.70 -41.02
CA LYS E 380 -19.49 -23.44 -41.56
C LYS E 380 -19.00 -24.57 -42.47
N ALA E 381 -18.02 -24.31 -43.33
CA ALA E 381 -17.52 -25.33 -44.25
C ALA E 381 -16.83 -26.45 -43.47
N PHE E 382 -15.99 -26.04 -42.51
CA PHE E 382 -15.31 -26.96 -41.62
C PHE E 382 -16.30 -27.84 -40.84
N GLU E 383 -17.43 -27.33 -40.34
CA GLU E 383 -18.33 -28.27 -39.69
C GLU E 383 -18.83 -29.34 -40.67
N GLN E 384 -18.88 -29.02 -41.97
CA GLN E 384 -19.41 -30.00 -42.91
C GLN E 384 -18.27 -30.86 -43.46
N GLY E 385 -17.05 -30.75 -42.88
CA GLY E 385 -15.94 -31.59 -43.29
C GLY E 385 -14.96 -30.96 -44.31
N ALA E 386 -15.03 -29.65 -44.56
CA ALA E 386 -13.95 -29.06 -45.34
C ALA E 386 -12.71 -29.02 -44.47
N PRO E 387 -11.50 -29.15 -45.09
CA PRO E 387 -10.26 -28.91 -44.34
C PRO E 387 -10.37 -27.52 -43.74
N ALA E 388 -9.84 -27.34 -42.51
CA ALA E 388 -9.73 -26.02 -41.91
C ALA E 388 -9.02 -25.06 -42.85
N ILE E 389 -9.60 -23.86 -43.02
CA ILE E 389 -9.01 -22.79 -43.83
C ILE E 389 -7.53 -22.68 -43.51
N GLY E 390 -6.72 -22.59 -44.56
CA GLY E 390 -5.32 -22.25 -44.37
C GLY E 390 -4.48 -23.47 -43.97
N THR E 391 -5.08 -24.65 -43.87
CA THR E 391 -4.27 -25.84 -43.62
C THR E 391 -3.88 -26.52 -44.93
N GLY E 392 -2.91 -27.43 -44.83
CA GLY E 392 -2.42 -28.18 -45.98
C GLY E 392 -1.77 -27.29 -47.04
N VAL E 393 -2.16 -27.55 -48.29
CA VAL E 393 -1.55 -26.98 -49.48
C VAL E 393 -1.79 -25.46 -49.49
N GLU E 394 -2.87 -24.98 -48.84
CA GLU E 394 -3.30 -23.59 -48.92
C GLU E 394 -2.53 -22.71 -47.91
N ALA E 395 -1.72 -23.32 -47.04
CA ALA E 395 -1.14 -22.63 -45.89
C ALA E 395 -0.21 -21.47 -46.31
N ALA E 396 -0.40 -20.26 -45.73
CA ALA E 396 0.53 -19.15 -45.92
C ALA E 396 1.96 -19.58 -45.62
N THR E 397 2.92 -18.92 -46.28
CA THR E 397 4.35 -19.18 -46.13
C THR E 397 5.04 -17.83 -46.00
N PRO E 398 6.36 -17.76 -45.68
CA PRO E 398 7.13 -16.52 -45.83
C PRO E 398 7.11 -15.75 -47.18
N THR E 399 6.53 -16.31 -48.25
CA THR E 399 6.36 -15.58 -49.51
C THR E 399 5.15 -14.65 -49.45
N VAL E 400 4.23 -14.96 -48.54
CA VAL E 400 3.09 -14.12 -48.21
C VAL E 400 3.61 -13.06 -47.21
N CYS E 401 3.48 -11.78 -47.58
CA CYS E 401 4.02 -10.69 -46.77
C CYS E 401 3.14 -9.46 -46.95
N SER E 402 3.09 -8.61 -45.92
CA SER E 402 2.45 -7.31 -46.06
C SER E 402 3.48 -6.34 -46.65
N PHE E 403 3.04 -5.16 -47.10
CA PHE E 403 3.94 -4.16 -47.66
C PHE E 403 3.29 -2.78 -47.65
N GLN E 404 4.12 -1.77 -47.91
CA GLN E 404 3.63 -0.41 -48.04
C GLN E 404 4.55 0.27 -49.04
N ALA E 405 3.98 1.08 -49.96
CA ALA E 405 4.72 1.64 -51.09
C ALA E 405 3.81 2.60 -51.88
N ILE E 406 4.40 3.63 -52.49
CA ILE E 406 3.69 4.36 -53.53
C ILE E 406 3.58 3.44 -54.76
N VAL E 407 2.40 3.41 -55.38
CA VAL E 407 2.10 2.44 -56.43
C VAL E 407 1.36 3.16 -57.56
N PRO E 408 2.11 3.68 -58.58
CA PRO E 408 1.50 4.38 -59.72
C PRO E 408 0.14 3.87 -60.22
N LYS E 409 -0.92 4.32 -59.53
CA LYS E 409 -2.35 4.35 -59.86
C LYS E 409 -2.82 3.31 -60.88
N THR E 410 -1.93 2.90 -61.80
CA THR E 410 -2.35 2.17 -62.98
C THR E 410 -2.05 0.68 -62.81
N THR E 411 -1.26 0.33 -61.77
CA THR E 411 -0.95 -1.03 -61.37
C THR E 411 -2.02 -1.58 -60.42
N ASP E 412 -2.38 -2.86 -60.61
CA ASP E 412 -3.03 -3.69 -59.62
C ASP E 412 -2.07 -3.81 -58.43
N TRP E 413 -2.48 -3.33 -57.24
CA TRP E 413 -1.70 -3.54 -56.03
C TRP E 413 -1.59 -5.05 -55.76
N ARG E 414 -2.55 -5.81 -56.29
CA ARG E 414 -2.64 -7.27 -56.21
C ARG E 414 -1.45 -7.94 -56.92
N THR E 415 -0.87 -7.27 -57.92
CA THR E 415 0.20 -7.89 -58.71
C THR E 415 1.57 -7.52 -58.18
N TYR E 416 1.60 -6.50 -57.30
CA TYR E 416 2.82 -6.03 -56.64
C TYR E 416 3.61 -7.16 -55.99
N ASP E 417 4.93 -7.17 -56.28
CA ASP E 417 5.81 -8.28 -55.98
C ASP E 417 6.65 -7.97 -54.73
N ALA E 418 5.95 -7.73 -53.61
CA ALA E 418 6.60 -7.42 -52.35
C ALA E 418 7.26 -8.68 -51.76
N HIS E 419 8.32 -8.44 -50.96
CA HIS E 419 8.89 -9.40 -50.03
C HIS E 419 8.90 -8.74 -48.65
N TYR E 420 9.09 -9.50 -47.58
CA TYR E 420 9.28 -8.87 -46.30
C TYR E 420 10.53 -7.99 -46.32
N VAL E 421 10.63 -7.06 -45.36
CA VAL E 421 11.84 -6.25 -45.15
C VAL E 421 12.97 -7.12 -44.55
N TRP E 422 14.18 -6.90 -45.08
CA TRP E 422 15.35 -7.63 -44.62
C TRP E 422 16.57 -6.72 -44.46
N LEU E 423 16.99 -6.02 -45.55
CA LEU E 423 18.13 -5.10 -45.48
C LEU E 423 17.96 -3.99 -46.51
N MET F 1 23.11 43.63 1.37
CA MET F 1 23.50 42.17 1.28
C MET F 1 23.71 41.58 2.66
N MET F 2 22.91 40.57 3.04
CA MET F 2 22.95 40.09 4.42
C MET F 2 24.11 39.16 4.65
N THR F 3 24.62 39.15 5.87
CA THR F 3 25.66 38.20 6.24
C THR F 3 24.98 36.96 6.79
N HIS F 4 25.76 35.86 6.90
CA HIS F 4 25.24 34.65 7.50
CA HIS F 4 25.27 34.64 7.52
C HIS F 4 24.68 34.97 8.90
N GLU F 5 25.38 35.84 9.64
CA GLU F 5 25.04 36.15 11.03
C GLU F 5 23.74 36.96 11.10
N GLU F 6 23.53 37.84 10.13
CA GLU F 6 22.28 38.54 10.09
C GLU F 6 21.13 37.56 9.74
N ASN F 7 21.41 36.62 8.86
CA ASN F 7 20.42 35.62 8.46
C ASN F 7 20.04 34.78 9.68
N GLU F 8 21.03 34.48 10.54
CA GLU F 8 20.72 33.69 11.74
C GLU F 8 19.84 34.50 12.67
N LEU F 9 20.20 35.77 12.85
CA LEU F 9 19.51 36.66 13.76
C LEU F 9 18.04 36.85 13.34
N LEU F 10 17.81 37.07 12.03
CA LEU F 10 16.46 37.20 11.48
C LEU F 10 15.66 35.90 11.72
N CYS F 11 16.28 34.72 11.54
CA CYS F 11 15.47 33.52 11.34
C CYS F 11 15.28 32.66 12.59
N ARG F 12 16.27 32.63 13.49
CA ARG F 12 16.20 31.59 14.51
C ARG F 12 15.32 32.04 15.66
N VAL F 13 14.58 31.08 16.20
CA VAL F 13 13.60 31.43 17.21
C VAL F 13 13.76 30.53 18.42
N GLU F 14 14.66 29.56 18.40
CA GLU F 14 14.53 28.59 19.49
C GLU F 14 15.27 29.07 20.73
N GLY F 15 14.87 28.52 21.89
CA GLY F 15 15.59 28.75 23.14
C GLY F 15 15.75 30.22 23.43
N ASP F 16 17.02 30.64 23.44
CA ASP F 16 17.42 32.00 23.73
C ASP F 16 17.13 32.94 22.57
N ALA F 17 17.14 32.41 21.35
CA ALA F 17 17.32 33.23 20.16
C ALA F 17 16.56 34.54 20.35
N PRO F 18 17.27 35.66 20.12
CA PRO F 18 16.68 36.99 20.20
C PRO F 18 15.36 37.07 19.46
N MET F 19 15.32 36.59 18.21
CA MET F 19 14.07 36.76 17.47
C MET F 19 12.93 35.97 18.13
N GLY F 20 13.21 34.81 18.73
CA GLY F 20 12.18 34.10 19.47
C GLY F 20 11.59 34.91 20.64
N ARG F 21 12.51 35.49 21.41
CA ARG F 21 12.19 36.31 22.58
C ARG F 21 11.33 37.51 22.17
N LEU F 22 11.67 38.16 21.04
CA LEU F 22 10.85 39.26 20.52
C LEU F 22 9.44 38.77 20.21
N MET F 23 9.39 37.70 19.41
CA MET F 23 8.10 37.20 18.93
C MET F 23 7.22 36.81 20.10
N ARG F 24 7.82 36.29 21.17
CA ARG F 24 7.01 35.88 22.31
C ARG F 24 6.46 37.06 23.12
N ARG F 25 6.73 38.30 22.69
CA ARG F 25 6.12 39.45 23.33
C ARG F 25 4.74 39.63 22.70
N HIS F 26 4.44 38.85 21.66
CA HIS F 26 3.07 38.97 21.19
C HIS F 26 2.29 37.68 21.45
N TRP F 27 0.96 37.81 21.68
CA TRP F 27 0.04 36.68 21.72
C TRP F 27 0.24 35.90 20.44
N THR F 28 0.34 34.56 20.53
CA THR F 28 0.65 33.75 19.37
C THR F 28 -0.42 32.68 19.11
N PRO F 29 -0.93 32.53 17.87
CA PRO F 29 -1.72 31.35 17.55
C PRO F 29 -0.92 30.04 17.78
N ILE F 30 -1.58 29.09 18.45
CA ILE F 30 -1.00 27.79 18.82
C ILE F 30 -1.60 26.66 17.98
N CYS F 31 -2.92 26.64 17.83
CA CYS F 31 -3.53 25.61 16.97
C CYS F 31 -4.95 26.08 16.61
N LEU F 32 -5.71 25.28 15.84
CA LEU F 32 -7.08 25.69 15.57
C LEU F 32 -7.98 25.24 16.71
N VAL F 33 -9.03 26.05 16.97
CA VAL F 33 -10.08 25.66 17.88
C VAL F 33 -10.66 24.32 17.39
N GLU F 34 -10.83 24.16 16.06
CA GLU F 34 -11.38 22.88 15.60
C GLU F 34 -10.59 21.72 16.16
N GLU F 35 -9.28 21.88 16.48
CA GLU F 35 -8.49 20.71 16.84
C GLU F 35 -8.80 20.25 18.27
N VAL F 36 -9.23 21.14 19.17
CA VAL F 36 -9.31 20.73 20.59
C VAL F 36 -10.65 20.10 20.91
N GLY F 37 -11.58 20.18 19.95
CA GLY F 37 -12.87 19.51 20.08
C GLY F 37 -13.70 20.08 21.25
N GLU F 38 -14.40 19.18 21.94
CA GLU F 38 -15.37 19.53 22.94
C GLU F 38 -14.71 19.50 24.31
N PRO F 39 -15.44 19.93 25.36
CA PRO F 39 -14.95 19.72 26.72
C PRO F 39 -14.53 18.25 26.91
N ASP F 40 -13.33 18.05 27.50
CA ASP F 40 -12.76 16.73 27.73
C ASP F 40 -12.34 16.10 26.40
N GLY F 41 -12.10 16.91 25.37
CA GLY F 41 -11.78 16.33 24.06
C GLY F 41 -10.35 15.76 24.03
N THR F 42 -10.02 15.07 22.94
CA THR F 42 -8.68 14.52 22.78
C THR F 42 -7.61 15.60 22.93
N PRO F 43 -6.54 15.40 23.73
CA PRO F 43 -5.45 16.36 23.84
C PRO F 43 -4.71 16.47 22.50
N VAL F 44 -4.23 17.68 22.22
CA VAL F 44 -3.69 18.00 20.91
C VAL F 44 -2.22 18.30 21.15
N LYS F 45 -1.36 17.83 20.23
CA LYS F 45 0.04 18.18 20.25
C LYS F 45 0.25 19.42 19.38
N ALA F 46 1.03 20.39 19.87
CA ALA F 46 1.38 21.54 19.07
C ALA F 46 2.85 21.85 19.31
N ARG F 47 3.41 22.72 18.51
CA ARG F 47 4.74 23.16 18.80
C ARG F 47 4.89 24.64 18.41
N ALA F 48 5.54 25.40 19.30
CA ALA F 48 5.80 26.81 19.07
C ALA F 48 7.19 27.18 19.61
N PHE F 49 7.94 27.90 18.79
CA PHE F 49 9.19 28.47 19.28
C PHE F 49 10.14 27.40 19.78
N GLY F 50 10.04 26.18 19.23
CA GLY F 50 10.87 25.08 19.66
C GLY F 50 10.37 24.41 20.95
N GLU F 51 9.22 24.79 21.48
CA GLU F 51 8.66 23.98 22.57
C GLU F 51 7.53 23.06 22.09
N ASP F 52 7.54 21.80 22.55
CA ASP F 52 6.42 20.88 22.41
C ASP F 52 5.33 21.24 23.43
N LEU F 53 4.09 21.34 22.95
CA LEU F 53 3.01 21.74 23.82
C LEU F 53 1.88 20.72 23.75
N VAL F 54 1.14 20.61 24.85
CA VAL F 54 -0.11 19.87 24.79
C VAL F 54 -1.22 20.92 24.91
N VAL F 55 -2.29 20.82 24.14
CA VAL F 55 -3.40 21.76 24.20
C VAL F 55 -4.63 20.92 24.49
N PHE F 56 -5.49 21.39 25.40
CA PHE F 56 -6.65 20.59 25.68
C PHE F 56 -7.74 21.46 26.29
N ARG F 57 -8.99 21.00 26.13
CA ARG F 57 -10.14 21.78 26.55
C ARG F 57 -10.78 21.05 27.71
N ASP F 58 -10.79 21.63 28.90
CA ASP F 58 -11.11 20.81 30.06
C ASP F 58 -12.64 20.70 30.21
N SER F 59 -13.12 20.07 31.31
CA SER F 59 -14.54 19.81 31.51
C SER F 59 -15.37 21.11 31.59
N GLU F 60 -14.81 22.24 32.03
CA GLU F 60 -15.54 23.51 32.07
C GLU F 60 -15.43 24.25 30.74
N GLY F 61 -14.63 23.72 29.81
CA GLY F 61 -14.53 24.33 28.49
C GLY F 61 -13.32 25.26 28.37
N ARG F 62 -12.47 25.30 29.40
CA ARG F 62 -11.32 26.20 29.36
C ARG F 62 -10.21 25.49 28.59
N VAL F 63 -9.46 26.23 27.78
CA VAL F 63 -8.36 25.67 27.01
C VAL F 63 -7.04 25.90 27.73
N GLY F 64 -6.25 24.84 27.90
CA GLY F 64 -4.91 24.97 28.46
C GLY F 64 -3.88 24.72 27.35
N VAL F 65 -2.78 25.49 27.39
CA VAL F 65 -1.62 25.24 26.55
C VAL F 65 -0.45 25.09 27.53
N MET F 66 0.18 23.90 27.56
CA MET F 66 1.19 23.55 28.57
C MET F 66 2.34 22.85 27.90
N ASP F 67 3.50 22.83 28.56
CA ASP F 67 4.60 21.97 28.15
C ASP F 67 4.03 20.57 27.92
N GLU F 68 4.45 19.89 26.84
CA GLU F 68 3.94 18.55 26.51
C GLU F 68 4.36 17.52 27.56
N TYR F 69 5.55 17.68 28.16
CA TYR F 69 6.16 16.66 29.01
C TYR F 69 5.69 16.80 30.45
N CYS F 70 5.19 15.67 30.96
CA CYS F 70 4.71 15.57 32.32
C CYS F 70 5.80 16.11 33.27
N PRO F 71 5.47 16.91 34.30
CA PRO F 71 6.49 17.32 35.24
C PRO F 71 7.09 16.23 36.13
N HIS F 72 6.53 15.02 36.14
CA HIS F 72 7.07 13.97 37.00
C HIS F 72 8.34 13.42 36.35
N ARG F 73 8.17 12.54 35.33
CA ARG F 73 9.34 11.96 34.65
C ARG F 73 9.28 12.21 33.14
N ARG F 74 8.43 13.14 32.69
CA ARG F 74 8.49 13.74 31.36
C ARG F 74 7.95 12.84 30.23
N ALA F 75 7.08 11.86 30.55
CA ALA F 75 6.17 11.22 29.59
C ALA F 75 5.27 12.25 28.91
N SER F 76 4.84 11.97 27.68
CA SER F 76 4.08 12.98 26.97
C SER F 76 2.65 13.02 27.51
N LEU F 77 2.20 14.17 27.94
CA LEU F 77 0.83 14.37 28.39
C LEU F 77 -0.19 14.24 27.25
N VAL F 78 0.29 14.29 25.98
CA VAL F 78 -0.62 14.18 24.85
C VAL F 78 -1.40 12.85 24.97
N TYR F 79 -0.85 11.84 25.67
CA TYR F 79 -1.50 10.56 25.80
C TYR F 79 -2.46 10.51 26.99
N GLY F 80 -2.48 11.56 27.81
CA GLY F 80 -3.18 11.47 29.08
C GLY F 80 -4.71 11.61 28.96
N ARG F 81 -5.36 11.52 30.13
CA ARG F 81 -6.80 11.46 30.28
C ARG F 81 -7.25 12.88 30.56
N ASN F 82 -8.05 13.42 29.64
CA ASN F 82 -8.62 14.76 29.76
C ASN F 82 -10.03 14.64 30.34
N GLU F 83 -10.23 14.96 31.63
CA GLU F 83 -11.51 14.64 32.27
C GLU F 83 -11.52 15.25 33.65
N GLU F 84 -12.74 15.57 34.14
CA GLU F 84 -12.90 16.01 35.52
C GLU F 84 -12.00 17.20 35.83
N GLY F 85 -11.92 18.15 34.91
CA GLY F 85 -11.23 19.41 35.15
C GLY F 85 -9.70 19.40 35.05
N GLY F 86 -9.11 18.40 34.36
CA GLY F 86 -7.68 18.34 34.24
C GLY F 86 -7.23 17.28 33.23
N LEU F 87 -5.91 17.28 33.01
CA LEU F 87 -5.19 16.36 32.13
C LEU F 87 -4.31 15.52 33.02
N ARG F 88 -4.55 14.20 33.00
CA ARG F 88 -3.86 13.31 33.91
C ARG F 88 -2.86 12.47 33.10
N CYS F 89 -1.57 12.58 33.39
CA CYS F 89 -0.53 11.73 32.81
C CYS F 89 -0.85 10.26 33.06
N LEU F 90 -0.66 9.40 32.04
CA LEU F 90 -0.99 7.97 32.14
C LEU F 90 -0.07 7.27 33.13
N TYR F 91 1.16 7.77 33.26
CA TYR F 91 2.24 6.99 33.83
C TYR F 91 2.04 6.80 35.34
N HIS F 92 1.96 7.91 36.11
CA HIS F 92 1.80 7.86 37.55
C HIS F 92 0.60 8.69 37.98
N GLY F 93 -0.26 9.08 37.02
CA GLY F 93 -1.51 9.66 37.40
C GLY F 93 -1.35 11.07 38.00
N TRP F 94 -0.31 11.82 37.66
CA TRP F 94 -0.33 13.23 38.03
C TRP F 94 -1.33 13.96 37.14
N LYS F 95 -2.13 14.82 37.77
CA LYS F 95 -3.19 15.49 37.04
C LYS F 95 -2.98 16.99 37.18
N MET F 96 -2.87 17.68 36.04
CA MET F 96 -2.71 19.13 35.98
C MET F 96 -4.00 19.80 35.50
N ASP F 97 -4.22 21.04 35.91
CA ASP F 97 -5.33 21.79 35.36
C ASP F 97 -4.76 22.71 34.29
N VAL F 98 -5.62 23.52 33.66
CA VAL F 98 -5.26 24.33 32.50
C VAL F 98 -4.19 25.37 32.86
N ASP F 99 -4.07 25.70 34.16
CA ASP F 99 -3.06 26.66 34.60
C ASP F 99 -1.79 25.96 35.09
N GLY F 100 -1.66 24.65 34.91
CA GLY F 100 -0.48 23.90 35.30
C GLY F 100 -0.38 23.61 36.80
N ASN F 101 -1.46 23.84 37.58
CA ASN F 101 -1.47 23.32 38.94
C ASN F 101 -1.57 21.80 38.87
N VAL F 102 -0.79 21.13 39.69
CA VAL F 102 -0.95 19.70 39.85
C VAL F 102 -2.09 19.46 40.85
N LEU F 103 -3.25 18.99 40.38
CA LEU F 103 -4.39 18.79 41.27
C LEU F 103 -4.19 17.56 42.14
N GLU F 104 -3.42 16.58 41.65
CA GLU F 104 -3.37 15.29 42.28
C GLU F 104 -2.13 14.52 41.77
N MET F 105 -1.54 13.76 42.71
CA MET F 105 -0.56 12.74 42.36
C MET F 105 -1.07 11.42 42.92
N ALA F 106 -1.63 10.57 42.02
CA ALA F 106 -2.21 9.27 42.35
C ALA F 106 -1.34 8.45 43.32
N SER F 107 0.00 8.60 43.25
CA SER F 107 0.83 7.64 43.97
C SER F 107 1.66 8.30 45.09
N GLU F 108 1.40 9.60 45.32
CA GLU F 108 2.12 10.41 46.28
C GLU F 108 1.26 10.57 47.53
N PRO F 109 1.79 10.24 48.73
CA PRO F 109 1.05 10.41 49.99
C PRO F 109 0.84 11.90 50.20
N ALA F 110 -0.41 12.26 50.56
CA ALA F 110 -0.84 13.62 50.85
C ALA F 110 0.01 14.17 51.99
N ALA F 111 0.55 13.23 52.80
CA ALA F 111 1.65 13.36 53.74
C ALA F 111 2.62 14.47 53.32
N SER F 112 3.46 14.22 52.29
CA SER F 112 4.39 15.22 51.77
C SER F 112 3.62 16.49 51.38
N GLY F 113 4.34 17.55 51.01
CA GLY F 113 3.66 18.74 50.53
C GLY F 113 3.73 18.88 49.00
N MET F 114 4.23 17.82 48.35
CA MET F 114 4.56 17.78 46.93
C MET F 114 3.45 18.36 46.02
N VAL F 115 2.18 17.97 46.26
CA VAL F 115 1.11 18.23 45.30
C VAL F 115 0.98 19.73 45.05
N ASP F 116 1.16 20.55 46.10
CA ASP F 116 1.06 22.02 46.03
C ASP F 116 2.40 22.68 45.67
N LYS F 117 3.52 21.95 45.78
CA LYS F 117 4.84 22.47 45.41
C LYS F 117 5.02 22.52 43.88
N VAL F 118 4.57 21.49 43.15
CA VAL F 118 4.90 21.42 41.74
C VAL F 118 3.95 22.28 40.90
N LYS F 119 4.52 23.10 40.04
CA LYS F 119 3.63 23.75 39.07
C LYS F 119 4.19 23.48 37.68
N HIS F 120 3.29 23.05 36.80
CA HIS F 120 3.68 22.66 35.46
C HIS F 120 3.64 23.88 34.57
N THR F 121 4.57 24.02 33.65
CA THR F 121 4.60 25.26 32.88
C THR F 121 3.47 25.25 31.85
N ALA F 122 2.60 26.24 32.00
CA ALA F 122 1.37 26.41 31.26
C ALA F 122 1.27 27.92 30.96
N TYR F 123 0.69 28.25 29.81
CA TYR F 123 0.62 29.62 29.35
C TYR F 123 -0.80 30.18 29.45
N PRO F 124 -0.99 31.50 29.62
CA PRO F 124 -2.34 32.10 29.49
C PRO F 124 -2.79 31.88 28.04
N THR F 125 -4.09 31.65 27.85
CA THR F 125 -4.61 31.30 26.53
C THR F 125 -5.83 32.17 26.20
N GLN F 126 -6.14 32.29 24.90
CA GLN F 126 -7.38 32.92 24.51
C GLN F 126 -7.93 32.15 23.31
N GLU F 127 -9.23 32.23 23.09
CA GLU F 127 -9.74 31.66 21.86
C GLU F 127 -10.35 32.82 21.11
N TRP F 128 -10.02 32.93 19.83
CA TRP F 128 -10.57 34.04 19.07
C TRP F 128 -10.32 33.77 17.60
N ALA F 129 -11.33 34.09 16.79
CA ALA F 129 -11.22 33.92 15.36
C ALA F 129 -10.83 32.49 15.01
N GLY F 130 -11.32 31.52 15.78
CA GLY F 130 -11.12 30.11 15.42
C GLY F 130 -9.71 29.58 15.70
N MET F 131 -8.90 30.35 16.45
CA MET F 131 -7.60 29.88 16.88
C MET F 131 -7.55 29.88 18.40
N VAL F 132 -6.80 28.94 18.95
CA VAL F 132 -6.27 28.99 20.31
C VAL F 132 -4.99 29.84 20.27
N TRP F 133 -4.92 30.90 21.10
CA TRP F 133 -3.74 31.74 21.25
C TRP F 133 -3.11 31.46 22.59
N ALA F 134 -1.77 31.62 22.69
CA ALA F 134 -1.14 31.68 23.99
C ALA F 134 -0.17 32.87 24.07
N TYR F 135 0.06 33.30 25.30
CA TYR F 135 1.10 34.28 25.61
C TYR F 135 2.30 33.54 26.20
N MET F 136 3.38 33.49 25.41
CA MET F 136 4.52 32.62 25.70
C MET F 136 5.70 33.42 26.26
N GLY F 137 5.52 34.74 26.47
CA GLY F 137 6.58 35.57 26.99
C GLY F 137 6.60 35.63 28.52
N PRO F 138 7.47 36.46 29.12
CA PRO F 138 7.52 36.56 30.59
C PRO F 138 6.12 37.04 30.98
N LYS F 139 5.53 36.42 32.00
CA LYS F 139 4.10 36.61 32.28
C LYS F 139 3.79 38.08 32.55
N GLU F 140 4.67 38.75 33.30
CA GLU F 140 4.43 40.11 33.69
C GLU F 140 4.47 41.03 32.46
N THR F 141 4.79 40.48 31.27
CA THR F 141 4.69 41.27 30.05
C THR F 141 3.43 40.95 29.26
N MET F 142 2.53 40.15 29.83
CA MET F 142 1.34 39.80 29.08
C MET F 142 0.38 41.00 28.89
N PRO F 143 0.09 41.45 27.64
CA PRO F 143 -0.86 42.55 27.44
C PRO F 143 -2.24 41.93 27.30
N GLU F 144 -3.25 42.79 27.51
CA GLU F 144 -4.63 42.48 27.25
C GLU F 144 -4.72 41.93 25.83
N PHE F 145 -5.56 40.90 25.65
CA PHE F 145 -5.76 40.37 24.31
C PHE F 145 -6.69 41.33 23.54
N LEU F 146 -6.18 41.94 22.47
CA LEU F 146 -7.04 42.74 21.59
C LEU F 146 -7.23 42.04 20.26
N PRO F 147 -8.35 42.30 19.55
CA PRO F 147 -8.58 41.71 18.23
C PRO F 147 -7.48 41.99 17.21
N PRO F 148 -7.14 40.97 16.39
CA PRO F 148 -6.26 41.19 15.23
C PRO F 148 -6.97 42.07 14.19
N ALA F 149 -6.18 42.74 13.35
CA ALA F 149 -6.73 43.58 12.30
C ALA F 149 -7.60 42.74 11.38
N TRP F 150 -7.37 41.41 11.38
CA TRP F 150 -8.02 40.51 10.43
C TRP F 150 -9.17 39.73 11.08
N ALA F 151 -9.43 40.02 12.35
CA ALA F 151 -10.53 39.38 13.04
C ALA F 151 -11.17 40.43 13.93
N PRO F 152 -11.79 41.51 13.37
CA PRO F 152 -12.26 42.66 14.15
C PRO F 152 -13.19 42.39 15.33
N THR F 153 -14.03 41.34 15.23
CA THR F 153 -15.09 41.14 16.21
C THR F 153 -15.79 39.80 16.01
N ALA F 154 -16.79 39.51 16.87
CA ALA F 154 -17.49 38.23 16.93
C ALA F 154 -18.35 37.94 15.68
N ASP F 155 -18.83 38.98 14.98
CA ASP F 155 -19.68 38.84 13.80
C ASP F 155 -18.89 38.60 12.50
N THR F 156 -17.55 38.59 12.55
CA THR F 156 -16.75 38.32 11.35
C THR F 156 -16.66 36.81 11.11
N ARG F 157 -17.05 36.34 9.92
CA ARG F 157 -16.61 35.04 9.47
C ARG F 157 -15.08 35.03 9.30
N VAL F 158 -14.44 34.08 9.99
CA VAL F 158 -13.04 33.79 9.78
C VAL F 158 -12.90 32.32 9.37
N SER F 159 -12.41 32.09 8.15
CA SER F 159 -12.19 30.77 7.61
C SER F 159 -10.68 30.52 7.44
N ILE F 160 -10.13 29.45 8.06
CA ILE F 160 -8.68 29.20 8.13
C ILE F 160 -8.25 27.92 7.40
N ALA F 161 -7.20 28.03 6.61
CA ALA F 161 -6.39 26.92 6.15
C ALA F 161 -5.12 26.91 6.99
N LYS F 162 -4.84 25.80 7.69
CA LYS F 162 -3.60 25.65 8.39
C LYS F 162 -2.72 24.64 7.65
N VAL F 163 -1.43 24.97 7.43
CA VAL F 163 -0.53 24.03 6.80
C VAL F 163 0.72 24.06 7.65
N LEU F 164 1.23 22.89 8.02
CA LEU F 164 2.51 22.92 8.74
C LEU F 164 3.60 22.75 7.68
N LEU F 165 4.46 23.77 7.53
CA LEU F 165 5.40 23.82 6.43
C LEU F 165 6.80 23.53 6.94
N PRO F 166 7.60 22.63 6.30
CA PRO F 166 8.93 22.33 6.85
C PRO F 166 9.90 23.38 6.32
N CYS F 167 9.58 24.68 6.50
CA CYS F 167 10.70 25.63 6.41
C CYS F 167 10.60 26.72 7.47
N ASN F 168 11.61 27.60 7.50
CA ASN F 168 11.71 28.71 8.41
C ASN F 168 10.69 29.77 8.05
N TRP F 169 10.22 30.50 9.08
CA TRP F 169 9.06 31.38 8.94
C TRP F 169 9.30 32.54 7.98
N ALA F 170 10.55 32.99 7.84
CA ALA F 170 10.75 34.32 7.30
C ALA F 170 10.61 34.26 5.78
N GLN F 171 11.02 33.13 5.16
CA GLN F 171 10.86 32.95 3.72
C GLN F 171 9.38 32.84 3.39
N ILE F 172 8.61 32.28 4.31
CA ILE F 172 7.16 32.23 4.11
C ILE F 172 6.56 33.65 4.20
N LEU F 173 6.85 34.38 5.28
CA LEU F 173 6.35 35.74 5.42
C LEU F 173 6.70 36.54 4.15
N GLU F 174 7.95 36.41 3.67
CA GLU F 174 8.42 37.22 2.56
C GLU F 174 7.55 36.97 1.31
N GLY F 175 7.03 35.74 1.21
CA GLY F 175 6.23 35.37 0.04
C GLY F 175 4.89 36.10 0.08
N ALA F 176 4.48 36.58 1.26
CA ALA F 176 3.26 37.38 1.42
C ALA F 176 3.48 38.86 1.17
N ILE F 177 4.73 39.35 1.06
CA ILE F 177 4.87 40.79 0.83
C ILE F 177 5.61 40.99 -0.49
N ASP F 178 5.14 40.31 -1.52
CA ASP F 178 5.99 40.11 -2.70
C ASP F 178 5.11 40.25 -3.93
N SER F 179 4.41 41.39 -4.06
CA SER F 179 3.29 41.59 -4.97
C SER F 179 3.57 41.06 -6.39
N ALA F 180 4.77 41.32 -6.91
CA ALA F 180 5.14 40.91 -8.26
C ALA F 180 4.99 39.40 -8.56
N HIS F 181 5.10 38.53 -7.54
CA HIS F 181 5.15 37.09 -7.80
C HIS F 181 3.81 36.54 -8.34
N SER F 182 2.70 37.21 -8.00
CA SER F 182 1.37 36.79 -8.47
C SER F 182 1.33 36.76 -10.00
N SER F 183 2.01 37.71 -10.62
CA SER F 183 2.02 37.96 -12.05
C SER F 183 2.85 36.94 -12.84
N SER F 184 3.71 36.18 -12.14
CA SER F 184 4.32 35.01 -12.76
C SER F 184 3.69 33.75 -12.18
N LEU F 185 4.11 33.41 -10.95
CA LEU F 185 3.72 32.20 -10.23
C LEU F 185 2.20 31.96 -10.31
N HIS F 186 1.38 32.98 -10.02
CA HIS F 186 -0.06 32.77 -9.90
C HIS F 186 -0.80 33.27 -11.12
N SER F 187 -0.08 33.34 -12.26
CA SER F 187 -0.65 33.89 -13.47
C SER F 187 -1.76 33.01 -14.06
N SER F 188 -1.83 31.73 -13.70
CA SER F 188 -2.92 30.93 -14.24
C SER F 188 -4.10 30.92 -13.25
N ASP F 189 -3.96 31.66 -12.14
CA ASP F 189 -4.96 31.63 -11.07
C ASP F 189 -5.62 33.01 -10.89
N MET F 190 -5.73 33.79 -11.97
CA MET F 190 -6.36 35.11 -11.91
C MET F 190 -7.87 34.96 -12.13
N ARG F 207 -8.80 40.57 -11.99
CA ARG F 207 -8.01 41.80 -11.69
C ARG F 207 -7.93 42.73 -12.91
N PRO F 208 -7.86 44.08 -12.70
CA PRO F 208 -7.84 45.05 -13.81
C PRO F 208 -6.45 45.58 -14.22
N SER F 209 -5.51 44.65 -14.47
CA SER F 209 -4.17 44.95 -14.96
C SER F 209 -3.51 43.69 -15.56
N THR F 210 -2.68 43.88 -16.60
CA THR F 210 -1.84 42.80 -17.08
C THR F 210 -0.38 43.13 -16.76
N ASP F 211 -0.19 44.14 -15.90
CA ASP F 211 1.12 44.66 -15.53
C ASP F 211 1.82 43.67 -14.59
N LYS F 212 2.96 43.13 -15.07
CA LYS F 212 3.73 42.17 -14.28
C LYS F 212 4.81 42.88 -13.45
N ALA F 213 5.08 44.17 -13.75
CA ALA F 213 6.20 44.83 -13.08
C ALA F 213 5.76 46.02 -12.23
N PRO F 214 5.08 45.78 -11.08
CA PRO F 214 4.58 46.89 -10.24
C PRO F 214 5.72 47.75 -9.66
N ARG F 215 5.52 49.06 -9.61
CA ARG F 215 6.50 49.87 -8.92
C ARG F 215 6.12 49.93 -7.43
N MET F 216 7.10 49.83 -6.54
CA MET F 216 6.87 49.54 -5.14
C MET F 216 7.10 50.81 -4.29
N GLN F 217 6.28 51.04 -3.24
CA GLN F 217 6.63 52.02 -2.23
C GLN F 217 6.20 51.52 -0.87
N VAL F 218 6.98 51.87 0.17
CA VAL F 218 6.73 51.45 1.55
C VAL F 218 6.46 52.66 2.44
N GLN F 219 5.61 52.49 3.46
CA GLN F 219 5.47 53.43 4.55
C GLN F 219 5.62 52.73 5.90
N ARG F 220 6.73 53.00 6.60
CA ARG F 220 7.06 52.41 7.89
C ARG F 220 5.99 52.83 8.90
N THR F 221 5.74 52.01 9.93
CA THR F 221 4.77 52.31 10.98
C THR F 221 5.32 51.75 12.28
N GLY F 222 4.58 52.01 13.36
CA GLY F 222 4.96 51.55 14.68
C GLY F 222 4.82 50.03 14.83
N TYR F 223 4.03 49.37 13.95
CA TYR F 223 3.70 47.97 14.10
C TYR F 223 4.25 47.11 12.95
N GLY F 224 5.05 47.74 12.08
CA GLY F 224 5.48 47.12 10.85
C GLY F 224 5.54 48.16 9.75
N PHE F 225 4.86 47.89 8.63
CA PHE F 225 4.84 48.83 7.51
C PHE F 225 3.70 48.42 6.59
N ARG F 226 3.31 49.39 5.76
CA ARG F 226 2.36 49.21 4.67
C ARG F 226 3.15 49.40 3.39
N TYR F 227 2.79 48.69 2.33
CA TYR F 227 3.43 48.96 1.06
C TYR F 227 2.39 48.94 -0.03
N ALA F 228 2.68 49.61 -1.14
CA ALA F 228 1.76 49.62 -2.25
C ALA F 228 2.57 49.19 -3.47
N ALA F 229 1.99 48.27 -4.25
CA ALA F 229 2.43 47.95 -5.59
C ALA F 229 1.52 48.71 -6.52
N LEU F 230 2.09 49.49 -7.43
CA LEU F 230 1.27 50.24 -8.37
C LEU F 230 1.53 49.66 -9.76
N ARG F 231 0.44 49.25 -10.42
CA ARG F 231 0.49 48.70 -11.76
C ARG F 231 -0.31 49.64 -12.68
N ARG F 232 0.12 49.73 -13.95
CA ARG F 232 -0.70 50.37 -14.97
C ARG F 232 -1.97 49.54 -15.12
N PRO F 233 -3.15 50.16 -14.86
CA PRO F 233 -4.46 49.51 -15.04
C PRO F 233 -4.76 49.34 -16.52
N LEU F 234 -5.72 48.45 -16.82
CA LEU F 234 -6.09 48.11 -18.18
C LEU F 234 -6.68 49.35 -18.87
N SER F 235 -7.45 50.17 -18.17
CA SER F 235 -7.90 51.37 -18.84
C SER F 235 -7.49 52.61 -18.08
N ASN F 236 -7.27 53.69 -18.83
CA ASN F 236 -6.92 54.99 -18.25
C ASN F 236 -5.63 54.86 -17.44
N ALA F 237 -4.63 54.19 -18.04
CA ALA F 237 -3.31 54.06 -17.43
C ALA F 237 -2.64 55.44 -17.35
N ALA F 238 -3.16 56.40 -18.13
CA ALA F 238 -2.60 57.75 -18.23
C ALA F 238 -2.75 58.50 -16.90
N GLU F 239 -3.91 58.38 -16.26
CA GLU F 239 -4.18 59.23 -15.10
C GLU F 239 -4.37 58.41 -13.82
N ASN F 240 -4.47 57.07 -13.93
CA ASN F 240 -4.80 56.25 -12.76
C ASN F 240 -3.74 55.19 -12.50
N ASP F 241 -3.61 54.78 -11.22
CA ASP F 241 -2.89 53.57 -10.83
C ASP F 241 -3.82 52.52 -10.27
N TYR F 242 -3.51 51.24 -10.55
CA TYR F 242 -4.09 50.13 -9.82
C TYR F 242 -3.19 49.87 -8.60
N VAL F 243 -3.68 50.26 -7.42
CA VAL F 243 -2.93 50.21 -6.16
C VAL F 243 -3.36 48.98 -5.36
N ARG F 244 -2.42 48.07 -5.13
CA ARG F 244 -2.61 46.98 -4.18
C ARG F 244 -1.73 47.26 -2.96
N SER F 245 -2.34 47.46 -1.79
CA SER F 245 -1.57 47.74 -0.59
C SER F 245 -1.58 46.52 0.31
N THR F 246 -0.41 46.06 0.78
CA THR F 246 -0.29 44.99 1.76
C THR F 246 0.24 45.58 3.07
N VAL F 247 -0.23 45.05 4.18
CA VAL F 247 0.25 45.54 5.46
C VAL F 247 1.07 44.40 6.06
N PHE F 248 2.30 44.73 6.42
CA PHE F 248 3.10 43.86 7.25
C PHE F 248 2.83 44.20 8.72
N VAL F 249 2.36 43.23 9.52
CA VAL F 249 2.17 43.41 10.95
C VAL F 249 3.18 42.53 11.68
N ALA F 250 4.27 43.14 12.13
CA ALA F 250 5.37 42.42 12.73
C ALA F 250 4.81 41.57 13.88
N PRO F 251 5.43 40.43 14.24
CA PRO F 251 6.60 39.92 13.54
C PRO F 251 6.30 39.24 12.20
N ALA F 252 5.10 38.69 11.99
CA ALA F 252 4.98 37.63 10.98
C ALA F 252 3.56 37.45 10.43
N THR F 253 2.84 38.56 10.24
CA THR F 253 1.49 38.64 9.73
C THR F 253 1.51 39.57 8.52
N ALA F 254 0.85 39.16 7.43
CA ALA F 254 0.62 39.99 6.26
C ALA F 254 -0.88 40.08 6.02
N LEU F 255 -1.37 41.32 5.97
CA LEU F 255 -2.70 41.59 5.47
C LEU F 255 -2.52 41.81 3.99
N ILE F 256 -3.06 40.88 3.23
CA ILE F 256 -2.82 40.76 1.82
C ILE F 256 -3.96 41.49 1.14
N PRO F 257 -3.84 42.02 -0.09
CA PRO F 257 -4.92 42.85 -0.64
C PRO F 257 -6.19 42.02 -0.71
N PRO F 258 -7.37 42.56 -0.37
CA PRO F 258 -8.61 41.77 -0.37
C PRO F 258 -9.03 41.56 -1.83
N ASN F 259 -10.10 40.77 -2.08
CA ASN F 259 -10.84 40.78 -3.34
C ASN F 259 -12.08 41.68 -3.17
N ASN F 260 -13.07 41.55 -4.06
CA ASN F 260 -14.24 42.42 -3.99
C ASN F 260 -15.24 41.98 -2.93
N LEU F 261 -15.05 40.76 -2.37
CA LEU F 261 -16.05 40.16 -1.50
C LEU F 261 -15.54 40.01 -0.08
N TYR F 262 -14.24 39.70 0.10
CA TYR F 262 -13.78 39.38 1.45
C TYR F 262 -12.28 39.66 1.53
N ASN F 263 -11.75 39.61 2.77
CA ASN F 263 -10.38 39.99 3.11
C ASN F 263 -9.58 38.69 3.23
N VAL F 264 -8.26 38.84 3.04
CA VAL F 264 -7.32 37.74 3.07
C VAL F 264 -6.15 38.12 3.96
N ALA F 265 -5.87 37.25 4.93
CA ALA F 265 -4.72 37.49 5.79
C ALA F 265 -3.88 36.21 5.93
N ASN F 266 -2.63 36.40 6.37
CA ASN F 266 -1.65 35.33 6.57
C ASN F 266 -1.01 35.57 7.92
N ILE F 267 -1.11 34.59 8.83
CA ILE F 267 -0.24 34.68 9.99
C ILE F 267 0.65 33.43 10.09
N ASN F 268 1.95 33.62 10.37
CA ASN F 268 2.90 32.54 10.39
C ASN F 268 3.46 32.41 11.80
N VAL F 269 3.47 31.18 12.33
CA VAL F 269 4.01 30.94 13.66
C VAL F 269 5.18 29.96 13.54
N PRO F 270 6.39 30.36 13.97
CA PRO F 270 7.51 29.44 13.96
C PRO F 270 7.26 28.28 14.93
N MET F 271 7.30 27.06 14.38
CA MET F 271 7.22 25.92 15.29
C MET F 271 8.58 25.72 15.91
N ASP F 272 9.61 25.98 15.10
CA ASP F 272 11.02 25.91 15.49
C ASP F 272 11.80 26.56 14.35
N ASP F 273 13.13 26.31 14.26
CA ASP F 273 13.93 27.07 13.34
C ASP F 273 13.63 26.66 11.91
N THR F 274 13.12 25.44 11.71
CA THR F 274 13.00 25.01 10.33
C THR F 274 11.59 24.56 9.95
N ASN F 275 10.58 24.95 10.74
CA ASN F 275 9.21 24.53 10.50
C ASN F 275 8.31 25.66 10.97
N THR F 276 7.18 25.82 10.27
CA THR F 276 6.32 26.95 10.52
C THR F 276 4.88 26.47 10.43
N ALA F 277 4.04 26.96 11.36
CA ALA F 277 2.60 26.82 11.20
C ALA F 277 2.08 27.99 10.36
N PHE F 278 1.62 27.70 9.15
CA PHE F 278 1.09 28.72 8.27
C PHE F 278 -0.43 28.75 8.36
N TYR F 279 -1.03 29.91 8.65
CA TYR F 279 -2.48 30.10 8.67
C TYR F 279 -2.85 31.11 7.58
N PHE F 280 -3.73 30.67 6.67
CA PHE F 280 -4.14 31.43 5.49
C PHE F 280 -5.66 31.65 5.62
N ILE F 281 -6.03 32.93 5.81
CA ILE F 281 -7.31 33.33 6.39
C ILE F 281 -8.16 34.15 5.41
N ALA F 282 -9.41 33.66 5.16
CA ALA F 282 -10.47 34.41 4.50
C ALA F 282 -11.39 34.94 5.59
N TRP F 283 -11.62 36.26 5.59
CA TRP F 283 -12.45 36.85 6.62
C TRP F 283 -13.25 37.99 6.01
N GLY F 284 -14.45 38.16 6.56
CA GLY F 284 -15.36 39.21 6.18
C GLY F 284 -16.77 38.95 6.72
N HIS F 285 -17.73 39.58 6.05
CA HIS F 285 -19.14 39.35 6.37
C HIS F 285 -19.48 37.91 5.98
N PRO F 286 -20.16 37.14 6.87
CA PRO F 286 -20.58 35.76 6.57
C PRO F 286 -21.26 35.55 5.22
N SER F 287 -22.00 36.55 4.79
CA SER F 287 -22.73 36.35 3.56
C SER F 287 -21.78 36.44 2.38
N GLN F 288 -20.58 36.97 2.55
CA GLN F 288 -19.69 37.23 1.42
C GLN F 288 -18.40 36.42 1.51
N THR F 289 -18.28 35.56 2.52
CA THR F 289 -16.99 34.96 2.80
C THR F 289 -17.13 33.46 2.77
N PRO F 290 -16.24 32.64 2.13
CA PRO F 290 -16.49 31.20 2.05
C PRO F 290 -16.37 30.63 3.46
N GLU F 291 -17.04 29.51 3.66
CA GLU F 291 -16.86 28.67 4.82
C GLU F 291 -15.53 27.91 4.76
N THR F 292 -15.15 27.30 5.88
CA THR F 292 -13.84 26.72 6.08
C THR F 292 -13.54 25.71 4.98
N GLU F 293 -14.43 24.73 4.76
CA GLU F 293 -14.14 23.65 3.81
C GLU F 293 -14.19 24.18 2.39
N THR F 294 -15.00 25.20 2.13
CA THR F 294 -15.00 25.78 0.78
C THR F 294 -13.66 26.48 0.50
N TRP F 295 -13.15 27.22 1.49
CA TRP F 295 -11.90 27.94 1.40
C TRP F 295 -10.76 26.93 1.19
N ARG F 296 -10.74 25.87 2.01
CA ARG F 296 -9.71 24.82 1.93
C ARG F 296 -9.74 24.12 0.58
N LYS F 297 -10.94 23.87 0.01
CA LYS F 297 -11.02 23.20 -1.27
C LYS F 297 -10.52 24.16 -2.35
N PHE F 298 -11.00 25.40 -2.30
CA PHE F 298 -10.45 26.38 -3.21
C PHE F 298 -8.90 26.46 -3.20
N LEU F 299 -8.26 26.37 -2.04
CA LEU F 299 -6.82 26.60 -1.93
C LEU F 299 -6.08 25.26 -2.10
N ARG F 300 -6.84 24.15 -2.19
CA ARG F 300 -6.35 22.77 -2.12
C ARG F 300 -5.53 22.56 -0.86
N GLN F 301 -6.18 22.77 0.28
CA GLN F 301 -5.56 22.58 1.60
C GLN F 301 -6.55 21.80 2.46
N THR F 302 -7.21 20.80 1.84
CA THR F 302 -8.20 19.94 2.53
C THR F 302 -7.51 18.82 3.32
N VAL F 303 -7.88 18.74 4.61
CA VAL F 303 -7.37 17.63 5.39
C VAL F 303 -7.94 16.32 4.86
N GLY F 304 -7.05 15.36 4.58
CA GLY F 304 -7.53 14.08 4.10
C GLY F 304 -7.38 13.98 2.59
N VAL F 305 -7.23 15.12 1.89
CA VAL F 305 -7.07 15.17 0.44
C VAL F 305 -5.69 15.75 0.10
N ASP F 306 -5.45 17.04 0.48
CA ASP F 306 -4.15 17.68 0.26
C ASP F 306 -3.19 17.50 1.45
N LEU F 307 -3.74 17.36 2.68
CA LEU F 307 -2.95 17.38 3.89
C LEU F 307 -3.26 16.08 4.63
N ASP F 308 -2.32 15.67 5.49
CA ASP F 308 -2.59 14.55 6.37
C ASP F 308 -3.37 15.12 7.54
N GLN F 309 -3.66 14.25 8.52
CA GLN F 309 -4.46 14.56 9.69
C GLN F 309 -3.75 15.60 10.56
N ASN F 310 -2.41 15.73 10.41
CA ASN F 310 -1.65 16.75 11.14
C ASN F 310 -1.50 18.04 10.33
N TYR F 311 -2.21 18.15 9.18
CA TYR F 311 -2.15 19.37 8.37
C TYR F 311 -0.75 19.51 7.74
N ARG F 312 -0.04 18.39 7.57
CA ARG F 312 1.19 18.40 6.79
C ARG F 312 0.87 18.12 5.32
N PRO F 313 1.46 18.87 4.37
CA PRO F 313 1.17 18.69 2.95
C PRO F 313 1.59 17.32 2.43
N LEU F 314 0.72 16.71 1.62
CA LEU F 314 1.14 15.49 0.93
C LEU F 314 1.97 15.86 -0.27
N ARG F 315 1.82 17.07 -0.80
CA ARG F 315 2.70 17.54 -1.87
C ARG F 315 4.10 17.77 -1.27
N ASN F 316 5.17 17.33 -1.96
CA ASN F 316 6.50 17.52 -1.40
C ASN F 316 7.53 17.47 -2.51
N GLU F 317 8.84 17.57 -2.14
CA GLU F 317 9.88 17.61 -3.17
C GLU F 317 9.99 16.30 -3.92
N ALA F 318 9.92 15.20 -3.16
CA ALA F 318 9.93 13.87 -3.76
C ALA F 318 8.85 13.71 -4.84
N ASN F 319 7.62 14.21 -4.63
CA ASN F 319 6.61 14.04 -5.69
C ASN F 319 6.52 15.33 -6.52
N LYS F 320 7.42 16.28 -6.24
CA LYS F 320 7.48 17.52 -7.03
C LYS F 320 6.19 18.32 -6.90
N PHE F 321 5.64 18.33 -5.69
CA PHE F 321 4.41 19.05 -5.41
C PHE F 321 3.30 18.63 -6.41
N TRP F 322 3.37 17.39 -6.94
CA TRP F 322 2.41 16.91 -7.93
C TRP F 322 2.41 17.78 -9.20
N GLN F 323 3.52 18.44 -9.51
CA GLN F 323 3.55 19.26 -10.72
C GLN F 323 3.27 18.40 -11.96
N ASP F 324 2.35 18.85 -12.80
CA ASP F 324 1.98 18.07 -13.96
C ASP F 324 2.51 18.81 -15.18
N ARG F 325 3.51 18.19 -15.84
CA ARG F 325 4.20 18.84 -16.95
C ARG F 325 3.29 18.93 -18.18
N ASN F 326 2.36 17.97 -18.31
CA ASN F 326 1.43 18.06 -19.42
C ASN F 326 0.51 19.26 -19.24
N ALA F 327 0.08 19.52 -18.00
CA ALA F 327 -0.72 20.72 -17.79
C ALA F 327 0.08 21.98 -18.16
N MET F 328 1.41 21.95 -17.92
CA MET F 328 2.24 23.13 -18.24
C MET F 328 2.41 23.27 -19.75
N LYS F 329 2.53 22.13 -20.42
CA LYS F 329 2.58 22.19 -21.87
C LYS F 329 1.24 22.69 -22.40
N ALA F 330 0.12 22.33 -21.76
CA ALA F 330 -1.18 22.80 -22.20
C ALA F 330 -1.42 24.28 -21.84
N GLY F 331 -0.49 24.94 -21.13
CA GLY F 331 -0.73 26.37 -20.97
C GLY F 331 -0.90 26.77 -19.51
N ASN F 332 -0.99 25.82 -18.58
CA ASN F 332 -1.10 26.15 -17.18
C ASN F 332 0.28 26.58 -16.69
N PHE F 333 0.37 27.69 -15.92
CA PHE F 333 1.71 28.24 -15.72
C PHE F 333 2.61 27.32 -14.87
N THR F 334 2.11 26.86 -13.73
CA THR F 334 2.95 26.09 -12.83
C THR F 334 2.67 24.59 -12.86
N GLY F 335 1.54 24.19 -13.47
CA GLY F 335 1.19 22.77 -13.42
C GLY F 335 1.01 22.31 -11.97
N ILE F 336 0.88 23.25 -11.01
CA ILE F 336 0.61 22.89 -9.62
C ILE F 336 -0.76 23.45 -9.22
N THR F 337 -1.55 22.66 -8.46
CA THR F 337 -2.93 23.02 -8.18
C THR F 337 -3.07 23.59 -6.77
N GLY F 338 -3.82 24.69 -6.66
CA GLY F 338 -3.98 25.44 -5.42
C GLY F 338 -2.91 26.54 -5.37
N PHE F 339 -3.30 27.84 -5.32
CA PHE F 339 -2.27 28.87 -5.43
C PHE F 339 -1.28 28.73 -4.26
N PRO F 340 -1.70 28.49 -2.99
CA PRO F 340 -0.70 28.38 -1.90
C PRO F 340 0.26 27.22 -2.14
N ASN F 341 -0.14 26.19 -2.92
CA ASN F 341 0.77 25.09 -3.17
C ASN F 341 1.82 25.57 -4.16
N GLN F 342 1.47 26.53 -5.03
CA GLN F 342 2.51 27.05 -5.91
C GLN F 342 3.54 27.86 -5.12
N ASP F 343 3.06 28.69 -4.18
CA ASP F 343 3.93 29.36 -3.19
C ASP F 343 4.79 28.37 -2.41
N VAL F 344 4.16 27.26 -1.94
CA VAL F 344 4.89 26.35 -1.08
C VAL F 344 6.07 25.72 -1.85
N ALA F 345 5.83 25.31 -3.11
CA ALA F 345 6.86 24.72 -3.93
C ALA F 345 8.06 25.67 -3.98
N MET F 346 7.82 26.98 -4.08
CA MET F 346 8.93 27.89 -4.21
C MET F 346 9.57 27.98 -2.84
N TRP F 347 8.77 28.12 -1.78
CA TRP F 347 9.44 28.38 -0.51
C TRP F 347 10.30 27.19 -0.07
N LEU F 348 9.77 25.98 -0.29
CA LEU F 348 10.44 24.85 0.34
C LEU F 348 11.74 24.51 -0.43
N THR F 349 11.78 24.79 -1.74
CA THR F 349 12.94 24.41 -2.52
C THR F 349 14.11 25.38 -2.26
N MET F 350 13.85 26.51 -1.56
CA MET F 350 14.91 27.39 -1.08
C MET F 350 15.61 26.75 0.11
N GLY F 351 15.06 25.64 0.62
CA GLY F 351 15.80 24.93 1.65
C GLY F 351 15.21 25.32 2.98
N PRO F 352 15.50 24.60 4.10
CA PRO F 352 14.79 24.82 5.36
C PRO F 352 14.96 26.23 5.93
N ILE F 353 16.15 26.81 5.79
CA ILE F 353 16.33 28.23 6.05
C ILE F 353 16.92 28.89 4.81
N ALA F 354 16.09 29.67 4.07
CA ALA F 354 16.57 30.30 2.85
C ALA F 354 17.88 31.02 3.15
N ASP F 355 18.86 30.83 2.27
CA ASP F 355 20.14 31.53 2.46
C ASP F 355 20.07 32.90 1.79
N ARG F 356 19.74 33.98 2.53
CA ARG F 356 19.59 35.32 1.94
C ARG F 356 20.95 35.93 1.55
N THR F 357 22.02 35.32 2.02
CA THR F 357 23.39 35.70 1.74
C THR F 357 23.62 35.52 0.25
N HIS F 358 22.73 34.75 -0.39
CA HIS F 358 22.87 34.43 -1.81
C HIS F 358 21.79 35.01 -2.72
N ASP F 359 20.91 35.84 -2.15
CA ASP F 359 19.87 36.47 -2.94
C ASP F 359 20.51 37.40 -3.98
N ARG F 360 19.83 37.64 -5.10
CA ARG F 360 20.11 38.79 -5.94
C ARG F 360 18.81 39.54 -6.13
N LEU F 361 18.53 40.49 -5.21
CA LEU F 361 17.23 41.16 -5.13
C LEU F 361 17.16 42.23 -6.22
N GLY F 362 15.95 42.73 -6.52
CA GLY F 362 15.76 43.82 -7.46
C GLY F 362 14.58 44.71 -7.06
N ALA F 363 14.01 45.45 -8.02
CA ALA F 363 13.04 46.49 -7.70
C ALA F 363 11.84 45.84 -7.01
N SER F 364 11.47 44.66 -7.48
CA SER F 364 10.26 43.99 -7.05
C SER F 364 10.44 43.50 -5.60
N ASP F 365 11.68 43.46 -5.09
CA ASP F 365 11.90 43.02 -3.72
C ASP F 365 11.86 44.14 -2.66
N LEU F 366 11.36 45.33 -3.00
CA LEU F 366 11.47 46.43 -2.03
C LEU F 366 10.79 46.13 -0.67
N ALA F 367 9.56 45.59 -0.65
CA ALA F 367 8.98 45.25 0.65
C ALA F 367 9.79 44.19 1.42
N ILE F 368 10.25 43.17 0.70
CA ILE F 368 11.08 42.17 1.38
C ILE F 368 12.32 42.83 1.98
N VAL F 369 12.98 43.75 1.25
CA VAL F 369 14.14 44.46 1.82
C VAL F 369 13.72 45.24 3.07
N GLU F 370 12.57 45.92 2.98
CA GLU F 370 12.06 46.66 4.12
C GLU F 370 11.88 45.75 5.32
N PHE F 371 11.28 44.58 5.05
CA PHE F 371 11.00 43.65 6.13
C PHE F 371 12.33 43.26 6.77
N ARG F 372 13.35 42.95 5.95
CA ARG F 372 14.60 42.49 6.54
C ARG F 372 15.21 43.63 7.38
N LYS F 373 15.17 44.88 6.88
CA LYS F 373 15.76 46.00 7.57
C LYS F 373 15.02 46.17 8.89
N GLN F 374 13.69 46.24 8.84
CA GLN F 374 12.94 46.58 10.03
C GLN F 374 13.12 45.49 11.08
N MET F 375 13.11 44.21 10.66
CA MET F 375 13.09 43.15 11.67
C MET F 375 14.47 42.97 12.26
N LEU F 376 15.52 43.08 11.42
CA LEU F 376 16.86 43.03 11.97
C LEU F 376 17.06 44.20 12.93
N ASP F 377 16.51 45.38 12.58
CA ASP F 377 16.67 46.54 13.43
C ASP F 377 15.86 46.34 14.71
N ALA F 378 14.62 45.84 14.60
CA ALA F 378 13.74 45.62 15.75
C ALA F 378 14.33 44.59 16.70
N VAL F 379 15.03 43.59 16.17
CA VAL F 379 15.50 42.57 17.09
C VAL F 379 16.73 43.10 17.85
N LYS F 380 17.55 43.89 17.14
CA LYS F 380 18.75 44.47 17.74
C LYS F 380 18.32 45.42 18.87
N ALA F 381 17.38 46.31 18.53
CA ALA F 381 16.87 47.28 19.49
C ALA F 381 16.26 46.59 20.71
N PHE F 382 15.68 45.40 20.50
CA PHE F 382 14.92 44.70 21.53
C PHE F 382 15.92 44.06 22.47
N GLU F 383 16.94 43.45 21.88
CA GLU F 383 18.05 42.98 22.68
C GLU F 383 18.59 44.14 23.54
N GLN F 384 18.70 45.37 23.00
CA GLN F 384 19.29 46.47 23.77
C GLN F 384 18.30 47.00 24.83
N GLY F 385 17.05 46.49 24.85
CA GLY F 385 16.16 46.85 25.93
C GLY F 385 14.95 47.67 25.47
N ALA F 386 14.88 48.04 24.18
CA ALA F 386 13.68 48.66 23.62
C ALA F 386 12.50 47.70 23.70
N PRO F 387 11.24 48.22 23.70
CA PRO F 387 10.06 47.36 23.64
C PRO F 387 9.96 46.60 22.31
N ALA F 388 9.37 45.40 22.32
CA ALA F 388 9.33 44.60 21.12
C ALA F 388 8.41 45.30 20.12
N ILE F 389 8.83 45.34 18.84
CA ILE F 389 8.11 46.08 17.79
C ILE F 389 6.63 45.68 17.82
N GLY F 390 5.73 46.67 17.66
CA GLY F 390 4.31 46.43 17.51
C GLY F 390 3.61 46.12 18.83
N THR F 391 4.29 46.33 19.96
CA THR F 391 3.63 46.10 21.26
C THR F 391 3.21 47.43 21.90
N GLY F 392 2.35 47.34 22.92
CA GLY F 392 1.86 48.48 23.66
C GLY F 392 1.10 49.44 22.73
N VAL F 393 1.50 50.72 22.81
CA VAL F 393 0.78 51.85 22.22
C VAL F 393 0.74 51.72 20.69
N GLU F 394 1.73 51.03 20.10
CA GLU F 394 2.05 51.01 18.67
C GLU F 394 1.25 49.97 17.89
N ALA F 395 0.53 49.09 18.62
CA ALA F 395 -0.12 47.91 18.09
C ALA F 395 -1.02 48.23 16.90
N ALA F 396 -0.97 47.39 15.85
CA ALA F 396 -1.91 47.45 14.74
C ALA F 396 -3.35 47.34 15.27
N THR F 397 -4.30 47.81 14.48
CA THR F 397 -5.68 47.77 14.92
C THR F 397 -6.54 47.21 13.80
N PRO F 398 -7.84 46.91 14.05
CA PRO F 398 -8.80 46.81 12.94
C PRO F 398 -8.89 47.96 11.93
N THR F 399 -8.46 49.19 12.30
CA THR F 399 -8.44 50.32 11.35
C THR F 399 -7.29 50.20 10.33
N VAL F 400 -6.24 49.44 10.67
CA VAL F 400 -5.19 49.10 9.72
C VAL F 400 -5.76 48.01 8.80
N CYS F 401 -5.78 48.27 7.47
CA CYS F 401 -6.23 47.25 6.54
C CYS F 401 -5.46 47.37 5.22
N SER F 402 -5.31 46.22 4.54
CA SER F 402 -4.89 46.14 3.15
C SER F 402 -6.05 46.59 2.27
N PHE F 403 -5.75 46.90 1.00
CA PHE F 403 -6.79 47.40 0.15
C PHE F 403 -6.33 47.24 -1.29
N GLN F 404 -7.29 47.22 -2.20
CA GLN F 404 -6.96 47.28 -3.62
C GLN F 404 -7.92 48.28 -4.25
N ALA F 405 -7.45 49.09 -5.20
CA ALA F 405 -8.26 50.19 -5.73
C ALA F 405 -7.53 50.86 -6.90
N ILE F 406 -8.34 51.23 -7.89
CA ILE F 406 -7.95 52.15 -8.93
C ILE F 406 -7.89 53.53 -8.27
N VAL F 407 -6.71 54.16 -8.34
CA VAL F 407 -6.41 55.38 -7.59
C VAL F 407 -5.81 56.41 -8.56
N PRO F 408 -6.25 57.69 -8.52
CA PRO F 408 -5.71 58.72 -9.41
C PRO F 408 -4.22 58.97 -9.14
N LYS F 409 -3.44 59.14 -10.21
CA LYS F 409 -1.99 59.38 -10.12
C LYS F 409 -1.69 60.62 -9.26
N THR F 410 -2.71 61.44 -8.98
CA THR F 410 -2.50 62.65 -8.19
C THR F 410 -2.93 62.47 -6.73
N THR F 411 -3.33 61.22 -6.37
CA THR F 411 -3.69 60.88 -5.00
C THR F 411 -2.56 60.03 -4.41
N ASP F 412 -1.97 60.48 -3.30
CA ASP F 412 -0.93 59.70 -2.65
C ASP F 412 -1.63 58.50 -1.99
N TRP F 413 -1.23 57.28 -2.38
CA TRP F 413 -1.82 56.03 -1.89
C TRP F 413 -1.82 55.99 -0.35
N ARG F 414 -0.80 56.62 0.28
CA ARG F 414 -0.63 56.58 1.72
C ARG F 414 -1.80 57.32 2.38
N THR F 415 -2.51 58.10 1.54
CA THR F 415 -3.56 59.02 1.90
C THR F 415 -4.95 58.38 1.74
N TYR F 416 -5.11 57.42 0.82
CA TYR F 416 -6.34 56.69 0.55
C TYR F 416 -6.94 56.13 1.85
N ASP F 417 -8.19 56.52 2.14
CA ASP F 417 -8.89 56.16 3.36
C ASP F 417 -9.57 54.80 3.16
N ALA F 418 -8.83 53.71 3.33
CA ALA F 418 -9.33 52.35 3.08
C ALA F 418 -9.97 51.78 4.33
N HIS F 419 -10.99 50.95 4.14
CA HIS F 419 -11.54 50.11 5.19
C HIS F 419 -11.50 48.68 4.68
N TYR F 420 -11.52 47.71 5.62
CA TYR F 420 -11.59 46.30 5.23
C TYR F 420 -12.94 45.99 4.60
N VAL F 421 -12.93 45.19 3.55
CA VAL F 421 -14.12 44.72 2.83
C VAL F 421 -15.19 44.19 3.81
N TRP F 422 -16.45 44.57 3.55
CA TRP F 422 -17.56 44.21 4.40
C TRP F 422 -18.75 43.82 3.55
N LEU F 423 -19.74 44.71 3.39
CA LEU F 423 -20.92 44.42 2.59
C LEU F 423 -21.04 45.49 1.51
N ASP F 424 -21.34 45.09 0.27
CA ASP F 424 -21.80 46.01 -0.76
C ASP F 424 -20.69 46.89 -1.33
N GLY F 425 -19.54 46.94 -0.65
CA GLY F 425 -18.40 47.75 -1.08
C GLY F 425 -18.64 49.23 -0.85
#